data_9AYS
#
_entry.id   9AYS
#
_cell.length_a   1.00
_cell.length_b   1.00
_cell.length_c   1.00
_cell.angle_alpha   90.00
_cell.angle_beta   90.00
_cell.angle_gamma   90.00
#
_symmetry.space_group_name_H-M   'P 1'
#
loop_
_entity.id
_entity.type
_entity.pdbx_description
1 polymer 'NHP gp120-Interface Epitope pAb - Predicted Heavy Chain'
2 polymer 'NHP gp120-Interface Epitope pAb - Predicted Light Chain'
3 polymer 'Surface protein gp120'
4 polymer 'Transmembrane protein gp41'
5 polymer 'NHP V5 Epitope pAb - Predicted Light Chain'
6 polymer 'NHP V5 Epitope pAb - Predicted Heavy Chain'
7 polymer 'NHP Anti-Immune Complex pAb - Predicted Heavy Chain'
8 polymer 'NHP Anti-Immune Complex pAb - Predicted Light Chain'
9 branched beta-D-mannopyranose-(1-4)-2-acetamido-2-deoxy-beta-D-glucopyranose-(1-4)-2-acetamido-2-deoxy-beta-D-glucopyranose
10 branched 2-acetamido-2-deoxy-beta-D-glucopyranose-(1-4)-2-acetamido-2-deoxy-beta-D-glucopyranose
11 branched 2-acetamido-2-deoxy-beta-D-glucopyranose-(1-6)-2-acetamido-2-deoxy-beta-D-glucopyranose
12 branched alpha-D-mannopyranose-(1-3)-[alpha-D-mannopyranose-(1-4)][alpha-D-mannopyranose-(1-6)]beta-D-mannopyranose-(1-4)-2-acetamido-2-deoxy-beta-D-glucopyranose-(1-4)-2-acetamido-2-deoxy-beta-D-glucopyranose
13 branched alpha-D-mannopyranose-(1-3)-[alpha-D-mannopyranose-(1-6)]beta-D-mannopyranose-(1-4)-2-acetamido-2-deoxy-beta-D-glucopyranose-(1-4)-2-acetamido-2-deoxy-beta-D-glucopyranose
14 branched 2-acetamido-2-deoxy-beta-D-glucopyranose-(1-3)-2-acetamido-2-deoxy-beta-D-glucopyranose-(1-4)-2-acetamido-2-deoxy-beta-D-glucopyranose
15 non-polymer 2-acetamido-2-deoxy-beta-D-glucopyranose
#
loop_
_entity_poly.entity_id
_entity_poly.type
_entity_poly.pdbx_seq_one_letter_code
_entity_poly.pdbx_strand_id
1 'polypeptide(L)'
;(UNK)(UNK)(UNK)(UNK)(UNK)(UNK)(UNK)(UNK)(UNK)(UNK)(UNK)(UNK)(UNK)(UNK)(UNK)(UNK)
(UNK)(UNK)(UNK)(UNK)(UNK)(UNK)(UNK)(UNK)(UNK)(UNK)(UNK)(UNK)(UNK)(UNK)(UNK)(UNK)
(UNK)(UNK)(UNK)(UNK)(UNK)(UNK)(UNK)(UNK)(UNK)(UNK)(UNK)(UNK)(UNK)(UNK)(UNK)(UNK)
(UNK)(UNK)(UNK)(UNK)(UNK)(UNK)(UNK)(UNK)(UNK)(UNK)(UNK)(UNK)(UNK)(UNK)(UNK)(UNK)
(UNK)(UNK)(UNK)(UNK)(UNK)(UNK)(UNK)(UNK)(UNK)(UNK)(UNK)(UNK)(UNK)(UNK)(UNK)(UNK)
(UNK)(UNK)(UNK)(UNK)(UNK)(UNK)(UNK)(UNK)(UNK)(UNK)(UNK)(UNK)(UNK)(UNK)(UNK)(UNK)
(UNK)(UNK)(UNK)(UNK)(UNK)(UNK)(UNK)(UNK)(UNK)(UNK)(UNK)(UNK)(UNK)(UNK)(UNK)(UNK)
(UNK)(UNK)(UNK)(UNK)(UNK)(UNK)(UNK)(UNK)(UNK)
;
H
2 'polypeptide(L)'
;(UNK)(UNK)(UNK)(UNK)(UNK)(UNK)(UNK)(UNK)(UNK)(UNK)(UNK)(UNK)(UNK)(UNK)(UNK)(UNK)
(UNK)(UNK)(UNK)(UNK)(UNK)(UNK)(UNK)(UNK)(UNK)(UNK)(UNK)(UNK)(UNK)(UNK)(UNK)(UNK)
(UNK)(UNK)(UNK)(UNK)(UNK)(UNK)(UNK)(UNK)(UNK)(UNK)(UNK)(UNK)(UNK)(UNK)(UNK)(UNK)
(UNK)(UNK)(UNK)(UNK)(UNK)(UNK)(UNK)(UNK)(UNK)(UNK)(UNK)(UNK)(UNK)(UNK)(UNK)(UNK)
(UNK)(UNK)(UNK)(UNK)(UNK)(UNK)(UNK)(UNK)(UNK)(UNK)(UNK)(UNK)(UNK)(UNK)(UNK)(UNK)
(UNK)(UNK)(UNK)(UNK)(UNK)(UNK)(UNK)(UNK)(UNK)(UNK)(UNK)(UNK)(UNK)(UNK)(UNK)(UNK)
(UNK)(UNK)(UNK)(UNK)(UNK)
;
L
3 'polypeptide(L)'
;MDAMKRGLCCVLLLCGAVFVSPSQEIHARFRRGARAENLWVTVYYGVPVWKDAETTLFCASDAKAYETKKHNVWATHCCV
PTDPNPQEIHLENVTEEFNMWKNNMVEQMHTDIISLWDQSLKPCVKLTPLCVTLQCTNVTNNITDDMRGELKNCSFNMTT
ELRDKKQKVYSLFYRLDVVQINENQGNRSNNSNKEYRLINCNTSAITQACPKVSFEPIPIHYCAPAGFAILKCKDKKFNG
TGPCTNVSTVQCTHGIKPVVSTQLLLNGSLAEEEVIIRSENITNNAKNILVQLNESVQINCTRPNNNTRKSIRIGPGQWF
YATGDIIGDIRQAHCNVSKATWNETLGKVVKQLRKHFGNNTIIRFANSSGGDLEVTTHSFNCGGEFFYCNTSGLFNSTWI
SNTSVQGSNSTGSNDSITLPCRIKQIINMWQRIGQAMYAPPIQGVIRCVSNITGLILTRDGGSTNSTTETFRPGGGDMRD
NWRSELYKYKVVKIEPLGVAPTRCKRRVVGRRRR
;
A,C,E
4 'polypeptide(L)'
;RRAVGIGAVFLGFLGAAGSTMGAASMTLTVQARNLLSGIVQQQSNLLRAPECQQHLLKLTVWGIKQLQARVLAVERYLRD
QQLLGIWGCSGKLICCTNVPWNSTWSNRNLSEIWDNMTWLQWDKEISNYTQIIYGLLEESQNQQEKNEQDLLALD
;
B,D,F
5 'polypeptide(L)'
;(UNK)(UNK)(UNK)(UNK)(UNK)(UNK)(UNK)(UNK)(UNK)(UNK)(UNK)(UNK)(UNK)(UNK)(UNK)(UNK)
(UNK)(UNK)(UNK)(UNK)(UNK)(UNK)(UNK)(UNK)(UNK)(UNK)(UNK)(UNK)(UNK)(UNK)(UNK)(UNK)
(UNK)(UNK)(UNK)(UNK)(UNK)(UNK)(UNK)(UNK)(UNK)(UNK)(UNK)(UNK)(UNK)(UNK)(UNK)(UNK)
(UNK)(UNK)(UNK)(UNK)(UNK)(UNK)(UNK)(UNK)(UNK)(UNK)(UNK)(UNK)(UNK)(UNK)(UNK)(UNK)
(UNK)(UNK)(UNK)(UNK)(UNK)(UNK)(UNK)(UNK)(UNK)(UNK)(UNK)(UNK)(UNK)(UNK)(UNK)(UNK)
(UNK)(UNK)(UNK)(UNK)(UNK)(UNK)(UNK)(UNK)(UNK)(UNK)(UNK)(UNK)(UNK)(UNK)(UNK)(UNK)
(UNK)(UNK)(UNK)(UNK)(UNK)(UNK)
;
G
6 'polypeptide(L)'
;(UNK)(UNK)(UNK)(UNK)(UNK)(UNK)(UNK)(UNK)(UNK)(UNK)(UNK)(UNK)(UNK)(UNK)(UNK)(UNK)
(UNK)(UNK)(UNK)(UNK)(UNK)(UNK)(UNK)(UNK)(UNK)(UNK)(UNK)(UNK)(UNK)(UNK)(UNK)(UNK)
(UNK)(UNK)(UNK)(UNK)(UNK)(UNK)(UNK)(UNK)(UNK)(UNK)(UNK)(UNK)(UNK)(UNK)(UNK)(UNK)
(UNK)(UNK)(UNK)(UNK)(UNK)(UNK)(UNK)(UNK)(UNK)(UNK)(UNK)(UNK)(UNK)(UNK)(UNK)(UNK)
(UNK)(UNK)(UNK)(UNK)(UNK)(UNK)(UNK)(UNK)(UNK)(UNK)(UNK)(UNK)(UNK)(UNK)(UNK)(UNK)
(UNK)(UNK)(UNK)(UNK)(UNK)(UNK)(UNK)(UNK)(UNK)(UNK)(UNK)(UNK)(UNK)(UNK)(UNK)(UNK)
(UNK)(UNK)(UNK)(UNK)(UNK)(UNK)(UNK)(UNK)(UNK)(UNK)(UNK)(UNK)(UNK)(UNK)(UNK)(UNK)
(UNK)(UNK)(UNK)
;
I
7 'polypeptide(L)'
;(UNK)(UNK)(UNK)(UNK)(UNK)(UNK)(UNK)(UNK)(UNK)(UNK)(UNK)(UNK)(UNK)(UNK)(UNK)(UNK)
(UNK)(UNK)(UNK)(UNK)(UNK)(UNK)(UNK)(UNK)(UNK)(UNK)(UNK)(UNK)(UNK)(UNK)(UNK)(UNK)
(UNK)(UNK)(UNK)(UNK)(UNK)(UNK)(UNK)(UNK)(UNK)(UNK)(UNK)(UNK)(UNK)(UNK)(UNK)(UNK)
(UNK)(UNK)(UNK)(UNK)(UNK)(UNK)(UNK)(UNK)(UNK)(UNK)(UNK)(UNK)(UNK)(UNK)(UNK)(UNK)
(UNK)(UNK)(UNK)(UNK)(UNK)(UNK)(UNK)(UNK)(UNK)(UNK)(UNK)(UNK)(UNK)(UNK)(UNK)(UNK)
(UNK)(UNK)(UNK)(UNK)(UNK)(UNK)(UNK)(UNK)(UNK)(UNK)(UNK)(UNK)(UNK)(UNK)(UNK)(UNK)
(UNK)(UNK)(UNK)(UNK)(UNK)(UNK)(UNK)(UNK)
;
J
8 'polypeptide(L)'
;(UNK)(UNK)(UNK)(UNK)(UNK)(UNK)(UNK)(UNK)(UNK)(UNK)(UNK)(UNK)(UNK)(UNK)(UNK)(UNK)
(UNK)(UNK)(UNK)(UNK)(UNK)(UNK)(UNK)(UNK)(UNK)(UNK)(UNK)(UNK)(UNK)(UNK)(UNK)(UNK)
(UNK)(UNK)(UNK)(UNK)(UNK)(UNK)(UNK)(UNK)(UNK)(UNK)(UNK)(UNK)(UNK)(UNK)(UNK)(UNK)
(UNK)(UNK)(UNK)(UNK)(UNK)(UNK)(UNK)(UNK)(UNK)(UNK)(UNK)(UNK)(UNK)(UNK)(UNK)(UNK)
(UNK)(UNK)(UNK)(UNK)(UNK)(UNK)(UNK)(UNK)(UNK)(UNK)(UNK)(UNK)(UNK)(UNK)(UNK)(UNK)
(UNK)(UNK)(UNK)(UNK)(UNK)(UNK)(UNK)(UNK)(UNK)(UNK)(UNK)(UNK)(UNK)(UNK)
;
K
#
# COMPACT_ATOMS: atom_id res chain seq x y z
N UNK A 1 -28.68 -18.50 -12.16
CA UNK A 1 -28.38 -18.67 -10.75
C UNK A 1 -29.57 -18.27 -9.90
N UNK A 2 -30.01 -19.18 -9.04
CA UNK A 2 -31.09 -18.90 -8.11
C UNK A 2 -30.84 -19.71 -6.84
N UNK A 3 -31.49 -19.28 -5.76
CA UNK A 3 -31.31 -19.96 -4.49
C UNK A 3 -32.54 -19.72 -3.63
N UNK A 4 -32.81 -20.67 -2.73
CA UNK A 4 -33.94 -20.57 -1.82
C UNK A 4 -33.60 -21.29 -0.53
N UNK A 5 -33.97 -20.67 0.59
CA UNK A 5 -33.78 -21.26 1.90
C UNK A 5 -34.99 -22.09 2.31
N UNK A 6 -34.77 -22.96 3.28
CA UNK A 6 -35.84 -23.80 3.80
C UNK A 6 -36.68 -23.03 4.82
N UNK A 7 -37.99 -23.14 4.70
CA UNK A 7 -38.90 -22.56 5.69
C UNK A 7 -38.77 -23.31 7.00
N UNK A 8 -38.73 -22.55 8.10
CA UNK A 8 -38.45 -23.12 9.42
C UNK A 8 -39.33 -22.45 10.46
N UNK A 9 -39.59 -23.19 11.54
CA UNK A 9 -40.37 -22.73 12.68
C UNK A 9 -39.63 -23.11 13.96
N UNK A 10 -38.34 -22.77 14.01
CA UNK A 10 -37.47 -23.24 15.07
C UNK A 10 -37.96 -22.80 16.44
N UNK A 11 -37.98 -23.75 17.37
CA UNK A 11 -38.51 -23.52 18.71
C UNK A 11 -37.47 -22.84 19.59
N UNK A 12 -37.91 -22.48 20.80
CA UNK A 12 -36.99 -21.88 21.77
C UNK A 12 -36.02 -22.90 22.34
N UNK A 13 -36.26 -24.20 22.15
CA UNK A 13 -35.46 -25.25 22.77
C UNK A 13 -34.28 -25.66 21.87
N UNK A 14 -33.51 -24.66 21.47
CA UNK A 14 -32.20 -24.87 20.86
C UNK A 14 -32.30 -25.61 19.53
N UNK A 15 -33.05 -25.04 18.58
CA UNK A 15 -33.17 -25.56 17.23
C UNK A 15 -32.55 -24.58 16.25
N UNK A 16 -31.90 -25.12 15.21
CA UNK A 16 -31.25 -24.27 14.21
C UNK A 16 -30.89 -25.11 12.99
N UNK A 17 -31.13 -24.55 11.81
CA UNK A 17 -30.83 -25.21 10.54
C UNK A 17 -31.09 -24.22 9.42
N UNK A 18 -30.34 -24.35 8.33
CA UNK A 18 -30.52 -23.50 7.15
C UNK A 18 -30.94 -24.31 5.93
N UNK A 19 -30.11 -25.27 5.52
CA UNK A 19 -30.43 -26.21 4.45
C UNK A 19 -30.82 -25.49 3.15
N UNK A 20 -30.10 -24.41 2.84
CA UNK A 20 -30.39 -23.63 1.65
C UNK A 20 -29.94 -24.34 0.38
N UNK A 21 -30.73 -24.20 -0.68
CA UNK A 21 -30.54 -24.93 -1.94
C UNK A 21 -30.40 -23.96 -3.10
N UNK A 22 -29.41 -24.24 -3.95
CA UNK A 22 -29.09 -23.44 -5.12
C UNK A 22 -29.48 -24.19 -6.39
N UNK A 23 -29.57 -23.44 -7.48
CA UNK A 23 -29.96 -24.00 -8.77
C UNK A 23 -29.50 -23.06 -9.87
N UNK A 24 -29.52 -23.57 -11.10
CA UNK A 24 -29.20 -22.78 -12.30
C UNK A 24 -27.79 -22.18 -12.20
N UNK A 25 -26.85 -22.97 -11.68
CA UNK A 25 -25.47 -22.52 -11.58
C UNK A 25 -24.59 -23.76 -11.42
N UNK A 26 -23.30 -23.55 -11.62
CA UNK A 26 -22.35 -24.65 -11.44
C UNK A 26 -22.23 -25.03 -9.98
N UNK A 27 -22.30 -24.05 -9.08
CA UNK A 27 -22.16 -24.24 -7.63
C UNK A 27 -20.77 -24.76 -7.24
N UNK A 28 -19.81 -24.74 -8.15
CA UNK A 28 -18.43 -25.11 -7.85
C UNK A 28 -17.53 -23.90 -7.65
N UNK A 29 -17.96 -22.72 -8.10
CA UNK A 29 -17.19 -21.49 -7.98
C UNK A 29 -18.01 -20.38 -7.33
N UNK A 30 -18.86 -20.74 -6.37
CA UNK A 30 -19.66 -19.78 -5.62
C UNK A 30 -19.22 -19.76 -4.17
N UNK A 31 -18.74 -18.60 -3.72
CA UNK A 31 -18.34 -18.40 -2.33
C UNK A 31 -19.59 -18.08 -1.53
N UNK A 32 -19.95 -18.97 -0.61
CA UNK A 32 -21.21 -18.85 0.09
C UNK A 32 -21.09 -17.96 1.32
N UNK A 33 -22.23 -17.41 1.74
CA UNK A 33 -22.32 -16.53 2.89
C UNK A 33 -23.74 -16.61 3.45
N UNK A 34 -23.88 -16.21 4.72
CA UNK A 34 -25.19 -16.23 5.36
C UNK A 34 -25.43 -14.92 6.09
N UNK A 35 -26.55 -14.26 5.79
CA UNK A 35 -26.86 -12.94 6.36
C UNK A 35 -28.31 -12.92 6.80
N UNK A 36 -28.56 -12.22 7.91
CA UNK A 36 -29.87 -12.23 8.55
C UNK A 36 -30.31 -10.82 8.92
N UNK A 37 -31.56 -10.50 8.59
CA UNK A 37 -32.21 -9.26 8.99
C UNK A 37 -33.13 -9.56 10.17
N UNK A 38 -32.78 -9.02 11.34
CA UNK A 38 -33.66 -9.12 12.48
C UNK A 38 -34.90 -8.24 12.26
N UNK A 39 -35.90 -8.45 13.12
CA UNK A 39 -37.08 -7.60 13.08
C UNK A 39 -36.69 -6.15 13.36
N UNK A 40 -37.01 -5.26 12.43
CA UNK A 40 -36.63 -3.85 12.52
C UNK A 40 -35.12 -3.69 12.62
N UNK A 41 -34.41 -4.20 11.61
CA UNK A 41 -32.96 -4.03 11.52
C UNK A 41 -32.51 -4.53 10.15
N UNK A 42 -31.53 -3.84 9.58
CA UNK A 42 -31.00 -4.22 8.28
C UNK A 42 -30.07 -5.43 8.42
N UNK A 43 -30.01 -6.22 7.35
CA UNK A 43 -29.25 -7.46 7.38
C UNK A 43 -27.76 -7.18 7.56
N UNK A 44 -27.08 -8.12 8.23
CA UNK A 44 -25.64 -8.06 8.36
C UNK A 44 -25.07 -9.48 8.34
N UNK A 45 -24.09 -9.69 7.48
CA UNK A 45 -23.56 -11.04 7.25
C UNK A 45 -22.90 -11.58 8.51
N UNK A 46 -23.41 -12.71 8.99
CA UNK A 46 -22.79 -13.36 10.12
C UNK A 46 -21.46 -13.99 9.74
N UNK A 47 -21.40 -14.64 8.58
CA UNK A 47 -20.17 -15.32 8.16
C UNK A 47 -20.21 -15.49 6.66
N UNK A 48 -19.02 -15.67 6.08
CA UNK A 48 -18.90 -15.81 4.64
C UNK A 48 -17.54 -16.43 4.33
N UNK A 49 -17.44 -17.01 3.13
CA UNK A 49 -16.14 -17.46 2.64
C UNK A 49 -15.45 -16.33 1.89
N UNK A 50 -14.22 -16.02 2.31
CA UNK A 50 -13.47 -14.90 1.72
C UNK A 50 -13.22 -15.21 0.25
N UNK A 51 -13.64 -14.28 -0.62
CA UNK A 51 -13.64 -14.56 -2.05
C UNK A 51 -12.23 -14.79 -2.57
N UNK A 52 -11.26 -14.01 -2.09
CA UNK A 52 -9.89 -14.12 -2.56
C UNK A 52 -9.04 -15.02 -1.68
N UNK A 53 -9.32 -15.07 -0.37
CA UNK A 53 -8.48 -15.81 0.56
C UNK A 53 -8.99 -17.22 0.84
N UNK A 54 -10.26 -17.51 0.57
CA UNK A 54 -10.85 -18.84 0.71
C UNK A 54 -10.86 -19.33 2.16
N UNK A 55 -10.94 -18.44 3.13
CA UNK A 55 -11.02 -18.80 4.54
C UNK A 55 -12.47 -18.98 4.96
N UNK A 56 -12.66 -19.54 6.16
CA UNK A 56 -13.99 -19.70 6.75
C UNK A 56 -14.23 -18.60 7.79
N UNK A 57 -14.26 -17.36 7.30
CA UNK A 57 -14.37 -16.22 8.18
C UNK A 57 -15.79 -16.07 8.72
N UNK A 58 -15.87 -15.76 10.02
CA UNK A 58 -17.13 -15.51 10.71
C UNK A 58 -16.91 -14.40 11.72
N UNK A 59 -17.97 -13.64 11.98
CA UNK A 59 -17.87 -12.48 12.84
C UNK A 59 -17.83 -12.90 14.31
N UNK A 60 -17.68 -11.91 15.18
CA UNK A 60 -17.73 -12.16 16.62
C UNK A 60 -19.12 -12.67 17.00
N UNK A 61 -19.14 -13.74 17.80
CA UNK A 61 -20.33 -14.44 18.25
C UNK A 61 -21.03 -15.23 17.15
N UNK A 62 -20.48 -15.27 15.93
CA UNK A 62 -20.92 -16.22 14.93
C UNK A 62 -20.23 -17.57 15.08
N UNK A 63 -19.29 -17.71 16.02
CA UNK A 63 -18.61 -18.98 16.23
C UNK A 63 -19.53 -20.05 16.83
N UNK A 64 -20.70 -19.66 17.34
CA UNK A 64 -21.65 -20.63 17.86
C UNK A 64 -22.14 -21.59 16.78
N UNK A 65 -22.16 -21.13 15.53
CA UNK A 65 -22.75 -21.88 14.42
C UNK A 65 -21.68 -22.53 13.55
N UNK A 66 -21.77 -23.85 13.42
CA UNK A 66 -21.01 -24.56 12.41
C UNK A 66 -21.65 -24.36 11.05
N UNK A 67 -20.86 -24.55 10.00
CA UNK A 67 -21.32 -24.33 8.64
C UNK A 67 -20.59 -25.29 7.70
N UNK A 68 -21.29 -25.69 6.64
CA UNK A 68 -20.71 -26.53 5.60
C UNK A 68 -21.49 -26.32 4.31
N UNK A 69 -20.88 -26.70 3.20
CA UNK A 69 -21.55 -26.54 1.90
C UNK A 69 -20.85 -27.40 0.87
N UNK A 70 -21.59 -27.71 -0.20
CA UNK A 70 -21.07 -28.55 -1.26
C UNK A 70 -21.90 -28.36 -2.53
N UNK A 71 -21.20 -28.31 -3.65
CA UNK A 71 -21.87 -28.40 -4.94
C UNK A 71 -22.60 -29.72 -5.09
N UNK A 72 -22.09 -30.77 -4.46
CA UNK A 72 -22.80 -32.05 -4.44
C UNK A 72 -24.15 -31.87 -3.79
N UNK A 73 -25.21 -32.11 -4.57
CA UNK A 73 -26.61 -31.83 -4.24
C UNK A 73 -26.94 -30.34 -4.27
N UNK A 74 -25.95 -29.48 -4.56
CA UNK A 74 -26.14 -28.03 -4.57
C UNK A 74 -26.78 -27.55 -3.27
N UNK A 75 -26.05 -27.71 -2.18
CA UNK A 75 -26.64 -27.46 -0.87
C UNK A 75 -25.59 -26.92 0.09
N UNK A 76 -26.03 -25.92 0.88
CA UNK A 76 -25.24 -25.38 1.98
C UNK A 76 -26.11 -25.39 3.21
N UNK A 77 -25.46 -25.39 4.37
CA UNK A 77 -26.21 -25.40 5.62
C UNK A 77 -25.33 -24.89 6.73
N UNK A 78 -25.97 -24.51 7.83
CA UNK A 78 -25.29 -24.10 9.04
C UNK A 78 -26.27 -24.21 10.20
N UNK A 79 -25.73 -24.31 11.40
CA UNK A 79 -26.57 -24.37 12.59
C UNK A 79 -25.70 -24.23 13.82
N UNK A 80 -26.26 -23.63 14.87
CA UNK A 80 -25.62 -23.50 16.18
C UNK A 80 -26.21 -24.41 17.23
N UNK A 81 -27.29 -25.13 16.91
CA UNK A 81 -28.00 -25.95 17.89
C UNK A 81 -28.37 -25.12 19.11
N UNK A 82 -28.84 -23.91 18.83
CA UNK A 82 -29.23 -22.97 19.87
C UNK A 82 -30.36 -22.11 19.32
N UNK A 83 -31.08 -21.47 20.24
CA UNK A 83 -32.23 -20.67 19.86
C UNK A 83 -32.40 -19.54 20.86
N UNK A 84 -32.91 -18.41 20.37
CA UNK A 84 -33.25 -17.28 21.22
C UNK A 84 -34.02 -16.29 20.36
N UNK A 85 -34.45 -15.20 20.98
CA UNK A 85 -35.13 -14.15 20.22
C UNK A 85 -34.23 -13.56 19.15
N UNK A 86 -32.95 -13.35 19.46
CA UNK A 86 -32.02 -12.83 18.46
C UNK A 86 -31.89 -13.76 17.26
N UNK A 87 -32.09 -15.06 17.47
CA UNK A 87 -32.04 -16.02 16.38
C UNK A 87 -33.27 -15.97 15.48
N UNK A 88 -34.33 -15.25 15.88
CA UNK A 88 -35.57 -15.22 15.11
C UNK A 88 -35.45 -14.42 13.81
N UNK A 89 -34.30 -13.80 13.55
CA UNK A 89 -34.12 -12.99 12.36
C UNK A 89 -34.37 -13.79 11.10
N UNK A 90 -34.87 -13.10 10.07
CA UNK A 90 -35.02 -13.70 8.75
C UNK A 90 -33.61 -13.89 8.20
N UNK A 91 -33.14 -15.13 8.26
CA UNK A 91 -31.81 -15.48 7.77
C UNK A 91 -31.90 -16.04 6.37
N UNK A 92 -30.95 -15.67 5.52
CA UNK A 92 -30.95 -16.08 4.12
C UNK A 92 -29.53 -16.37 3.67
N UNK A 93 -29.42 -17.24 2.67
CA UNK A 93 -28.14 -17.56 2.07
C UNK A 93 -27.86 -16.64 0.89
N UNK A 94 -26.58 -16.44 0.62
CA UNK A 94 -26.14 -15.59 -0.48
C UNK A 94 -24.81 -16.12 -1.00
N UNK A 95 -24.41 -15.64 -2.18
CA UNK A 95 -23.18 -16.16 -2.80
C UNK A 95 -22.54 -15.09 -3.66
N UNK A 96 -21.21 -15.06 -3.61
CA UNK A 96 -20.37 -14.21 -4.44
C UNK A 96 -19.58 -15.07 -5.41
N UNK A 97 -18.97 -14.42 -6.40
CA UNK A 97 -18.10 -15.13 -7.34
C UNK A 97 -16.70 -15.29 -6.75
N UNK A 98 -16.25 -16.54 -6.66
CA UNK A 98 -14.96 -16.83 -6.04
C UNK A 98 -13.84 -16.19 -6.84
N UNK A 99 -12.74 -15.89 -6.14
CA UNK A 99 -11.60 -15.19 -6.70
C UNK A 99 -11.99 -13.75 -7.03
N UNK A 100 -11.44 -13.17 -8.10
CA UNK A 100 -11.73 -11.79 -8.42
C UNK A 100 -13.18 -11.62 -8.86
N UNK A 101 -13.58 -10.36 -9.03
CA UNK A 101 -14.94 -10.03 -9.45
C UNK A 101 -15.96 -10.59 -8.46
N UNK A 102 -15.70 -10.40 -7.16
CA UNK A 102 -16.61 -10.91 -6.14
C UNK A 102 -17.98 -10.26 -6.26
N UNK A 103 -18.02 -8.95 -6.49
CA UNK A 103 -19.26 -8.22 -6.72
C UNK A 103 -20.21 -8.32 -5.53
N UNK A 104 -19.65 -8.52 -4.33
CA UNK A 104 -20.36 -8.24 -3.08
C UNK A 104 -21.54 -9.18 -2.84
N UNK A 105 -21.39 -10.43 -3.26
CA UNK A 105 -22.40 -11.46 -2.97
C UNK A 105 -23.76 -11.06 -3.52
N UNK A 106 -23.81 -10.73 -4.82
CA UNK A 106 -25.04 -10.22 -5.40
C UNK A 106 -26.17 -11.24 -5.36
N UNK A 107 -25.87 -12.52 -5.59
CA UNK A 107 -26.88 -13.54 -5.48
C UNK A 107 -27.38 -13.63 -4.04
N UNK A 108 -28.70 -13.68 -3.87
CA UNK A 108 -29.31 -13.79 -2.55
C UNK A 108 -30.57 -14.63 -2.66
N UNK A 109 -30.93 -15.27 -1.55
CA UNK A 109 -32.04 -16.21 -1.48
C UNK A 109 -33.15 -15.69 -0.58
N UNK A 110 -34.34 -16.28 -0.75
CA UNK A 110 -35.43 -16.01 0.18
C UNK A 110 -35.06 -16.54 1.56
N UNK A 111 -35.46 -15.80 2.59
CA UNK A 111 -35.03 -16.11 3.95
C UNK A 111 -35.89 -17.19 4.58
N UNK A 112 -35.29 -17.92 5.51
CA UNK A 112 -36.03 -18.96 6.22
C UNK A 112 -37.07 -18.34 7.16
N UNK A 113 -36.67 -17.34 7.94
CA UNK A 113 -37.55 -16.69 8.91
C UNK A 113 -38.03 -17.68 9.96
N UNK A 114 -37.09 -18.25 10.69
CA UNK A 114 -37.42 -19.14 11.79
C UNK A 114 -37.97 -18.35 12.97
N UNK A 115 -38.93 -18.96 13.68
CA UNK A 115 -39.57 -18.27 14.80
C UNK A 115 -38.60 -18.07 15.96
N UNK A 116 -37.91 -19.13 16.36
CA UNK A 116 -37.00 -19.09 17.51
C UNK A 116 -37.75 -18.68 18.78
N UNK A 117 -38.90 -19.31 19.00
CA UNK A 117 -39.69 -19.12 20.20
C UNK A 117 -40.53 -20.38 20.41
N UNK A 118 -40.92 -20.64 21.66
CA UNK A 118 -41.72 -21.81 22.01
C UNK A 118 -43.09 -21.35 22.49
N UNK A 119 -44.09 -21.44 21.60
CA UNK A 119 -45.45 -21.04 21.91
C UNK A 119 -46.35 -21.46 20.76
N UNK A 120 -47.63 -21.69 21.07
CA UNK A 120 -48.58 -22.11 20.06
C UNK A 120 -48.85 -20.99 19.07
N UNK A 121 -49.20 -21.36 17.84
CA UNK A 121 -49.50 -20.42 16.77
C UNK A 121 -48.34 -19.45 16.53
N UNK B 1 -16.01 -4.35 11.60
CA UNK B 1 -15.21 -3.62 12.61
C UNK B 1 -15.72 -2.19 12.73
N UNK B 2 -15.60 -1.46 11.62
CA UNK B 2 -16.11 -0.09 11.59
C UNK B 2 -17.63 -0.09 11.74
N UNK B 3 -18.12 0.74 12.65
CA UNK B 3 -19.56 0.88 12.87
C UNK B 3 -20.14 1.83 11.82
N UNK B 4 -20.07 1.39 10.57
CA UNK B 4 -20.55 2.19 9.46
C UNK B 4 -22.07 2.23 9.44
N UNK B 5 -22.60 3.40 9.09
CA UNK B 5 -24.04 3.59 8.97
C UNK B 5 -24.30 4.81 8.10
N UNK B 6 -25.50 4.86 7.54
CA UNK B 6 -25.84 5.98 6.68
C UNK B 6 -26.17 7.21 7.51
N UNK B 7 -25.72 8.36 7.03
CA UNK B 7 -26.06 9.63 7.66
C UNK B 7 -27.52 10.00 7.43
N UNK B 8 -28.01 9.84 6.20
CA UNK B 8 -29.42 10.09 5.93
C UNK B 8 -30.26 9.02 6.60
N UNK B 9 -31.57 9.27 6.66
CA UNK B 9 -32.49 8.31 7.23
C UNK B 9 -33.90 8.63 6.75
N UNK B 10 -34.57 7.61 6.23
CA UNK B 10 -35.95 7.75 5.76
C UNK B 10 -36.08 8.87 4.72
N UNK B 11 -35.21 8.82 3.72
CA UNK B 11 -35.25 9.82 2.65
C UNK B 11 -36.54 9.68 1.85
N UNK B 12 -37.07 10.81 1.39
CA UNK B 12 -38.27 10.79 0.57
C UNK B 12 -38.24 11.93 -0.43
N UNK B 13 -38.73 11.65 -1.63
CA UNK B 13 -38.78 12.63 -2.71
C UNK B 13 -39.92 12.26 -3.65
N UNK B 14 -40.39 13.26 -4.41
CA UNK B 14 -41.51 13.09 -5.32
C UNK B 14 -41.00 13.06 -6.75
N UNK B 15 -40.61 11.87 -7.22
CA UNK B 15 -40.19 11.63 -8.60
C UNK B 15 -39.07 12.60 -9.01
N UNK B 16 -38.13 12.81 -8.10
CA UNK B 16 -37.06 13.78 -8.27
C UNK B 16 -35.73 13.15 -7.88
N UNK B 17 -34.66 13.89 -8.08
CA UNK B 17 -33.33 13.39 -7.75
C UNK B 17 -33.08 13.51 -6.25
N UNK B 18 -32.42 12.50 -5.69
CA UNK B 18 -32.10 12.47 -4.27
C UNK B 18 -30.92 11.54 -4.06
N UNK B 19 -30.32 11.64 -2.88
CA UNK B 19 -29.16 10.83 -2.54
C UNK B 19 -29.09 10.66 -1.02
N UNK B 20 -28.79 9.44 -0.58
CA UNK B 20 -28.64 9.13 0.84
C UNK B 20 -27.16 9.18 1.18
N UNK B 21 -26.78 10.15 2.01
CA UNK B 21 -25.39 10.25 2.43
C UNK B 21 -25.01 9.02 3.25
N UNK B 22 -23.78 8.57 3.07
CA UNK B 22 -23.26 7.41 3.76
C UNK B 22 -21.89 7.73 4.35
N UNK B 23 -21.62 7.14 5.51
CA UNK B 23 -20.35 7.32 6.20
C UNK B 23 -19.94 6.01 6.84
N UNK B 24 -18.65 5.86 7.09
CA UNK B 24 -18.09 4.68 7.72
C UNK B 24 -17.26 5.09 8.93
N UNK B 25 -17.23 4.22 9.94
CA UNK B 25 -16.49 4.54 11.15
C UNK B 25 -14.99 4.61 10.87
N UNK B 26 -14.46 3.69 10.08
CA UNK B 26 -13.02 3.67 9.85
C UNK B 26 -12.67 2.78 8.68
N UNK B 27 -11.74 3.27 7.86
CA UNK B 27 -11.09 2.48 6.82
C UNK B 27 -12.08 1.98 5.76
N UNK B 28 -12.72 2.93 5.08
CA UNK B 28 -13.64 2.62 4.00
C UNK B 28 -12.86 2.44 2.70
N UNK B 29 -12.09 1.34 2.66
CA UNK B 29 -11.35 1.02 1.44
C UNK B 29 -12.29 0.74 0.28
N UNK B 30 -13.36 0.00 0.55
CA UNK B 30 -14.37 -0.31 -0.46
C UNK B 30 -15.70 -0.57 0.25
N UNK B 31 -16.78 -0.48 -0.51
CA UNK B 31 -18.11 -0.77 0.03
C UNK B 31 -18.99 -1.21 -1.12
N UNK B 32 -20.14 -1.80 -0.78
CA UNK B 32 -21.09 -2.29 -1.77
C UNK B 32 -22.52 -1.99 -1.31
N UNK B 33 -23.08 -0.92 -1.85
CA UNK B 33 -24.46 -0.57 -1.55
C UNK B 33 -25.41 -1.60 -2.18
N UNK B 34 -26.52 -1.86 -1.51
CA UNK B 34 -27.55 -2.74 -2.05
C UNK B 34 -28.90 -2.25 -1.56
N UNK B 35 -29.93 -2.51 -2.37
CA UNK B 35 -31.28 -2.04 -2.09
C UNK B 35 -32.28 -3.16 -2.35
N UNK B 36 -33.35 -3.14 -1.57
CA UNK B 36 -34.34 -4.20 -1.54
C UNK B 36 -35.75 -3.64 -1.60
N UNK B 37 -36.56 -4.19 -2.49
CA UNK B 37 -37.99 -3.96 -2.43
C UNK B 37 -38.55 -4.62 -1.18
N UNK B 38 -39.77 -4.23 -0.81
CA UNK B 38 -40.40 -4.79 0.37
C UNK B 38 -40.56 -6.30 0.22
N UNK B 39 -40.14 -7.04 1.25
CA UNK B 39 -40.21 -8.49 1.27
C UNK B 39 -39.43 -9.11 0.10
N UNK B 40 -38.18 -8.66 -0.06
CA UNK B 40 -37.30 -9.19 -1.09
C UNK B 40 -35.86 -9.02 -0.64
N UNK B 41 -34.98 -9.85 -1.19
CA UNK B 41 -33.57 -9.74 -0.88
C UNK B 41 -32.94 -8.57 -1.62
N UNK B 42 -32.03 -7.87 -0.96
CA UNK B 42 -31.40 -6.71 -1.57
C UNK B 42 -30.56 -7.12 -2.77
N UNK B 43 -30.60 -6.28 -3.81
CA UNK B 43 -29.79 -6.44 -5.01
C UNK B 43 -28.74 -5.34 -5.04
N UNK B 44 -27.51 -5.72 -5.35
CA UNK B 44 -26.39 -4.79 -5.25
C UNK B 44 -26.27 -3.93 -6.50
N UNK B 45 -26.13 -2.61 -6.28
CA UNK B 45 -25.79 -1.66 -7.32
C UNK B 45 -24.37 -1.15 -7.18
N UNK B 46 -23.49 -1.95 -6.59
CA UNK B 46 -22.13 -1.52 -6.30
C UNK B 46 -21.28 -1.54 -7.58
N UNK B 47 -20.27 -0.67 -7.60
CA UNK B 47 -19.32 -0.61 -8.70
C UNK B 47 -20.02 -0.39 -10.04
N UNK B 48 -21.08 0.43 -10.01
CA UNK B 48 -21.83 0.78 -11.22
C UNK B 48 -22.46 -0.46 -11.86
N UNK B 49 -23.28 -1.15 -11.08
CA UNK B 49 -24.01 -2.32 -11.51
C UNK B 49 -25.50 -2.00 -11.68
N UNK B 50 -26.27 -3.05 -11.98
CA UNK B 50 -27.74 -3.02 -11.93
C UNK B 50 -28.24 -2.01 -12.96
N UNK B 51 -29.26 -1.22 -12.66
CA UNK B 51 -29.80 -0.28 -13.63
C UNK B 51 -28.81 0.83 -13.91
N UNK B 52 -28.80 1.31 -15.15
CA UNK B 52 -27.93 2.41 -15.50
C UNK B 52 -28.41 3.74 -14.95
N UNK B 53 -29.73 3.89 -14.74
CA UNK B 53 -30.27 5.16 -14.28
C UNK B 53 -29.83 5.51 -12.86
N UNK B 54 -29.44 4.54 -12.05
CA UNK B 54 -29.07 4.80 -10.67
C UNK B 54 -27.72 5.52 -10.61
N UNK B 55 -27.69 6.64 -9.88
CA UNK B 55 -26.49 7.47 -9.78
C UNK B 55 -25.48 6.75 -8.91
N UNK B 56 -24.74 5.83 -9.52
CA UNK B 56 -23.80 4.99 -8.81
C UNK B 56 -22.56 5.81 -8.44
N UNK B 57 -22.72 6.60 -7.38
CA UNK B 57 -21.59 7.34 -6.82
C UNK B 57 -20.84 6.49 -5.81
N UNK B 58 -19.52 6.63 -5.81
CA UNK B 58 -18.68 5.85 -4.92
C UNK B 58 -17.38 6.61 -4.67
N UNK B 59 -16.83 6.42 -3.48
CA UNK B 59 -15.54 7.02 -3.12
C UNK B 59 -15.04 6.38 -1.83
N UNK B 60 -13.76 6.57 -1.57
CA UNK B 60 -13.15 6.12 -0.32
C UNK B 60 -13.35 7.11 0.82
N UNK B 61 -13.90 8.30 0.54
CA UNK B 61 -14.12 9.31 1.56
C UNK B 61 -15.40 9.00 2.32
N UNK B 62 -15.33 7.96 3.16
CA UNK B 62 -16.47 7.50 3.93
C UNK B 62 -17.60 7.03 3.02
N UNK B 63 -17.23 6.34 1.95
CA UNK B 63 -18.16 5.61 1.07
C UNK B 63 -19.03 6.52 0.21
N UNK B 64 -18.75 7.83 0.20
CA UNK B 64 -19.53 8.78 -0.59
C UNK B 64 -21.01 8.71 -0.20
N UNK B 65 -21.90 8.45 -1.17
CA UNK B 65 -23.33 8.45 -0.88
C UNK B 65 -24.04 7.60 -1.92
N UNK B 66 -25.08 6.90 -1.47
CA UNK B 66 -25.94 6.14 -2.37
C UNK B 66 -26.88 7.13 -3.06
N UNK B 67 -26.42 7.62 -4.21
CA UNK B 67 -27.22 8.54 -5.00
C UNK B 67 -28.13 7.76 -5.94
N UNK B 68 -29.36 8.26 -6.09
CA UNK B 68 -30.39 7.60 -6.89
C UNK B 68 -30.67 8.34 -8.19
N UNK B 69 -31.03 9.62 -8.12
CA UNK B 69 -31.29 10.44 -9.30
C UNK B 69 -32.36 9.81 -10.18
N UNK B 70 -33.35 9.18 -9.54
CA UNK B 70 -34.32 8.36 -10.23
C UNK B 70 -35.69 8.52 -9.57
N UNK B 71 -36.67 7.83 -10.14
CA UNK B 71 -38.05 7.89 -9.68
C UNK B 71 -38.69 6.50 -9.70
N UNK B 72 -39.68 6.33 -8.81
CA UNK B 72 -40.53 5.13 -8.79
C UNK B 72 -39.71 3.87 -8.48
N UNK B 73 -38.76 3.99 -7.56
CA UNK B 73 -37.89 2.87 -7.19
C UNK B 73 -37.68 2.87 -5.68
N UNK B 74 -38.75 3.05 -4.92
CA UNK B 74 -38.62 3.08 -3.46
C UNK B 74 -38.21 1.72 -2.93
N UNK B 75 -37.29 1.72 -1.97
CA UNK B 75 -36.68 0.48 -1.52
C UNK B 75 -35.86 0.73 -0.27
N UNK B 76 -35.88 -0.24 0.63
CA UNK B 76 -34.94 -0.26 1.73
C UNK B 76 -33.53 -0.39 1.18
N UNK B 77 -32.54 -0.18 2.05
CA UNK B 77 -31.16 -0.15 1.60
C UNK B 77 -30.23 -0.66 2.69
N UNK B 78 -28.98 -0.88 2.30
CA UNK B 78 -27.91 -1.20 3.23
C UNK B 78 -26.61 -1.11 2.45
N UNK B 79 -25.48 -1.26 3.16
CA UNK B 79 -24.17 -1.22 2.52
C UNK B 79 -23.28 -2.31 3.11
N UNK B 80 -23.02 -3.36 2.32
CA UNK B 80 -22.11 -4.40 2.75
C UNK B 80 -20.68 -3.90 2.73
N UNK B 81 -19.93 -4.27 3.77
CA UNK B 81 -18.52 -3.89 3.90
C UNK B 81 -17.69 -4.80 3.00
N UNK B 82 -17.44 -4.32 1.78
CA UNK B 82 -16.70 -5.12 0.80
C UNK B 82 -15.28 -5.39 1.27
N UNK B 83 -14.61 -4.38 1.82
CA UNK B 83 -13.26 -4.50 2.37
C UNK B 83 -13.37 -4.34 3.88
N UNK B 84 -13.20 -5.43 4.61
CA UNK B 84 -13.37 -5.38 6.05
C UNK B 84 -12.67 -6.57 6.69
N UNK B 85 -12.38 -6.43 7.98
CA UNK B 85 -11.79 -7.51 8.74
C UNK B 85 -12.80 -8.50 9.29
N UNK B 86 -14.10 -8.21 9.17
CA UNK B 86 -15.12 -9.11 9.67
C UNK B 86 -16.37 -8.95 8.82
N UNK B 87 -17.15 -10.02 8.74
CA UNK B 87 -18.44 -9.94 8.06
C UNK B 87 -19.30 -8.90 8.76
N UNK B 88 -19.52 -7.78 8.07
CA UNK B 88 -20.23 -6.66 8.65
C UNK B 88 -21.01 -5.95 7.56
N UNK B 89 -22.08 -5.28 7.95
CA UNK B 89 -22.88 -4.49 7.03
C UNK B 89 -23.36 -3.26 7.76
N UNK B 90 -23.64 -2.21 6.99
CA UNK B 90 -24.07 -0.93 7.53
C UNK B 90 -25.53 -0.71 7.20
N UNK B 91 -26.32 -0.44 8.24
CA UNK B 91 -27.72 -0.07 8.05
C UNK B 91 -27.80 1.28 7.36
N UNK B 92 -28.68 1.36 6.35
CA UNK B 92 -28.80 2.54 5.52
C UNK B 92 -30.23 3.06 5.57
N UNK B 93 -30.43 4.21 4.92
CA UNK B 93 -31.74 4.82 4.87
C UNK B 93 -32.64 4.10 3.88
N UNK B 94 -33.91 3.95 4.25
CA UNK B 94 -34.92 3.46 3.32
C UNK B 94 -35.57 4.64 2.61
N UNK B 95 -35.48 4.64 1.29
CA UNK B 95 -36.13 5.67 0.48
C UNK B 95 -37.63 5.45 0.47
N UNK B 96 -38.36 6.52 0.16
CA UNK B 96 -39.81 6.43 0.09
C UNK B 96 -40.32 7.42 -0.94
N UNK B 97 -41.50 7.15 -1.47
CA UNK B 97 -42.14 8.07 -2.39
C UNK B 97 -42.82 9.18 -1.60
N UNK B 98 -42.40 10.42 -1.84
CA UNK B 98 -43.00 11.55 -1.18
C UNK B 98 -44.38 11.84 -1.77
N UNK B 99 -45.33 12.09 -0.89
CA UNK B 99 -46.69 12.40 -1.30
C UNK B 99 -47.38 13.16 -0.18
N UNK B 100 -48.43 13.90 -0.54
CA UNK B 100 -49.19 14.65 0.45
C UNK B 100 -49.84 13.71 1.46
N UNK B 101 -49.73 14.04 2.74
CA UNK B 101 -50.27 13.23 3.83
C UNK B 101 -49.71 11.81 3.78
N GLU C 37 20.57 56.06 -38.15
CA GLU C 37 20.61 55.42 -39.46
C GLU C 37 21.46 54.15 -39.42
N ASN C 38 22.49 54.15 -38.58
CA ASN C 38 23.27 52.94 -38.34
C ASN C 38 22.52 52.00 -37.41
N LEU C 39 22.77 50.71 -37.58
CA LEU C 39 21.99 49.66 -36.94
C LEU C 39 22.78 49.01 -35.81
N TRP C 40 22.05 48.61 -34.78
CA TRP C 40 22.60 48.09 -33.54
C TRP C 40 21.81 46.87 -33.11
N VAL C 41 22.48 45.98 -32.40
CA VAL C 41 21.86 44.74 -31.93
C VAL C 41 20.78 45.10 -30.93
N THR C 42 19.66 44.37 -30.97
CA THR C 42 18.59 44.50 -30.00
C THR C 42 17.99 43.13 -29.75
N VAL C 43 17.72 42.81 -28.48
CA VAL C 43 17.22 41.50 -28.11
C VAL C 43 15.70 41.49 -28.19
N TYR C 44 15.20 40.49 -28.89
CA TYR C 44 13.78 40.28 -29.14
C TYR C 44 13.38 39.01 -28.45
N TYR C 45 12.54 39.13 -27.43
CA TYR C 45 12.10 38.00 -26.64
C TYR C 45 10.59 37.87 -26.76
N GLY C 46 10.11 36.63 -26.87
CA GLY C 46 8.72 36.38 -27.19
C GLY C 46 8.60 36.17 -28.69
N VAL C 47 9.63 35.60 -29.28
CA VAL C 47 9.71 35.53 -30.73
C VAL C 47 9.01 34.26 -31.20
N PRO C 48 8.05 34.33 -32.13
CA PRO C 48 7.35 33.09 -32.55
C PRO C 48 8.15 32.29 -33.56
N VAL C 49 9.27 31.73 -33.11
CA VAL C 49 10.14 30.88 -33.91
C VAL C 49 10.17 29.50 -33.28
N TRP C 50 10.31 28.47 -34.13
CA TRP C 50 10.31 27.12 -33.64
C TRP C 50 11.20 26.24 -34.50
N LYS C 51 11.43 25.03 -33.97
CA LYS C 51 12.20 23.99 -34.64
C LYS C 51 11.44 22.67 -34.48
N ASP C 52 11.79 21.71 -35.33
CA ASP C 52 11.35 20.34 -35.11
C ASP C 52 12.12 19.75 -33.94
N ALA C 53 11.48 18.82 -33.23
CA ALA C 53 12.10 18.29 -32.01
C ALA C 53 11.46 16.96 -31.61
N GLU C 54 12.14 16.28 -30.71
CA GLU C 54 11.66 15.07 -30.05
C GLU C 54 11.67 15.33 -28.55
N THR C 55 10.73 14.72 -27.83
CA THR C 55 10.62 15.01 -26.41
C THR C 55 9.65 14.08 -25.72
N THR C 56 9.43 14.37 -24.43
CA THR C 56 8.60 13.60 -23.53
C THR C 56 7.19 14.21 -23.51
N LEU C 57 6.35 13.71 -24.41
CA LEU C 57 4.97 14.13 -24.48
C LEU C 57 4.16 13.33 -23.46
N PHE C 58 3.13 13.97 -22.87
CA PHE C 58 2.41 13.32 -21.78
C PHE C 58 0.95 13.10 -22.15
N CYS C 59 0.41 11.99 -21.65
CA CYS C 59 -0.90 11.54 -22.05
C CYS C 59 -1.99 12.23 -21.25
N ALA C 60 -3.09 12.58 -21.94
CA ALA C 60 -4.21 13.27 -21.33
C ALA C 60 -5.48 12.77 -22.02
N SER C 61 -6.63 13.08 -21.42
CA SER C 61 -7.89 12.59 -21.97
C SER C 61 -9.05 13.31 -21.29
N ASP C 62 -10.25 13.06 -21.80
CA ASP C 62 -11.48 13.48 -21.13
C ASP C 62 -11.52 12.80 -19.78
N ALA C 63 -11.64 13.61 -18.71
CA ALA C 63 -11.81 13.03 -17.39
C ALA C 63 -13.11 12.24 -17.29
N LYS C 64 -14.14 12.68 -18.02
CA LYS C 64 -15.48 12.09 -17.94
C LYS C 64 -15.92 12.21 -16.48
N ALA C 65 -16.32 11.13 -15.82
CA ALA C 65 -16.55 11.12 -14.38
C ALA C 65 -15.86 9.93 -13.74
N TYR C 66 -14.73 9.50 -14.31
CA TYR C 66 -13.96 8.34 -13.84
C TYR C 66 -14.86 7.11 -13.67
N GLU C 67 -15.92 7.05 -14.49
CA GLU C 67 -16.93 6.01 -14.40
C GLU C 67 -16.35 4.63 -14.64
N THR C 68 -15.23 4.55 -15.33
CA THR C 68 -14.50 3.31 -15.43
C THR C 68 -13.80 2.93 -14.14
N LYS C 69 -13.74 3.84 -13.17
CA LYS C 69 -13.37 3.53 -11.78
C LYS C 69 -12.00 2.85 -11.69
N LYS C 70 -11.07 3.29 -12.54
CA LYS C 70 -9.71 2.76 -12.56
C LYS C 70 -9.65 1.29 -12.97
N HIS C 71 -10.74 0.74 -13.49
CA HIS C 71 -10.66 -0.60 -14.07
C HIS C 71 -9.82 -0.58 -15.34
N ASN C 72 -10.24 0.18 -16.35
CA ASN C 72 -9.44 0.30 -17.55
C ASN C 72 -8.10 0.95 -17.20
N VAL C 73 -7.03 0.43 -17.79
CA VAL C 73 -5.70 0.84 -17.34
C VAL C 73 -5.48 2.32 -17.64
N TRP C 74 -6.10 2.85 -18.68
CA TRP C 74 -5.95 4.26 -19.03
C TRP C 74 -6.94 5.17 -18.32
N ALA C 75 -7.54 4.72 -17.22
CA ALA C 75 -8.06 5.62 -16.19
C ALA C 75 -7.18 5.60 -14.96
N THR C 76 -6.14 4.77 -14.93
CA THR C 76 -5.00 4.96 -14.08
C THR C 76 -3.93 5.79 -14.75
N HIS C 77 -3.78 5.65 -16.05
CA HIS C 77 -2.92 6.49 -16.86
C HIS C 77 -3.76 7.52 -17.60
N CYS C 78 -3.12 8.61 -18.04
CA CYS C 78 -3.78 9.66 -18.82
C CYS C 78 -4.89 10.34 -18.03
N CYS C 79 -4.67 10.53 -16.73
CA CYS C 79 -5.72 11.08 -15.87
C CYS C 79 -5.70 12.60 -15.80
N VAL C 80 -4.74 13.25 -16.44
CA VAL C 80 -4.72 14.72 -16.51
C VAL C 80 -5.79 15.14 -17.52
N PRO C 81 -6.60 16.16 -17.26
CA PRO C 81 -7.71 16.45 -18.17
C PRO C 81 -7.27 17.19 -19.42
N THR C 82 -7.97 16.90 -20.52
CA THR C 82 -7.91 17.72 -21.74
C THR C 82 -9.24 18.43 -21.96
N ASP C 83 -9.99 18.63 -20.88
CA ASP C 83 -11.37 19.12 -20.98
C ASP C 83 -11.51 20.48 -21.67
N PRO C 84 -10.63 21.46 -21.48
CA PRO C 84 -10.76 22.70 -22.24
C PRO C 84 -10.64 22.47 -23.74
N ASN C 85 -11.30 23.34 -24.49
CA ASN C 85 -11.25 23.25 -25.94
C ASN C 85 -9.83 23.53 -26.43
N PRO C 86 -9.42 22.98 -27.57
CA PRO C 86 -8.11 23.36 -28.12
C PRO C 86 -8.08 24.80 -28.60
N GLN C 87 -6.87 25.36 -28.59
CA GLN C 87 -6.69 26.78 -28.92
C GLN C 87 -6.98 27.03 -30.39
N GLU C 88 -6.37 26.26 -31.28
CA GLU C 88 -6.67 26.29 -32.71
C GLU C 88 -6.38 27.66 -33.32
N ILE C 89 -5.11 28.06 -33.26
CA ILE C 89 -4.70 29.35 -33.81
C ILE C 89 -4.11 29.12 -35.19
N HIS C 90 -4.73 29.73 -36.20
CA HIS C 90 -4.27 29.59 -37.58
C HIS C 90 -2.91 30.27 -37.74
N LEU C 91 -1.98 29.56 -38.37
CA LEU C 91 -0.65 30.09 -38.69
C LEU C 91 -0.71 30.69 -40.09
N GLU C 92 -1.25 31.90 -40.15
CA GLU C 92 -1.45 32.59 -41.41
C GLU C 92 -0.13 32.77 -42.15
N ASN C 93 -0.13 32.47 -43.45
CA ASN C 93 1.04 32.59 -44.32
C ASN C 93 2.16 31.62 -43.96
N VAL C 94 1.85 30.47 -43.34
CA VAL C 94 2.87 29.53 -42.90
C VAL C 94 2.60 28.19 -43.55
N THR C 95 3.66 27.53 -44.00
CA THR C 95 3.61 26.21 -44.59
C THR C 95 4.67 25.35 -43.90
N GLU C 96 4.30 24.13 -43.51
CA GLU C 96 5.11 23.36 -42.57
C GLU C 96 5.43 21.96 -43.10
N GLU C 97 6.71 21.60 -43.03
CA GLU C 97 7.17 20.32 -43.57
C GLU C 97 6.88 19.20 -42.59
N PHE C 98 5.97 18.30 -42.97
CA PHE C 98 5.60 17.13 -42.18
C PHE C 98 6.01 15.85 -42.90
N ASN C 99 6.25 14.81 -42.09
CA ASN C 99 6.72 13.52 -42.60
C ASN C 99 6.25 12.46 -41.61
N MET C 100 5.15 11.78 -41.93
CA MET C 100 4.54 10.94 -40.90
C MET C 100 5.33 9.69 -40.64
N TRP C 101 6.10 9.19 -41.61
CA TRP C 101 6.93 8.03 -41.36
C TRP C 101 8.14 8.35 -40.50
N LYS C 102 8.48 9.63 -40.36
CA LYS C 102 9.48 10.08 -39.40
C LYS C 102 8.84 10.69 -38.15
N ASN C 103 7.56 10.42 -37.90
CA ASN C 103 6.91 10.92 -36.69
C ASN C 103 7.47 10.16 -35.50
N ASN C 104 8.40 10.77 -34.79
CA ASN C 104 8.88 10.19 -33.54
C ASN C 104 7.77 10.12 -32.49
N MET C 105 6.86 11.12 -32.47
CA MET C 105 5.68 11.13 -31.62
C MET C 105 5.02 9.75 -31.55
N VAL C 106 4.86 9.12 -32.70
CA VAL C 106 4.43 7.73 -32.76
C VAL C 106 5.35 6.86 -31.92
N GLU C 107 6.66 7.05 -32.05
CA GLU C 107 7.58 6.16 -31.36
C GLU C 107 7.44 6.28 -29.85
N GLN C 108 7.36 7.50 -29.32
CA GLN C 108 7.20 7.63 -27.87
C GLN C 108 5.91 7.01 -27.40
N MET C 109 4.81 7.24 -28.10
CA MET C 109 3.56 6.68 -27.59
C MET C 109 3.54 5.16 -27.72
N HIS C 110 4.13 4.63 -28.78
CA HIS C 110 4.23 3.18 -28.93
C HIS C 110 5.01 2.58 -27.77
N THR C 111 6.15 3.19 -27.44
CA THR C 111 6.94 2.73 -26.31
C THR C 111 6.13 2.84 -25.02
N ASP C 112 5.37 3.92 -24.87
CA ASP C 112 4.60 4.13 -23.66
C ASP C 112 3.54 3.06 -23.50
N ILE C 113 2.83 2.72 -24.57
CA ILE C 113 1.81 1.68 -24.45
C ILE C 113 2.45 0.33 -24.16
N ILE C 114 3.59 0.03 -24.78
CA ILE C 114 4.26 -1.23 -24.45
C ILE C 114 4.62 -1.28 -22.97
N SER C 115 5.26 -0.22 -22.48
CA SER C 115 5.69 -0.23 -21.09
C SER C 115 4.51 -0.31 -20.15
N LEU C 116 3.45 0.46 -20.42
CA LEU C 116 2.28 0.43 -19.56
C LEU C 116 1.62 -0.93 -19.60
N TRP C 117 1.58 -1.56 -20.78
CA TRP C 117 0.91 -2.84 -20.89
C TRP C 117 1.65 -3.89 -20.07
N ASP C 118 2.97 -3.94 -20.22
CA ASP C 118 3.74 -4.89 -19.41
C ASP C 118 3.61 -4.58 -17.93
N GLN C 119 3.70 -3.31 -17.55
CA GLN C 119 3.64 -2.96 -16.14
C GLN C 119 2.30 -3.33 -15.54
N SER C 120 1.22 -3.17 -16.30
CA SER C 120 -0.08 -3.63 -15.85
C SER C 120 -0.10 -5.14 -15.69
N LEU C 121 0.51 -5.84 -16.64
CA LEU C 121 0.44 -7.30 -16.60
C LEU C 121 1.20 -7.87 -15.41
N LYS C 122 2.31 -7.24 -15.03
CA LYS C 122 3.24 -7.87 -14.10
C LYS C 122 2.63 -8.18 -12.74
N PRO C 123 1.94 -7.24 -12.06
CA PRO C 123 1.45 -7.57 -10.71
C PRO C 123 0.20 -8.44 -10.73
N CYS C 124 0.36 -9.67 -11.20
CA CYS C 124 -0.72 -10.63 -11.22
C CYS C 124 -0.15 -12.01 -10.94
N VAL C 125 -1.02 -13.01 -10.93
CA VAL C 125 -0.60 -14.36 -10.60
C VAL C 125 0.19 -14.96 -11.76
N LYS C 126 1.28 -15.65 -11.42
CA LYS C 126 2.06 -16.36 -12.41
C LYS C 126 1.50 -17.77 -12.60
N LEU C 127 1.07 -18.06 -13.83
CA LEU C 127 0.57 -19.38 -14.18
C LEU C 127 1.68 -20.35 -14.52
N THR C 128 2.94 -20.02 -14.20
CA THR C 128 4.05 -20.95 -14.40
C THR C 128 3.81 -22.34 -13.83
N PRO C 129 3.07 -22.53 -12.73
CA PRO C 129 2.74 -23.90 -12.33
C PRO C 129 1.94 -24.66 -13.35
N LEU C 130 1.20 -24.02 -14.24
CA LEU C 130 0.35 -24.74 -15.18
C LEU C 130 1.12 -25.28 -16.39
N CYS C 131 2.43 -25.09 -16.45
CA CYS C 131 3.23 -25.64 -17.55
C CYS C 131 3.64 -27.06 -17.17
N VAL C 132 2.85 -28.04 -17.64
CA VAL C 132 2.91 -29.41 -17.15
C VAL C 132 2.77 -30.38 -18.32
N THR C 133 3.09 -31.65 -18.04
CA THR C 133 2.88 -32.75 -18.97
C THR C 133 1.38 -33.04 -18.98
N LEU C 134 0.70 -32.40 -19.91
CA LEU C 134 -0.75 -32.37 -19.93
C LEU C 134 -1.33 -33.52 -20.75
N GLN C 135 -2.41 -34.12 -20.25
CA GLN C 135 -3.12 -35.18 -20.96
C GLN C 135 -4.43 -34.65 -21.51
N CYS C 136 -4.67 -34.85 -22.80
CA CYS C 136 -5.80 -34.23 -23.48
C CYS C 136 -6.55 -35.24 -24.34
N THR C 137 -7.82 -34.92 -24.58
CA THR C 137 -8.67 -35.64 -25.50
C THR C 137 -9.64 -34.67 -26.17
N ASN C 138 -10.40 -35.16 -27.14
CA ASN C 138 -11.36 -34.34 -27.85
C ASN C 138 -12.60 -34.12 -26.98
N VAL C 139 -13.28 -32.99 -27.21
CA VAL C 139 -14.44 -32.65 -26.40
C VAL C 139 -15.67 -33.42 -26.86
N THR C 140 -16.12 -33.17 -28.10
CA THR C 140 -17.27 -33.84 -28.69
C THR C 140 -18.51 -33.71 -27.81
N ASN C 141 -18.97 -32.47 -27.66
CA ASN C 141 -20.21 -32.15 -26.95
C ASN C 141 -21.05 -31.23 -27.86
N ASN C 142 -21.80 -31.84 -28.76
CA ASN C 142 -22.67 -31.11 -29.68
C ASN C 142 -21.88 -30.06 -30.46
N ILE C 143 -20.81 -30.50 -31.09
CA ILE C 143 -19.89 -29.61 -31.79
C ILE C 143 -20.20 -29.66 -33.29
N THR C 144 -20.21 -28.49 -33.92
CA THR C 144 -20.44 -28.42 -35.36
C THR C 144 -19.22 -28.95 -36.11
N ASP C 145 -19.43 -29.21 -37.41
CA ASP C 145 -18.37 -29.79 -38.22
C ASP C 145 -17.18 -28.86 -38.32
N ASP C 146 -17.42 -27.55 -38.36
CA ASP C 146 -16.33 -26.59 -38.48
C ASP C 146 -15.37 -26.66 -37.30
N MET C 147 -15.89 -26.90 -36.10
CA MET C 147 -15.10 -26.83 -34.87
C MET C 147 -14.65 -28.20 -34.38
N ARG C 148 -14.76 -29.23 -35.21
CA ARG C 148 -14.24 -30.54 -34.85
C ARG C 148 -12.73 -30.44 -34.63
N GLY C 149 -12.26 -30.98 -33.51
CA GLY C 149 -10.85 -31.00 -33.20
C GLY C 149 -10.29 -29.68 -32.71
N GLU C 150 -11.08 -28.62 -32.68
CA GLU C 150 -10.58 -27.33 -32.23
C GLU C 150 -10.46 -27.24 -30.71
N LEU C 151 -11.37 -27.88 -29.98
CA LEU C 151 -11.42 -27.78 -28.53
C LEU C 151 -10.98 -29.10 -27.91
N LYS C 152 -10.17 -29.01 -26.87
CA LYS C 152 -9.65 -30.18 -26.18
C LYS C 152 -9.96 -30.10 -24.69
N ASN C 153 -10.39 -31.23 -24.14
CA ASN C 153 -10.57 -31.41 -22.70
C ASN C 153 -9.26 -31.98 -22.19
N CYS C 154 -8.60 -31.24 -21.31
CA CYS C 154 -7.28 -31.58 -20.82
C CYS C 154 -7.29 -31.65 -19.30
N SER C 155 -6.39 -32.45 -18.75
CA SER C 155 -6.28 -32.64 -17.33
C SER C 155 -4.88 -33.13 -17.00
N PHE C 156 -4.52 -32.94 -15.73
CA PHE C 156 -3.29 -33.48 -15.18
C PHE C 156 -3.31 -33.18 -13.69
N ASN C 157 -2.40 -33.83 -12.93
CA ASN C 157 -2.23 -33.52 -11.53
C ASN C 157 -2.01 -32.03 -11.31
N MET C 158 -1.13 -31.43 -12.10
CA MET C 158 -0.86 -29.99 -12.03
C MET C 158 -0.33 -29.67 -10.64
N THR C 159 -0.64 -28.49 -10.09
CA THR C 159 -0.02 -28.03 -8.86
C THR C 159 -1.09 -27.45 -7.95
N THR C 160 -0.84 -27.52 -6.64
CA THR C 160 -1.64 -26.86 -5.63
C THR C 160 -0.87 -25.82 -4.84
N GLU C 161 0.47 -25.82 -4.93
CA GLU C 161 1.34 -25.00 -4.11
C GLU C 161 1.22 -25.36 -2.64
N LEU C 162 0.76 -26.57 -2.35
CA LEU C 162 0.80 -27.18 -1.04
C LEU C 162 1.58 -28.48 -1.18
N ARG C 163 2.56 -28.68 -0.33
CA ARG C 163 3.61 -29.64 -0.59
C ARG C 163 3.06 -31.05 -0.71
N ASP C 164 3.20 -31.65 -1.88
CA ASP C 164 2.89 -33.05 -2.10
C ASP C 164 1.41 -33.33 -1.84
N LYS C 165 0.55 -32.64 -2.59
CA LYS C 165 -0.87 -32.96 -2.66
C LYS C 165 -1.28 -33.45 -4.04
N LYS C 166 -0.93 -32.70 -5.09
CA LYS C 166 -1.13 -33.13 -6.47
C LYS C 166 -2.61 -33.35 -6.79
N GLN C 167 -3.43 -32.39 -6.39
CA GLN C 167 -4.86 -32.50 -6.64
C GLN C 167 -5.12 -32.39 -8.13
N LYS C 168 -5.83 -33.38 -8.68
CA LYS C 168 -6.11 -33.40 -10.11
C LYS C 168 -6.88 -32.17 -10.54
N VAL C 169 -6.59 -31.66 -11.73
CA VAL C 169 -7.28 -30.50 -12.28
C VAL C 169 -7.42 -30.67 -13.78
N TYR C 170 -8.58 -30.22 -14.29
CA TYR C 170 -8.90 -30.31 -15.71
C TYR C 170 -9.55 -29.01 -16.16
N SER C 171 -9.50 -28.77 -17.47
CA SER C 171 -10.17 -27.63 -18.07
C SER C 171 -10.22 -27.82 -19.58
N LEU C 172 -10.72 -26.79 -20.26
CA LEU C 172 -10.88 -26.80 -21.71
C LEU C 172 -9.88 -25.85 -22.34
N PHE C 173 -9.48 -26.15 -23.56
CA PHE C 173 -8.53 -25.32 -24.30
C PHE C 173 -8.85 -25.32 -25.78
N TYR C 174 -8.48 -24.24 -26.45
CA TYR C 174 -8.44 -24.21 -27.90
C TYR C 174 -7.16 -24.88 -28.38
N ARG C 175 -7.24 -25.58 -29.51
CA ARG C 175 -6.11 -26.39 -29.96
C ARG C 175 -4.87 -25.53 -30.24
N LEU C 176 -5.05 -24.26 -30.59
CA LEU C 176 -3.91 -23.41 -30.89
C LEU C 176 -2.99 -23.24 -29.69
N ASP C 177 -3.52 -23.34 -28.47
CA ASP C 177 -2.75 -23.05 -27.27
C ASP C 177 -2.00 -24.26 -26.73
N VAL C 178 -2.16 -25.43 -27.33
CA VAL C 178 -1.62 -26.68 -26.79
C VAL C 178 -0.97 -27.43 -27.93
N VAL C 179 0.12 -28.14 -27.63
CA VAL C 179 0.97 -28.79 -28.63
C VAL C 179 1.42 -30.13 -28.10
N GLN C 180 1.56 -31.10 -28.99
CA GLN C 180 2.04 -32.42 -28.60
C GLN C 180 3.49 -32.35 -28.13
N ILE C 181 3.82 -33.21 -27.18
CA ILE C 181 5.19 -33.32 -26.71
C ILE C 181 5.94 -34.41 -27.45
N ASN C 182 5.36 -35.61 -27.51
CA ASN C 182 5.99 -36.77 -28.11
C ASN C 182 5.65 -36.82 -29.59
N GLU C 183 6.08 -37.88 -30.25
CA GLU C 183 5.79 -38.13 -31.66
C GLU C 183 4.28 -38.10 -31.92
N SER C 192 -3.12 -40.96 -21.83
CA SER C 192 -4.18 -41.01 -22.82
C SER C 192 -3.84 -40.18 -24.04
N ASN C 193 -4.03 -40.76 -25.23
CA ASN C 193 -3.74 -40.09 -26.49
C ASN C 193 -2.27 -39.69 -26.55
N LYS C 194 -1.95 -38.40 -26.33
CA LYS C 194 -0.60 -37.90 -26.45
C LYS C 194 -0.27 -36.97 -25.29
N GLU C 195 1.01 -36.86 -25.00
CA GLU C 195 1.48 -35.88 -24.03
C GLU C 195 1.48 -34.49 -24.65
N TYR C 196 0.98 -33.53 -23.87
CA TYR C 196 0.74 -32.17 -24.36
C TYR C 196 1.35 -31.15 -23.42
N ARG C 197 1.79 -30.04 -24.00
CA ARG C 197 2.26 -28.88 -23.26
C ARG C 197 1.59 -27.64 -23.83
N LEU C 198 1.65 -26.56 -23.06
CA LEU C 198 1.26 -25.27 -23.58
C LEU C 198 2.34 -24.78 -24.54
N ILE C 199 1.91 -24.07 -25.59
CA ILE C 199 2.85 -23.62 -26.61
C ILE C 199 3.90 -22.69 -26.02
N ASN C 200 3.51 -21.86 -25.05
CA ASN C 200 4.42 -20.92 -24.43
C ASN C 200 5.62 -21.55 -23.74
N CYS C 201 5.47 -22.80 -23.28
CA CYS C 201 6.37 -23.34 -22.27
C CYS C 201 7.82 -23.31 -22.70
N ASN C 202 8.11 -23.61 -23.96
CA ASN C 202 9.51 -23.64 -24.34
C ASN C 202 10.10 -22.24 -24.49
N THR C 203 9.26 -21.21 -24.51
CA THR C 203 9.74 -19.86 -24.75
C THR C 203 9.95 -19.09 -23.46
N SER C 204 8.93 -18.99 -22.62
CA SER C 204 9.06 -18.24 -21.37
C SER C 204 7.92 -18.62 -20.45
N ALA C 205 8.00 -18.13 -19.22
CA ALA C 205 6.87 -18.20 -18.32
C ALA C 205 5.71 -17.39 -18.88
N ILE C 206 4.55 -17.51 -18.25
CA ILE C 206 3.35 -16.81 -18.66
C ILE C 206 2.67 -16.19 -17.46
N THR C 207 2.17 -14.97 -17.64
CA THR C 207 1.45 -14.23 -16.62
C THR C 207 -0.01 -14.09 -17.03
N GLN C 208 -0.90 -14.20 -16.07
CA GLN C 208 -2.32 -14.05 -16.32
C GLN C 208 -2.73 -12.60 -16.17
N ALA C 209 -3.33 -12.05 -17.22
CA ALA C 209 -3.81 -10.68 -17.16
C ALA C 209 -4.94 -10.57 -16.15
N CYS C 210 -4.80 -9.65 -15.22
CA CYS C 210 -5.72 -9.58 -14.09
C CYS C 210 -7.13 -9.28 -14.59
N PRO C 211 -8.17 -9.99 -14.11
CA PRO C 211 -9.51 -9.72 -14.62
C PRO C 211 -10.03 -8.34 -14.26
N LYS C 212 -9.44 -7.71 -13.26
CA LYS C 212 -9.93 -6.41 -12.79
C LYS C 212 -9.47 -5.25 -13.64
N VAL C 213 -8.68 -5.51 -14.70
CA VAL C 213 -8.15 -4.46 -15.56
C VAL C 213 -8.70 -4.66 -16.95
N SER C 214 -9.20 -3.56 -17.54
CA SER C 214 -9.71 -3.54 -18.90
C SER C 214 -8.73 -2.81 -19.82
N PHE C 215 -8.76 -3.20 -21.09
CA PHE C 215 -7.98 -2.57 -22.14
C PHE C 215 -8.91 -2.01 -23.22
N GLU C 216 -10.06 -1.51 -22.83
CA GLU C 216 -11.01 -0.97 -23.77
C GLU C 216 -10.39 0.23 -24.48
N PRO C 217 -10.69 0.48 -25.76
CA PRO C 217 -10.05 1.63 -26.41
C PRO C 217 -10.79 2.95 -26.13
N ILE C 218 -10.60 3.49 -24.93
CA ILE C 218 -11.07 4.85 -24.68
C ILE C 218 -10.17 5.83 -25.41
N PRO C 219 -10.67 6.85 -26.10
CA PRO C 219 -9.76 7.75 -26.82
C PRO C 219 -8.87 8.52 -25.87
N ILE C 220 -7.67 8.86 -26.35
CA ILE C 220 -6.74 9.68 -25.60
C ILE C 220 -6.21 10.80 -26.50
N HIS C 221 -5.79 11.87 -25.85
CA HIS C 221 -5.08 12.98 -26.45
C HIS C 221 -3.67 12.99 -25.88
N TYR C 222 -2.76 13.59 -26.63
CA TYR C 222 -1.38 13.74 -26.20
C TYR C 222 -1.01 15.21 -26.15
N CYS C 223 -0.70 15.69 -24.95
CA CYS C 223 -0.48 17.10 -24.67
C CYS C 223 0.99 17.34 -24.40
N ALA C 224 1.48 18.48 -24.93
CA ALA C 224 2.87 18.89 -24.82
C ALA C 224 3.15 19.44 -23.44
N PRO C 225 4.32 19.17 -22.88
CA PRO C 225 4.78 19.97 -21.73
C PRO C 225 5.11 21.39 -22.17
N ALA C 226 5.36 22.23 -21.17
CA ALA C 226 5.60 23.63 -21.42
C ALA C 226 6.83 23.82 -22.29
N GLY C 227 6.85 24.91 -23.06
CA GLY C 227 7.95 25.22 -23.95
C GLY C 227 7.83 24.62 -25.32
N PHE C 228 6.90 23.69 -25.51
CA PHE C 228 6.70 22.98 -26.77
C PHE C 228 5.32 23.31 -27.27
N ALA C 229 5.03 22.90 -28.51
CA ALA C 229 3.69 23.05 -29.04
C ALA C 229 3.43 21.93 -30.04
N ILE C 230 2.15 21.73 -30.37
CA ILE C 230 1.73 20.75 -31.36
C ILE C 230 1.19 21.52 -32.54
N LEU C 231 1.64 21.16 -33.74
CA LEU C 231 1.13 21.76 -34.97
C LEU C 231 0.30 20.73 -35.70
N LYS C 232 -0.93 21.12 -36.05
CA LYS C 232 -1.91 20.27 -36.69
C LYS C 232 -2.10 20.70 -38.13
N CYS C 233 -1.87 19.77 -39.05
CA CYS C 233 -2.05 20.03 -40.47
C CYS C 233 -3.52 19.90 -40.85
N LYS C 234 -4.06 20.95 -41.46
CA LYS C 234 -5.43 20.96 -41.97
C LYS C 234 -5.48 20.91 -43.50
N ASP C 235 -4.34 20.75 -44.16
CA ASP C 235 -4.34 20.60 -45.61
C ASP C 235 -5.01 19.28 -45.91
N LYS C 236 -6.26 19.34 -46.33
CA LYS C 236 -7.04 18.13 -46.52
C LYS C 236 -6.42 17.31 -47.65
N LYS C 237 -6.50 15.99 -47.53
CA LYS C 237 -5.84 15.08 -48.45
C LYS C 237 -4.34 15.27 -48.46
N PHE C 238 -3.74 15.53 -47.30
CA PHE C 238 -2.30 15.51 -47.18
C PHE C 238 -1.78 14.08 -47.40
N ASN C 239 -0.91 13.93 -48.38
CA ASN C 239 -0.50 12.59 -48.82
C ASN C 239 0.54 11.96 -47.91
N GLY C 240 0.99 12.65 -46.86
CA GLY C 240 1.81 12.07 -45.83
C GLY C 240 3.21 12.63 -45.73
N THR C 241 3.67 13.39 -46.72
CA THR C 241 4.98 14.03 -46.68
C THR C 241 4.89 15.40 -47.32
N GLY C 242 5.87 16.23 -46.98
CA GLY C 242 6.07 17.49 -47.67
C GLY C 242 5.47 18.67 -46.95
N PRO C 243 5.37 19.81 -47.64
CA PRO C 243 4.73 20.97 -47.02
C PRO C 243 3.25 20.72 -46.79
N CYS C 244 2.75 21.26 -45.68
CA CYS C 244 1.34 21.34 -45.39
C CYS C 244 0.95 22.80 -45.51
N THR C 245 -0.14 23.06 -46.23
CA THR C 245 -0.46 24.42 -46.68
C THR C 245 -0.82 25.32 -45.50
N ASN C 246 -1.88 24.97 -44.76
CA ASN C 246 -2.31 25.78 -43.64
C ASN C 246 -2.44 24.89 -42.41
N VAL C 247 -2.12 25.46 -41.25
CA VAL C 247 -1.78 24.72 -40.05
C VAL C 247 -2.26 25.50 -38.84
N SER C 248 -2.66 24.79 -37.79
CA SER C 248 -3.00 25.38 -36.50
C SER C 248 -2.01 24.94 -35.45
N THR C 249 -1.88 25.75 -34.40
CA THR C 249 -1.19 25.35 -33.18
C THR C 249 -2.23 24.90 -32.16
N VAL C 250 -1.88 23.85 -31.41
CA VAL C 250 -2.69 23.36 -30.32
C VAL C 250 -1.78 22.90 -29.19
N GLN C 251 -2.39 22.75 -28.02
CA GLN C 251 -1.74 22.17 -26.86
C GLN C 251 -1.88 20.66 -26.80
N CYS C 252 -2.88 20.10 -27.48
CA CYS C 252 -3.16 18.68 -27.38
C CYS C 252 -3.69 18.19 -28.73
N THR C 253 -3.46 16.91 -29.00
CA THR C 253 -4.01 16.26 -30.18
C THR C 253 -5.49 15.96 -29.96
N HIS C 254 -6.18 15.59 -31.04
CA HIS C 254 -7.56 15.18 -30.90
C HIS C 254 -7.61 13.80 -30.25
N GLY C 255 -8.81 13.26 -30.08
CA GLY C 255 -8.99 12.01 -29.36
C GLY C 255 -8.67 10.82 -30.25
N ILE C 256 -7.60 10.11 -29.91
CA ILE C 256 -7.17 8.93 -30.64
C ILE C 256 -7.41 7.71 -29.78
N LYS C 257 -8.08 6.71 -30.34
CA LYS C 257 -8.31 5.45 -29.65
C LYS C 257 -7.17 4.49 -29.96
N PRO C 258 -6.26 4.22 -29.01
CA PRO C 258 -5.14 3.35 -29.35
C PRO C 258 -5.57 1.90 -29.46
N VAL C 259 -6.17 1.57 -30.59
CA VAL C 259 -6.59 0.22 -30.88
C VAL C 259 -5.38 -0.59 -31.33
N VAL C 260 -5.39 -1.87 -31.00
CA VAL C 260 -4.40 -2.82 -31.49
C VAL C 260 -5.04 -3.62 -32.62
N SER C 261 -4.35 -3.69 -33.74
CA SER C 261 -4.84 -4.45 -34.89
C SER C 261 -3.65 -4.80 -35.77
N THR C 262 -3.89 -5.70 -36.71
CA THR C 262 -2.83 -6.22 -37.58
C THR C 262 -3.03 -5.84 -39.03
N GLN C 263 -4.23 -6.06 -39.58
CA GLN C 263 -4.53 -5.80 -40.98
C GLN C 263 -5.50 -4.65 -41.18
N LEU C 264 -6.61 -4.66 -40.46
CA LEU C 264 -7.64 -3.63 -40.58
C LEU C 264 -7.55 -2.66 -39.41
N LEU C 265 -7.80 -1.39 -39.70
CA LEU C 265 -7.74 -0.33 -38.70
C LEU C 265 -9.16 -0.10 -38.20
N LEU C 266 -9.35 -0.28 -36.90
CA LEU C 266 -10.67 -0.40 -36.29
C LEU C 266 -10.97 0.78 -35.38
N ASN C 267 -12.24 1.21 -35.41
CA ASN C 267 -12.72 2.32 -34.59
C ASN C 267 -11.83 3.55 -34.76
N GLY C 268 -11.48 3.85 -36.01
CA GLY C 268 -10.59 4.95 -36.35
C GLY C 268 -11.33 6.16 -36.87
N SER C 269 -10.66 6.92 -37.74
CA SER C 269 -11.20 8.15 -38.32
C SER C 269 -11.14 8.05 -39.83
N LEU C 270 -12.00 8.84 -40.48
CA LEU C 270 -12.22 8.75 -41.92
C LEU C 270 -11.49 9.87 -42.66
N ALA C 271 -11.26 9.64 -43.94
CA ALA C 271 -10.61 10.65 -44.77
C ALA C 271 -11.60 11.74 -45.14
N GLU C 272 -11.07 12.84 -45.69
CA GLU C 272 -11.88 14.01 -46.05
C GLU C 272 -12.47 13.80 -47.44
N GLU C 273 -13.68 13.26 -47.46
CA GLU C 273 -14.53 13.20 -48.64
C GLU C 273 -13.91 12.44 -49.80
N GLU C 274 -12.87 11.63 -49.55
CA GLU C 274 -12.21 10.91 -50.62
C GLU C 274 -11.26 9.90 -49.99
N VAL C 275 -11.26 8.69 -50.54
CA VAL C 275 -10.32 7.67 -50.08
C VAL C 275 -8.91 8.16 -50.38
N ILE C 276 -7.98 7.90 -49.46
CA ILE C 276 -6.61 8.37 -49.57
C ILE C 276 -5.68 7.18 -49.40
N ILE C 277 -4.58 7.21 -50.14
CA ILE C 277 -3.55 6.18 -50.12
C ILE C 277 -2.22 6.86 -49.84
N ARG C 278 -1.46 6.30 -48.89
CA ARG C 278 -0.21 6.89 -48.44
C ARG C 278 0.86 5.81 -48.29
N SER C 279 2.12 6.19 -48.52
CA SER C 279 3.21 5.23 -48.44
C SER C 279 4.53 5.96 -48.37
N GLU C 280 5.42 5.44 -47.52
CA GLU C 280 6.76 5.99 -47.40
C GLU C 280 7.48 5.95 -48.75
N ASN C 281 7.20 4.93 -49.55
CA ASN C 281 7.82 4.78 -50.85
C ASN C 281 6.82 4.10 -51.77
N ILE C 282 6.14 4.88 -52.60
CA ILE C 282 5.26 4.30 -53.60
C ILE C 282 6.03 3.39 -54.54
N THR C 283 7.23 3.83 -54.94
CA THR C 283 8.01 3.06 -55.90
C THR C 283 8.39 1.69 -55.32
N ASN C 284 8.94 1.67 -54.11
CA ASN C 284 9.38 0.42 -53.50
C ASN C 284 8.17 -0.34 -53.01
N ASN C 285 8.04 -1.59 -53.46
CA ASN C 285 6.92 -2.44 -53.05
C ASN C 285 7.15 -3.15 -51.73
N ALA C 286 8.31 -2.97 -51.10
CA ALA C 286 8.58 -3.60 -49.81
C ALA C 286 8.09 -2.79 -48.62
N LYS C 287 7.60 -1.57 -48.83
CA LYS C 287 7.08 -0.75 -47.74
C LYS C 287 5.61 -1.07 -47.47
N ASN C 288 5.21 -0.86 -46.22
CA ASN C 288 3.80 -0.94 -45.87
C ASN C 288 3.05 0.20 -46.54
N ILE C 289 1.76 -0.02 -46.80
CA ILE C 289 0.92 0.90 -47.56
C ILE C 289 -0.33 1.19 -46.75
N LEU C 290 -0.62 2.47 -46.54
CA LEU C 290 -1.73 2.91 -45.69
C LEU C 290 -2.92 3.33 -46.53
N VAL C 291 -4.09 2.74 -46.25
CA VAL C 291 -5.34 3.09 -46.89
C VAL C 291 -6.23 3.72 -45.85
N GLN C 292 -6.65 4.97 -46.09
CA GLN C 292 -7.59 5.66 -45.23
C GLN C 292 -8.88 5.89 -46.00
N LEU C 293 -9.99 5.49 -45.41
CA LEU C 293 -11.25 5.37 -46.13
C LEU C 293 -12.11 6.62 -45.96
N ASN C 294 -12.91 6.91 -46.99
CA ASN C 294 -13.87 8.00 -46.91
C ASN C 294 -15.09 7.61 -46.11
N GLU C 295 -15.54 6.36 -46.26
CA GLU C 295 -16.66 5.81 -45.50
C GLU C 295 -16.16 4.67 -44.62
N SER C 296 -16.73 4.58 -43.43
CA SER C 296 -16.45 3.46 -42.54
C SER C 296 -17.26 2.25 -42.94
N VAL C 297 -16.67 1.06 -42.75
CA VAL C 297 -17.32 -0.20 -43.05
C VAL C 297 -17.65 -0.88 -41.73
N GLN C 298 -18.92 -1.21 -41.53
CA GLN C 298 -19.32 -1.86 -40.30
C GLN C 298 -18.99 -3.35 -40.36
N ILE C 299 -18.48 -3.89 -39.26
CA ILE C 299 -18.22 -5.32 -39.12
C ILE C 299 -18.85 -5.80 -37.82
N ASN C 300 -19.61 -6.90 -37.90
CA ASN C 300 -20.25 -7.52 -36.74
C ASN C 300 -19.50 -8.82 -36.46
N CYS C 301 -18.64 -8.82 -35.44
CA CYS C 301 -17.88 -9.99 -35.04
C CYS C 301 -18.51 -10.60 -33.80
N THR C 302 -18.47 -11.93 -33.71
CA THR C 302 -19.14 -12.65 -32.64
C THR C 302 -18.37 -13.90 -32.27
N ARG C 303 -18.37 -14.20 -30.97
CA ARG C 303 -18.15 -15.55 -30.47
C ARG C 303 -19.49 -15.97 -29.87
N PRO C 304 -20.22 -16.91 -30.50
CA PRO C 304 -21.58 -17.19 -30.07
C PRO C 304 -21.69 -18.21 -28.97
N ASN C 305 -20.56 -18.70 -28.44
CA ASN C 305 -20.61 -19.79 -27.49
C ASN C 305 -20.92 -19.26 -26.10
N ASN C 306 -21.92 -19.86 -25.45
CA ASN C 306 -22.34 -19.48 -24.10
C ASN C 306 -21.49 -20.26 -23.10
N ASN C 307 -20.30 -19.72 -22.84
CA ASN C 307 -19.28 -20.42 -22.06
C ASN C 307 -19.24 -19.90 -20.62
N THR C 308 -18.59 -20.69 -19.77
CA THR C 308 -18.47 -20.45 -18.35
C THR C 308 -17.00 -20.50 -17.94
N ARG C 309 -16.75 -20.24 -16.67
CA ARG C 309 -15.41 -20.18 -16.11
C ARG C 309 -15.31 -21.14 -14.92
N LYS C 310 -14.10 -21.63 -14.68
CA LYS C 310 -13.78 -22.42 -13.50
C LYS C 310 -12.72 -21.66 -12.71
N SER C 311 -13.00 -21.41 -11.44
CA SER C 311 -12.07 -20.72 -10.56
C SER C 311 -11.21 -21.77 -9.87
N ILE C 312 -9.90 -21.72 -10.09
CA ILE C 312 -8.96 -22.68 -9.55
C ILE C 312 -8.03 -21.94 -8.60
N ARG C 313 -7.88 -22.49 -7.40
CA ARG C 313 -7.02 -21.91 -6.38
C ARG C 313 -5.62 -22.47 -6.50
N ILE C 314 -4.67 -21.62 -6.90
CA ILE C 314 -3.27 -22.02 -6.97
C ILE C 314 -2.55 -21.76 -5.67
N GLY C 315 -2.89 -20.67 -4.96
CA GLY C 315 -2.14 -20.27 -3.80
C GLY C 315 -2.78 -19.10 -3.06
N PRO C 316 -2.04 -18.50 -2.14
CA PRO C 316 -2.66 -17.54 -1.21
C PRO C 316 -3.04 -16.24 -1.90
N GLY C 317 -4.25 -16.20 -2.42
CA GLY C 317 -4.65 -15.11 -3.29
C GLY C 317 -4.22 -15.29 -4.72
N GLN C 318 -3.75 -16.48 -5.09
CA GLN C 318 -3.36 -16.82 -6.44
C GLN C 318 -4.51 -17.62 -7.03
N TRP C 319 -5.17 -17.04 -8.02
CA TRP C 319 -6.36 -17.63 -8.63
C TRP C 319 -6.23 -17.65 -10.14
N PHE C 320 -6.54 -18.80 -10.73
CA PHE C 320 -6.49 -18.99 -12.17
C PHE C 320 -7.89 -19.26 -12.71
N TYR C 321 -8.20 -18.63 -13.83
CA TYR C 321 -9.50 -18.75 -14.48
C TYR C 321 -9.36 -19.70 -15.67
N ALA C 322 -9.94 -20.89 -15.55
CA ALA C 322 -9.89 -21.90 -16.60
C ALA C 322 -11.17 -21.85 -17.44
N THR C 323 -11.01 -22.07 -18.73
CA THR C 323 -12.16 -22.12 -19.62
C THR C 323 -13.06 -23.29 -19.26
N GLY C 324 -14.30 -22.99 -18.91
CA GLY C 324 -15.27 -23.98 -18.52
C GLY C 324 -16.06 -24.50 -19.70
N ASP C 325 -17.12 -25.25 -19.39
CA ASP C 325 -17.97 -25.83 -20.42
C ASP C 325 -18.64 -24.74 -21.24
N ILE C 326 -19.25 -25.15 -22.35
CA ILE C 326 -20.04 -24.29 -23.22
C ILE C 326 -21.48 -24.76 -23.16
N ILE C 327 -22.38 -23.83 -22.84
CA ILE C 327 -23.81 -24.13 -22.87
C ILE C 327 -24.30 -24.02 -24.30
N GLY C 328 -24.96 -25.07 -24.78
CA GLY C 328 -25.54 -25.05 -26.11
C GLY C 328 -24.62 -25.55 -27.19
N ASP C 329 -25.11 -25.46 -28.41
CA ASP C 329 -24.37 -25.91 -29.57
C ASP C 329 -23.13 -25.03 -29.76
N ILE C 330 -22.01 -25.68 -30.06
CA ILE C 330 -20.72 -25.01 -30.20
C ILE C 330 -20.56 -24.64 -31.67
N ARG C 331 -20.41 -23.35 -31.94
CA ARG C 331 -20.26 -22.83 -33.28
C ARG C 331 -18.96 -22.05 -33.39
N GLN C 332 -18.68 -21.55 -34.58
CA GLN C 332 -17.44 -20.85 -34.84
C GLN C 332 -17.61 -19.35 -34.67
N ALA C 333 -16.69 -18.76 -33.92
CA ALA C 333 -16.63 -17.31 -33.85
C ALA C 333 -16.21 -16.76 -35.22
N HIS C 334 -16.95 -15.76 -35.70
CA HIS C 334 -16.70 -15.24 -37.03
C HIS C 334 -17.26 -13.84 -37.12
N CYS C 335 -17.04 -13.22 -38.27
CA CYS C 335 -17.46 -11.85 -38.53
C CYS C 335 -18.25 -11.75 -39.82
N ASN C 336 -19.33 -10.97 -39.77
CA ASN C 336 -20.12 -10.62 -40.94
C ASN C 336 -19.74 -9.23 -41.39
N VAL C 337 -19.48 -9.08 -42.68
CA VAL C 337 -19.14 -7.78 -43.28
C VAL C 337 -20.05 -7.57 -44.48
N SER C 338 -20.61 -6.37 -44.59
CA SER C 338 -21.49 -6.05 -45.70
C SER C 338 -20.77 -6.18 -47.03
N LYS C 339 -21.19 -7.17 -47.82
CA LYS C 339 -20.49 -7.47 -49.06
C LYS C 339 -20.51 -6.29 -50.02
N ALA C 340 -21.68 -5.68 -50.20
CA ALA C 340 -21.79 -4.53 -51.10
C ALA C 340 -20.94 -3.37 -50.60
N THR C 341 -20.95 -3.14 -49.30
CA THR C 341 -20.11 -2.09 -48.74
C THR C 341 -18.65 -2.35 -49.06
N TRP C 342 -18.22 -3.60 -48.89
CA TRP C 342 -16.82 -3.94 -49.14
C TRP C 342 -16.47 -3.72 -50.61
N ASN C 343 -17.33 -4.17 -51.52
CA ASN C 343 -16.95 -4.07 -52.93
C ASN C 343 -16.95 -2.64 -53.42
N GLU C 344 -17.94 -1.84 -52.98
CA GLU C 344 -17.93 -0.42 -53.32
C GLU C 344 -16.69 0.27 -52.76
N THR C 345 -16.37 -0.02 -51.50
CA THR C 345 -15.19 0.58 -50.89
C THR C 345 -13.95 0.21 -51.66
N LEU C 346 -13.85 -1.05 -52.07
CA LEU C 346 -12.63 -1.47 -52.74
C LEU C 346 -12.55 -0.92 -54.15
N GLY C 347 -13.71 -0.68 -54.77
CA GLY C 347 -13.68 0.06 -56.03
C GLY C 347 -13.11 1.45 -55.85
N LYS C 348 -13.52 2.13 -54.78
CA LYS C 348 -12.96 3.45 -54.50
C LYS C 348 -11.46 3.36 -54.25
N VAL C 349 -11.04 2.36 -53.48
CA VAL C 349 -9.63 2.13 -53.23
C VAL C 349 -8.90 1.88 -54.54
N VAL C 350 -9.53 1.14 -55.45
CA VAL C 350 -8.88 0.81 -56.72
C VAL C 350 -8.70 2.07 -57.55
N LYS C 351 -9.69 2.95 -57.52
CA LYS C 351 -9.53 4.24 -58.20
C LYS C 351 -8.33 4.99 -57.63
N GLN C 352 -8.22 5.04 -56.31
CA GLN C 352 -7.10 5.76 -55.70
C GLN C 352 -5.78 5.08 -56.04
N LEU C 353 -5.76 3.76 -56.09
CA LEU C 353 -4.58 3.04 -56.50
C LEU C 353 -4.20 3.38 -57.93
N ARG C 354 -5.19 3.45 -58.81
CA ARG C 354 -4.97 3.77 -60.21
C ARG C 354 -4.41 5.17 -60.38
N LYS C 355 -4.73 6.07 -59.45
CA LYS C 355 -4.15 7.42 -59.49
C LYS C 355 -2.63 7.35 -59.49
N HIS C 356 -2.05 6.38 -58.80
CA HIS C 356 -0.60 6.22 -58.69
C HIS C 356 -0.03 5.23 -59.69
N PHE C 357 -0.75 4.13 -59.93
CA PHE C 357 -0.25 3.04 -60.75
C PHE C 357 -0.94 2.94 -62.10
N GLY C 358 -1.69 3.97 -62.51
CA GLY C 358 -2.32 3.97 -63.82
C GLY C 358 -3.72 3.41 -63.79
N ASN C 359 -4.62 4.00 -64.58
CA ASN C 359 -6.01 3.58 -64.65
C ASN C 359 -6.31 2.66 -65.83
N ASN C 360 -5.29 2.18 -66.54
CA ASN C 360 -5.42 1.06 -67.48
C ASN C 360 -4.65 -0.17 -67.00
N THR C 361 -3.97 -0.08 -65.85
CA THR C 361 -3.27 -1.21 -65.26
C THR C 361 -4.28 -2.14 -64.61
N ILE C 362 -3.91 -3.41 -64.48
CA ILE C 362 -4.77 -4.42 -63.85
C ILE C 362 -4.38 -4.58 -62.39
N ILE C 363 -5.37 -4.56 -61.51
CA ILE C 363 -5.16 -4.62 -60.06
C ILE C 363 -5.86 -5.86 -59.54
N ARG C 364 -5.21 -6.54 -58.59
CA ARG C 364 -5.76 -7.72 -57.94
C ARG C 364 -5.51 -7.62 -56.45
N PHE C 365 -6.47 -8.08 -55.66
CA PHE C 365 -6.29 -8.32 -54.24
C PHE C 365 -6.23 -9.82 -53.97
N ALA C 366 -5.16 -10.24 -53.30
CA ALA C 366 -4.97 -11.61 -52.88
C ALA C 366 -4.77 -11.62 -51.38
N ASN C 367 -4.88 -12.81 -50.80
CA ASN C 367 -4.75 -12.94 -49.35
C ASN C 367 -3.28 -12.77 -48.96
N SER C 368 -3.03 -12.72 -47.65
CA SER C 368 -1.68 -12.58 -47.16
C SER C 368 -0.88 -13.84 -47.44
N SER C 369 0.41 -13.76 -47.20
CA SER C 369 1.28 -14.92 -47.32
C SER C 369 1.14 -15.82 -46.10
N GLY C 370 1.94 -16.87 -46.06
CA GLY C 370 1.97 -17.72 -44.89
C GLY C 370 2.67 -17.05 -43.72
N GLY C 371 2.56 -17.69 -42.56
CA GLY C 371 3.21 -17.23 -41.36
C GLY C 371 2.33 -17.50 -40.15
N ASP C 372 2.79 -17.04 -38.99
CA ASP C 372 2.02 -17.22 -37.78
C ASP C 372 0.70 -16.48 -37.87
N LEU C 373 -0.25 -16.87 -37.02
CA LEU C 373 -1.55 -16.24 -37.03
C LEU C 373 -1.47 -14.76 -36.70
N GLU C 374 -0.42 -14.34 -35.98
CA GLU C 374 -0.32 -12.96 -35.53
C GLU C 374 -0.14 -11.99 -36.68
N VAL C 375 0.35 -12.44 -37.82
CA VAL C 375 0.57 -11.57 -38.97
C VAL C 375 -0.29 -11.95 -40.17
N THR C 376 -0.59 -13.23 -40.35
CA THR C 376 -1.35 -13.65 -41.51
C THR C 376 -2.81 -13.24 -41.44
N THR C 377 -3.46 -13.39 -40.29
CA THR C 377 -4.86 -13.07 -40.13
C THR C 377 -5.04 -11.63 -39.69
N HIS C 378 -6.29 -11.19 -39.67
CA HIS C 378 -6.65 -9.94 -39.02
C HIS C 378 -6.94 -10.23 -37.56
N SER C 379 -6.09 -9.72 -36.67
CA SER C 379 -6.19 -10.00 -35.25
C SER C 379 -6.71 -8.78 -34.52
N PHE C 380 -7.54 -9.00 -33.52
CA PHE C 380 -7.99 -7.87 -32.72
C PHE C 380 -8.54 -8.37 -31.40
N ASN C 381 -8.77 -7.42 -30.50
CA ASN C 381 -9.29 -7.72 -29.16
C ASN C 381 -10.75 -7.33 -29.12
N CYS C 382 -11.61 -8.27 -28.73
CA CYS C 382 -13.05 -8.06 -28.58
C CYS C 382 -13.37 -8.33 -27.12
N GLY C 383 -13.55 -7.24 -26.37
CA GLY C 383 -13.94 -7.32 -24.97
C GLY C 383 -12.97 -8.05 -24.06
N GLY C 384 -11.74 -8.28 -24.51
CA GLY C 384 -10.78 -9.10 -23.80
C GLY C 384 -10.35 -10.33 -24.56
N GLU C 385 -11.25 -10.95 -25.30
CA GLU C 385 -10.86 -12.11 -26.09
C GLU C 385 -10.05 -11.62 -27.29
N PHE C 386 -9.37 -12.55 -27.94
CA PHE C 386 -8.51 -12.26 -29.09
C PHE C 386 -9.01 -13.05 -30.29
N PHE C 387 -9.58 -12.34 -31.26
CA PHE C 387 -10.07 -12.95 -32.49
C PHE C 387 -8.96 -12.89 -33.54
N TYR C 388 -8.89 -13.96 -34.36
CA TYR C 388 -7.91 -14.10 -35.44
C TYR C 388 -8.65 -14.53 -36.70
N CYS C 389 -8.93 -13.59 -37.60
CA CYS C 389 -9.90 -13.82 -38.68
C CYS C 389 -9.23 -13.98 -40.03
N ASN C 390 -9.66 -15.02 -40.74
CA ASN C 390 -9.23 -15.33 -42.11
C ASN C 390 -9.80 -14.26 -43.04
N THR C 391 -8.96 -13.31 -43.42
CA THR C 391 -9.38 -12.24 -44.32
C THR C 391 -9.28 -12.62 -45.79
N SER C 392 -8.98 -13.88 -46.10
CA SER C 392 -8.94 -14.29 -47.50
C SER C 392 -10.30 -14.16 -48.17
N GLY C 393 -11.38 -14.21 -47.40
CA GLY C 393 -12.70 -13.95 -47.97
C GLY C 393 -12.97 -12.51 -48.34
N LEU C 394 -12.07 -11.59 -48.01
CA LEU C 394 -12.22 -10.17 -48.28
C LEU C 394 -11.42 -9.73 -49.51
N PHE C 395 -10.14 -10.05 -49.55
CA PHE C 395 -9.21 -9.51 -50.54
C PHE C 395 -9.03 -10.50 -51.68
N ASN C 396 -10.09 -10.64 -52.47
CA ASN C 396 -10.18 -11.66 -53.51
C ASN C 396 -10.48 -11.13 -54.90
N SER C 397 -10.99 -9.91 -55.02
CA SER C 397 -11.55 -9.45 -56.27
C SER C 397 -10.48 -8.87 -57.20
N THR C 398 -10.84 -8.80 -58.48
CA THR C 398 -9.97 -8.30 -59.54
C THR C 398 -10.69 -7.20 -60.30
N TRP C 399 -9.89 -6.31 -60.90
CA TRP C 399 -10.38 -5.07 -61.48
C TRP C 399 -9.80 -4.92 -62.88
N ILE C 400 -10.62 -4.42 -63.79
CA ILE C 400 -10.23 -4.15 -65.16
C ILE C 400 -10.83 -2.80 -65.54
N SER C 401 -10.34 -2.25 -66.65
CA SER C 401 -10.87 -0.98 -67.15
C SER C 401 -12.27 -1.22 -67.70
N ASN C 402 -13.23 -1.28 -66.77
CA ASN C 402 -14.63 -1.44 -67.15
C ASN C 402 -15.08 -0.29 -68.05
N THR C 403 -14.61 0.92 -67.75
CA THR C 403 -14.76 2.09 -68.61
C THR C 403 -13.38 2.59 -68.95
N SER C 404 -13.07 2.68 -70.24
CA SER C 404 -11.73 3.05 -70.67
C SER C 404 -11.38 4.50 -70.34
N SER C 413 -26.92 -5.29 -50.96
CA SER C 413 -27.95 -6.13 -50.38
C SER C 413 -27.57 -6.58 -48.98
N ASN C 414 -28.33 -7.52 -48.40
CA ASN C 414 -28.10 -8.00 -47.05
C ASN C 414 -27.15 -9.19 -47.00
N ASP C 415 -26.61 -9.63 -48.12
CA ASP C 415 -25.64 -10.72 -48.14
C ASP C 415 -24.38 -10.25 -47.43
N SER C 416 -23.86 -11.11 -46.56
CA SER C 416 -22.69 -10.81 -45.75
C SER C 416 -21.55 -11.75 -46.08
N ILE C 417 -20.36 -11.18 -46.20
CA ILE C 417 -19.12 -11.95 -46.26
C ILE C 417 -18.86 -12.49 -44.87
N THR C 418 -18.61 -13.79 -44.79
CA THR C 418 -18.30 -14.46 -43.54
C THR C 418 -16.79 -14.63 -43.41
N LEU C 419 -16.25 -14.25 -42.26
CA LEU C 419 -14.84 -14.40 -41.95
C LEU C 419 -14.72 -15.29 -40.72
N PRO C 420 -14.41 -16.58 -40.87
CA PRO C 420 -14.15 -17.40 -39.68
C PRO C 420 -12.98 -16.85 -38.88
N CYS C 421 -13.11 -16.92 -37.57
CA CYS C 421 -12.12 -16.36 -36.66
C CYS C 421 -11.77 -17.39 -35.60
N ARG C 422 -10.47 -17.61 -35.41
CA ARG C 422 -9.97 -18.49 -34.38
C ARG C 422 -9.82 -17.72 -33.07
N ILE C 423 -9.91 -18.46 -31.97
CA ILE C 423 -9.80 -17.91 -30.61
C ILE C 423 -8.54 -18.48 -29.98
N LYS C 424 -7.70 -17.60 -29.47
CA LYS C 424 -6.42 -17.98 -28.88
C LYS C 424 -6.26 -17.27 -27.55
N GLN C 425 -5.96 -18.04 -26.51
CA GLN C 425 -5.89 -17.50 -25.15
C GLN C 425 -4.47 -17.20 -24.70
N ILE C 426 -3.45 -17.71 -25.38
CA ILE C 426 -2.07 -17.34 -25.15
C ILE C 426 -1.69 -16.32 -26.19
N ILE C 427 -1.17 -15.17 -25.75
CA ILE C 427 -0.89 -14.03 -26.62
C ILE C 427 0.57 -13.66 -26.45
N ASN C 428 1.29 -13.59 -27.58
CA ASN C 428 2.64 -13.03 -27.60
C ASN C 428 2.49 -11.54 -27.92
N MET C 429 2.22 -10.74 -26.88
CA MET C 429 1.82 -9.37 -27.11
C MET C 429 3.02 -8.59 -27.64
N TRP C 430 2.77 -7.64 -28.54
CA TRP C 430 3.83 -6.83 -29.15
C TRP C 430 4.86 -7.66 -29.89
N GLN C 431 4.51 -8.90 -30.28
CA GLN C 431 5.44 -9.78 -30.98
C GLN C 431 6.70 -10.03 -30.14
N ARG C 432 6.55 -9.94 -28.82
CA ARG C 432 7.68 -10.15 -27.93
C ARG C 432 8.05 -11.62 -27.87
N ILE C 433 9.35 -11.87 -27.77
CA ILE C 433 9.84 -13.19 -27.40
C ILE C 433 9.62 -13.33 -25.91
N GLY C 434 8.97 -14.39 -25.50
CA GLY C 434 8.61 -14.55 -24.12
C GLY C 434 7.60 -13.50 -23.66
N GLN C 435 7.55 -13.29 -22.35
CA GLN C 435 6.61 -12.35 -21.73
C GLN C 435 5.17 -12.71 -22.12
N ALA C 436 4.89 -14.00 -22.15
CA ALA C 436 3.58 -14.45 -22.59
C ALA C 436 2.50 -13.96 -21.64
N MET C 437 1.30 -13.76 -22.20
CA MET C 437 0.14 -13.33 -21.44
C MET C 437 -1.02 -14.28 -21.68
N TYR C 438 -1.65 -14.72 -20.60
CA TYR C 438 -2.80 -15.62 -20.65
C TYR C 438 -4.07 -14.79 -20.56
N ALA C 439 -4.84 -14.76 -21.65
CA ALA C 439 -6.12 -14.06 -21.63
C ALA C 439 -7.11 -14.90 -20.84
N PRO C 440 -7.73 -14.40 -19.78
CA PRO C 440 -8.70 -15.21 -19.06
C PRO C 440 -9.97 -15.36 -19.86
N PRO C 441 -10.75 -16.41 -19.62
CA PRO C 441 -12.02 -16.55 -20.33
C PRO C 441 -13.02 -15.50 -19.87
N ILE C 442 -14.04 -15.27 -20.70
CA ILE C 442 -15.12 -14.36 -20.40
C ILE C 442 -16.43 -15.09 -20.56
N GLN C 443 -17.33 -14.92 -19.61
CA GLN C 443 -18.59 -15.65 -19.60
C GLN C 443 -19.52 -15.14 -20.69
N GLY C 444 -20.28 -16.07 -21.26
CA GLY C 444 -21.38 -15.71 -22.14
C GLY C 444 -20.95 -15.50 -23.58
N VAL C 445 -21.90 -14.97 -24.34
CA VAL C 445 -21.74 -14.72 -25.77
C VAL C 445 -21.24 -13.30 -25.95
N ILE C 446 -20.35 -13.09 -26.92
CA ILE C 446 -19.77 -11.76 -27.13
C ILE C 446 -20.04 -11.31 -28.56
N ARG C 447 -20.42 -10.05 -28.69
CA ARG C 447 -20.67 -9.40 -29.97
C ARG C 447 -20.00 -8.04 -29.97
N CYS C 448 -19.00 -7.88 -30.83
CA CYS C 448 -18.36 -6.59 -31.06
C CYS C 448 -18.78 -6.07 -32.42
N VAL C 449 -19.11 -4.78 -32.47
CA VAL C 449 -19.46 -4.09 -33.71
C VAL C 449 -18.42 -2.99 -33.88
N SER C 450 -17.81 -2.91 -35.05
CA SER C 450 -16.68 -2.01 -35.24
C SER C 450 -16.70 -1.31 -36.59
N ASN C 451 -16.11 -0.12 -36.57
CA ASN C 451 -15.86 0.67 -37.76
C ASN C 451 -14.49 0.30 -38.29
N ILE C 452 -14.43 -0.21 -39.50
CA ILE C 452 -13.18 -0.29 -40.26
C ILE C 452 -13.04 1.06 -40.96
N THR C 453 -11.97 1.77 -40.65
CA THR C 453 -11.70 3.07 -41.26
C THR C 453 -10.46 3.07 -42.14
N GLY C 454 -9.89 1.91 -42.43
CA GLY C 454 -8.65 1.86 -43.19
C GLY C 454 -7.96 0.54 -42.96
N LEU C 455 -6.82 0.39 -43.63
CA LEU C 455 -6.13 -0.88 -43.60
C LEU C 455 -4.72 -0.75 -44.16
N ILE C 456 -4.00 -1.87 -44.11
CA ILE C 456 -2.60 -1.94 -44.53
C ILE C 456 -2.52 -2.84 -45.76
N LEU C 457 -1.55 -2.57 -46.62
CA LEU C 457 -1.28 -3.41 -47.79
C LEU C 457 0.21 -3.52 -48.06
N THR C 458 0.57 -4.60 -48.76
CA THR C 458 1.87 -4.77 -49.38
C THR C 458 1.67 -5.22 -50.82
N ARG C 459 2.62 -4.83 -51.67
CA ARG C 459 2.47 -4.97 -53.11
C ARG C 459 3.43 -6.01 -53.67
N ASP C 460 2.86 -6.92 -54.46
CA ASP C 460 3.61 -7.78 -55.36
C ASP C 460 3.51 -7.17 -56.75
N GLY C 461 4.62 -6.63 -57.23
CA GLY C 461 4.60 -5.90 -58.47
C GLY C 461 4.55 -6.81 -59.68
N GLY C 462 4.37 -6.18 -60.84
CA GLY C 462 4.35 -6.92 -62.08
C GLY C 462 5.69 -7.44 -62.53
N SER C 463 6.78 -6.98 -61.89
CA SER C 463 8.14 -7.45 -62.19
C SER C 463 8.44 -7.07 -63.64
N THR C 464 8.82 -8.02 -64.50
CA THR C 464 9.23 -7.66 -65.86
C THR C 464 8.06 -7.13 -66.68
N ASN C 465 6.94 -7.85 -66.70
CA ASN C 465 5.83 -7.46 -67.55
C ASN C 465 5.25 -6.11 -67.12
N SER C 466 5.16 -5.87 -65.82
CA SER C 466 4.67 -4.61 -65.28
C SER C 466 3.27 -4.29 -65.79
N THR C 467 2.47 -5.34 -65.96
CA THR C 467 1.08 -5.22 -66.39
C THR C 467 0.08 -5.36 -65.27
N THR C 468 0.32 -6.27 -64.32
CA THR C 468 -0.59 -6.51 -63.21
C THR C 468 0.15 -6.28 -61.91
N GLU C 469 -0.52 -5.63 -60.97
CA GLU C 469 0.01 -5.40 -59.64
C GLU C 469 -0.96 -6.01 -58.65
N THR C 470 -0.44 -6.84 -57.74
CA THR C 470 -1.25 -7.56 -56.78
C THR C 470 -1.00 -6.97 -55.39
N PHE C 471 -2.03 -6.98 -54.57
CA PHE C 471 -2.02 -6.41 -53.23
C PHE C 471 -2.46 -7.47 -52.22
N ARG C 472 -1.80 -7.46 -51.06
CA ARG C 472 -2.09 -8.41 -49.99
C ARG C 472 -2.13 -7.66 -48.66
N PRO C 473 -2.91 -8.14 -47.68
CA PRO C 473 -2.89 -7.46 -46.37
C PRO C 473 -1.51 -7.53 -45.74
N GLY C 474 -1.19 -6.50 -44.97
CA GLY C 474 0.10 -6.41 -44.31
C GLY C 474 -0.04 -5.99 -42.87
N GLY C 475 0.88 -5.14 -42.40
CA GLY C 475 0.80 -4.61 -41.07
C GLY C 475 1.36 -5.54 -40.02
N GLY C 476 0.71 -5.59 -38.86
CA GLY C 476 1.21 -6.30 -37.72
C GLY C 476 2.12 -5.49 -36.81
N ASP C 477 2.68 -4.38 -37.30
CA ASP C 477 3.51 -3.48 -36.52
C ASP C 477 2.64 -2.30 -36.09
N MET C 478 2.42 -2.15 -34.77
CA MET C 478 1.45 -1.16 -34.32
C MET C 478 1.91 0.26 -34.61
N ARG C 479 3.19 0.48 -34.90
CA ARG C 479 3.65 1.77 -35.39
C ARG C 479 2.79 2.23 -36.57
N ASP C 480 2.50 1.31 -37.48
CA ASP C 480 1.60 1.60 -38.58
C ASP C 480 0.17 1.84 -38.13
N ASN C 481 -0.26 1.17 -37.05
CA ASN C 481 -1.60 1.45 -36.54
C ASN C 481 -1.69 2.87 -35.99
N TRP C 482 -0.65 3.32 -35.30
CA TRP C 482 -0.64 4.70 -34.83
C TRP C 482 -0.63 5.66 -35.99
N ARG C 483 0.31 5.46 -36.93
CA ARG C 483 0.65 6.47 -37.91
C ARG C 483 -0.53 6.85 -38.78
N SER C 484 -1.49 5.94 -38.96
CA SER C 484 -2.64 6.20 -39.81
C SER C 484 -3.45 7.39 -39.33
N GLU C 485 -3.86 7.41 -38.08
CA GLU C 485 -4.65 8.51 -37.52
C GLU C 485 -3.80 9.64 -36.98
N LEU C 486 -2.59 9.33 -36.52
CA LEU C 486 -1.66 10.36 -36.07
C LEU C 486 -0.73 10.72 -37.22
N TYR C 487 -1.27 11.50 -38.16
CA TYR C 487 -0.52 11.96 -39.32
C TYR C 487 -0.64 13.44 -39.58
N LYS C 488 -1.44 14.18 -38.82
CA LYS C 488 -1.58 15.62 -38.99
C LYS C 488 -0.67 16.41 -38.06
N TYR C 489 0.16 15.74 -37.27
CA TYR C 489 0.73 16.34 -36.08
C TYR C 489 2.24 16.42 -36.14
N LYS C 490 2.78 17.46 -35.50
CA LYS C 490 4.21 17.56 -35.27
C LYS C 490 4.51 18.37 -34.00
N VAL C 491 5.35 17.80 -33.15
CA VAL C 491 5.92 18.49 -31.98
C VAL C 491 6.85 19.57 -32.50
N VAL C 492 6.89 20.70 -31.80
CA VAL C 492 7.81 21.78 -32.16
C VAL C 492 8.37 22.42 -30.90
N LYS C 493 9.70 22.51 -30.88
CA LYS C 493 10.45 23.31 -29.91
C LYS C 493 10.17 24.77 -30.17
N ILE C 494 9.78 25.51 -29.14
CA ILE C 494 9.66 26.96 -29.23
C ILE C 494 10.96 27.58 -28.75
N GLU C 495 11.38 28.67 -29.39
CA GLU C 495 12.62 29.37 -29.08
C GLU C 495 12.31 30.86 -28.98
N PRO C 496 11.76 31.32 -27.85
CA PRO C 496 11.22 32.69 -27.80
C PRO C 496 12.26 33.80 -27.85
N LEU C 497 13.55 33.49 -27.86
CA LEU C 497 14.63 34.47 -27.76
C LEU C 497 15.35 34.60 -29.10
N GLY C 498 15.66 35.83 -29.48
CA GLY C 498 16.44 36.10 -30.66
C GLY C 498 16.97 37.53 -30.62
N VAL C 499 17.66 37.92 -31.69
CA VAL C 499 18.20 39.26 -31.83
C VAL C 499 17.93 39.77 -33.23
N ALA C 500 18.02 41.09 -33.39
CA ALA C 500 17.88 41.68 -34.72
C ALA C 500 18.44 43.09 -34.70
N PRO C 501 18.77 43.66 -35.86
CA PRO C 501 19.22 45.06 -35.89
C PRO C 501 18.08 46.05 -35.71
N THR C 502 18.46 47.26 -35.29
CA THR C 502 17.56 48.40 -35.33
C THR C 502 18.37 49.68 -35.18
N ARG C 503 17.84 50.76 -35.74
CA ARG C 503 18.49 52.07 -35.60
C ARG C 503 18.61 52.49 -34.15
N CYS C 504 17.68 52.05 -33.29
CA CYS C 504 17.69 52.47 -31.90
C CYS C 504 18.93 51.91 -31.21
N LYS C 505 19.40 52.63 -30.19
CA LYS C 505 20.65 52.21 -29.49
C LYS C 505 20.38 52.05 -27.99
N ARG C 506 21.35 51.50 -27.25
CA ARG C 506 21.19 51.30 -25.79
C ARG C 506 21.16 52.66 -25.09
N ARG C 507 20.21 52.86 -24.17
CA ARG C 507 20.10 54.15 -23.44
C ARG C 507 20.62 53.96 -22.02
N GLY D 12 -3.43 34.66 -29.39
CA GLY D 12 -2.94 34.10 -30.64
C GLY D 12 -1.50 33.64 -30.55
N PHE D 13 -1.24 32.69 -29.66
CA PHE D 13 0.11 32.18 -29.46
C PHE D 13 0.68 31.64 -30.75
N LEU D 14 1.74 32.29 -31.22
CA LEU D 14 2.39 32.01 -32.50
C LEU D 14 1.52 32.39 -33.69
N GLY D 15 0.42 33.11 -33.46
CA GLY D 15 -0.46 33.46 -34.56
C GLY D 15 0.20 34.34 -35.59
N ALA D 16 1.22 35.09 -35.22
CA ALA D 16 1.94 35.99 -36.12
C ALA D 16 3.23 35.38 -36.65
N ALA D 17 3.39 34.05 -36.59
CA ALA D 17 4.64 33.43 -37.01
C ALA D 17 4.93 33.71 -38.48
N GLY D 18 3.91 33.63 -39.33
CA GLY D 18 4.05 34.02 -40.72
C GLY D 18 4.06 35.50 -40.95
N SER D 19 3.63 36.29 -39.97
CA SER D 19 3.70 37.73 -40.12
C SER D 19 5.16 38.16 -40.18
N THR D 20 5.41 39.25 -40.90
CA THR D 20 6.75 39.80 -40.91
C THR D 20 7.11 40.32 -39.54
N MET D 21 8.38 40.68 -39.37
CA MET D 21 8.89 41.02 -38.04
C MET D 21 8.17 42.23 -37.46
N GLY D 22 7.93 43.24 -38.27
CA GLY D 22 7.36 44.47 -37.76
C GLY D 22 6.01 44.26 -37.12
N ALA D 23 5.13 43.55 -37.81
CA ALA D 23 3.85 43.20 -37.22
C ALA D 23 4.03 42.13 -36.14
N ALA D 24 4.92 41.17 -36.38
CA ALA D 24 5.06 40.03 -35.47
C ALA D 24 5.51 40.47 -34.08
N SER D 25 6.35 41.50 -34.02
CA SER D 25 6.88 41.96 -32.75
C SER D 25 5.80 42.57 -31.86
N MET D 26 4.60 42.82 -32.39
CA MET D 26 3.50 43.24 -31.55
C MET D 26 2.94 42.10 -30.69
N THR D 27 3.34 40.86 -30.94
CA THR D 27 2.88 39.69 -30.19
C THR D 27 3.98 39.10 -29.30
N LEU D 28 5.01 39.89 -29.01
CA LEU D 28 6.07 39.43 -28.13
C LEU D 28 5.55 39.16 -26.72
N THR D 29 4.66 40.01 -26.21
CA THR D 29 4.02 39.72 -24.94
C THR D 29 3.22 38.42 -25.01
N VAL D 30 2.53 38.19 -26.12
CA VAL D 30 1.71 37.00 -26.28
C VAL D 30 2.57 35.74 -26.15
N GLN D 31 3.70 35.71 -26.86
CA GLN D 31 4.57 34.53 -26.77
C GLN D 31 5.29 34.46 -25.42
N ALA D 32 5.88 35.56 -24.97
CA ALA D 32 6.68 35.54 -23.76
C ALA D 32 5.86 35.18 -22.54
N ARG D 33 4.56 35.51 -22.54
CA ARG D 33 3.69 35.10 -21.45
C ARG D 33 3.67 33.60 -21.29
N ASN D 34 3.88 32.86 -22.37
CA ASN D 34 3.76 31.41 -22.35
C ASN D 34 5.06 30.72 -21.99
N LEU D 35 6.10 31.47 -21.64
CA LEU D 35 7.32 30.83 -21.14
C LEU D 35 6.97 30.07 -19.88
N LEU D 36 7.04 28.75 -19.95
CA LEU D 36 6.80 27.89 -18.80
C LEU D 36 5.43 28.17 -18.18
N SER D 37 4.41 28.29 -19.04
CA SER D 37 3.05 28.40 -18.54
C SER D 37 2.64 27.18 -17.73
N GLY D 38 3.30 26.04 -17.93
CA GLY D 38 3.13 24.90 -17.05
C GLY D 38 3.50 25.18 -15.60
N ILE D 39 4.24 26.26 -15.35
CA ILE D 39 4.49 26.66 -13.96
C ILE D 39 3.18 27.05 -13.28
N VAL D 40 2.22 27.57 -14.03
CA VAL D 40 0.89 27.88 -13.49
C VAL D 40 -0.13 26.81 -13.87
N GLN D 41 -0.12 26.38 -15.14
CA GLN D 41 -1.15 25.46 -15.61
C GLN D 41 -1.13 24.15 -14.84
N GLN D 42 0.05 23.54 -14.69
CA GLN D 42 0.14 22.31 -13.91
C GLN D 42 -0.30 22.54 -12.48
N GLN D 43 -0.01 23.73 -11.94
CA GLN D 43 -0.50 24.05 -10.62
C GLN D 43 -1.99 24.34 -10.66
N SER D 44 -2.46 24.91 -11.76
CA SER D 44 -3.89 25.10 -11.96
C SER D 44 -4.60 23.80 -12.27
N ASN D 45 -3.86 22.77 -12.73
CA ASN D 45 -4.42 21.44 -12.91
C ASN D 45 -4.37 20.61 -11.62
N LEU D 46 -4.10 21.24 -10.47
CA LEU D 46 -4.03 20.54 -9.19
C LEU D 46 -3.02 19.39 -9.24
N LEU D 47 -1.85 19.67 -9.81
CA LEU D 47 -0.84 18.64 -10.09
C LEU D 47 -1.43 17.52 -10.93
N ARG D 48 -2.31 17.92 -11.85
CA ARG D 48 -2.98 17.11 -12.88
C ARG D 48 -4.07 16.16 -12.38
N ALA D 49 -4.02 15.74 -11.12
CA ALA D 49 -5.06 14.95 -10.45
C ALA D 49 -4.52 14.47 -9.12
N PRO D 50 -5.35 14.00 -8.20
CA PRO D 50 -4.83 13.09 -7.17
C PRO D 50 -4.45 11.74 -7.77
N GLU D 51 -5.25 11.29 -8.74
CA GLU D 51 -5.04 9.98 -9.33
C GLU D 51 -3.78 9.97 -10.18
N CYS D 52 -3.43 11.09 -10.80
CA CYS D 52 -2.15 11.19 -11.50
C CYS D 52 -1.00 11.02 -10.52
N GLN D 53 -1.10 11.61 -9.33
CA GLN D 53 -0.06 11.45 -8.33
C GLN D 53 0.04 9.99 -7.92
N GLN D 54 -1.09 9.33 -7.73
CA GLN D 54 -1.08 7.91 -7.39
C GLN D 54 -0.43 7.09 -8.51
N HIS D 55 -0.77 7.40 -9.77
CA HIS D 55 -0.16 6.69 -10.89
C HIS D 55 1.34 6.89 -10.93
N LEU D 56 1.79 8.13 -10.76
CA LEU D 56 3.22 8.41 -10.81
C LEU D 56 3.97 7.66 -9.73
N LEU D 57 3.43 7.61 -8.52
CA LEU D 57 4.13 6.88 -7.48
C LEU D 57 4.06 5.38 -7.70
N LYS D 58 2.93 4.87 -8.21
CA LYS D 58 2.79 3.44 -8.38
C LYS D 58 3.69 2.90 -9.49
N LEU D 59 3.67 3.55 -10.66
CA LEU D 59 4.51 3.18 -11.79
C LEU D 59 5.67 4.16 -11.84
N THR D 60 6.84 3.68 -11.47
CA THR D 60 8.01 4.54 -11.34
C THR D 60 8.42 5.15 -12.66
N VAL D 61 8.21 4.43 -13.77
CA VAL D 61 8.76 4.88 -15.04
C VAL D 61 8.16 6.21 -15.44
N TRP D 62 6.84 6.36 -15.34
CA TRP D 62 6.28 7.65 -15.68
C TRP D 62 6.54 8.68 -14.61
N GLY D 63 6.76 8.23 -13.37
CA GLY D 63 7.29 9.13 -12.37
C GLY D 63 8.53 9.84 -12.85
N ILE D 64 9.57 9.08 -13.19
CA ILE D 64 10.81 9.69 -13.64
C ILE D 64 10.61 10.43 -14.94
N LYS D 65 9.75 9.93 -15.83
CA LYS D 65 9.55 10.60 -17.12
C LYS D 65 8.95 11.99 -16.94
N GLN D 66 7.83 12.06 -16.23
CA GLN D 66 7.11 13.32 -16.06
C GLN D 66 7.91 14.28 -15.18
N LEU D 67 8.62 13.75 -14.19
CA LEU D 67 9.53 14.55 -13.39
C LEU D 67 10.65 15.12 -14.25
N GLN D 68 11.20 14.30 -15.15
CA GLN D 68 12.23 14.75 -16.08
C GLN D 68 11.71 15.88 -16.95
N ALA D 69 10.48 15.73 -17.43
CA ALA D 69 9.89 16.79 -18.25
C ALA D 69 9.84 18.10 -17.46
N ARG D 70 9.36 18.05 -16.23
CA ARG D 70 9.26 19.28 -15.45
C ARG D 70 10.63 19.90 -15.19
N VAL D 71 11.62 19.08 -14.84
CA VAL D 71 12.93 19.67 -14.52
C VAL D 71 13.58 20.24 -15.78
N LEU D 72 13.41 19.57 -16.92
CA LEU D 72 13.93 20.16 -18.17
C LEU D 72 13.26 21.48 -18.48
N ALA D 73 11.95 21.57 -18.25
CA ALA D 73 11.27 22.85 -18.51
C ALA D 73 11.81 23.93 -17.59
N VAL D 74 11.99 23.62 -16.31
CA VAL D 74 12.53 24.60 -15.38
C VAL D 74 13.94 25.01 -15.78
N GLU D 75 14.76 24.03 -16.16
CA GLU D 75 16.12 24.32 -16.58
C GLU D 75 16.16 25.22 -17.79
N ARG D 76 15.29 24.97 -18.78
CA ARG D 76 15.22 25.84 -19.94
C ARG D 76 14.83 27.26 -19.54
N TYR D 77 13.78 27.37 -18.72
CA TYR D 77 13.36 28.68 -18.21
C TYR D 77 14.54 29.41 -17.59
N LEU D 78 15.30 28.71 -16.76
CA LEU D 78 16.31 29.38 -15.96
C LEU D 78 17.51 29.75 -16.83
N ARG D 79 17.85 28.89 -17.79
CA ARG D 79 18.90 29.23 -18.74
C ARG D 79 18.57 30.49 -19.49
N ASP D 80 17.36 30.58 -20.03
CA ASP D 80 17.00 31.78 -20.76
C ASP D 80 17.00 33.00 -19.84
N GLN D 81 16.51 32.85 -18.62
CA GLN D 81 16.49 33.98 -17.71
C GLN D 81 17.88 34.47 -17.38
N GLN D 82 18.81 33.55 -17.16
CA GLN D 82 20.19 33.95 -16.92
C GLN D 82 20.77 34.64 -18.15
N LEU D 83 20.43 34.17 -19.35
CA LEU D 83 20.96 34.82 -20.54
C LEU D 83 20.45 36.25 -20.65
N LEU D 84 19.18 36.48 -20.26
CA LEU D 84 18.72 37.87 -20.17
C LEU D 84 19.44 38.64 -19.09
N GLY D 85 19.69 37.99 -17.95
CA GLY D 85 20.31 38.70 -16.83
C GLY D 85 21.72 39.15 -17.14
N ILE D 86 22.53 38.26 -17.71
CA ILE D 86 23.93 38.59 -17.98
C ILE D 86 24.04 39.68 -19.02
N TRP D 87 23.02 39.86 -19.86
CA TRP D 87 22.98 40.99 -20.77
C TRP D 87 22.40 42.24 -20.15
N GLY D 88 21.98 42.19 -18.89
CA GLY D 88 21.34 43.34 -18.28
C GLY D 88 19.95 43.60 -18.79
N CYS D 89 19.28 42.58 -19.33
CA CYS D 89 17.98 42.73 -19.96
C CYS D 89 16.90 42.00 -19.19
N SER D 90 17.02 41.95 -17.86
CA SER D 90 16.06 41.21 -17.06
C SER D 90 14.70 41.90 -17.06
N GLY D 91 13.65 41.11 -17.28
CA GLY D 91 12.30 41.60 -17.20
C GLY D 91 11.87 42.46 -18.36
N LYS D 92 12.73 42.64 -19.35
CA LYS D 92 12.42 43.42 -20.55
C LYS D 92 12.05 42.49 -21.69
N LEU D 93 10.92 42.78 -22.34
CA LEU D 93 10.62 42.16 -23.62
C LEU D 93 11.59 42.60 -24.70
N ILE D 94 12.07 43.86 -24.61
CA ILE D 94 12.97 44.43 -25.60
C ILE D 94 14.01 45.22 -24.84
N CYS D 95 15.25 45.21 -25.34
CA CYS D 95 16.32 46.00 -24.76
C CYS D 95 17.40 46.27 -25.81
N CYS D 96 17.80 47.53 -25.93
CA CYS D 96 18.95 47.88 -26.73
C CYS D 96 20.21 47.66 -25.90
N THR D 97 21.28 47.23 -26.55
CA THR D 97 22.37 46.57 -25.86
C THR D 97 23.75 47.17 -26.10
N ASN D 98 23.86 48.25 -26.88
CA ASN D 98 25.14 48.90 -27.10
C ASN D 98 26.14 47.95 -27.77
N VAL D 99 25.65 47.19 -28.75
CA VAL D 99 26.48 46.34 -29.60
C VAL D 99 26.07 46.61 -31.04
N PRO D 100 26.94 47.13 -31.90
CA PRO D 100 26.51 47.48 -33.25
C PRO D 100 26.20 46.24 -34.07
N TRP D 101 25.56 46.46 -35.21
CA TRP D 101 25.22 45.37 -36.12
C TRP D 101 26.29 45.24 -37.20
N ASN D 102 26.65 43.99 -37.50
CA ASN D 102 27.66 43.68 -38.51
C ASN D 102 27.00 43.34 -39.83
N SER D 103 27.56 43.87 -40.92
CA SER D 103 27.12 43.47 -42.25
C SER D 103 27.46 42.02 -42.54
N THR D 104 28.45 41.45 -41.85
CA THR D 104 28.73 40.03 -41.98
C THR D 104 27.50 39.18 -41.64
N TRP D 105 26.68 39.66 -40.71
CA TRP D 105 25.55 38.87 -40.23
C TRP D 105 24.37 38.98 -41.19
N SER D 106 23.93 40.20 -41.46
CA SER D 106 22.86 40.46 -42.41
C SER D 106 23.17 41.75 -43.14
N ASN D 107 23.29 41.68 -44.46
CA ASN D 107 23.43 42.85 -45.31
C ASN D 107 22.09 43.33 -45.85
N ARG D 108 20.99 42.88 -45.27
CA ARG D 108 19.67 43.20 -45.80
C ARG D 108 19.24 44.58 -45.29
N ASN D 109 18.43 45.25 -46.09
CA ASN D 109 17.95 46.57 -45.71
C ASN D 109 17.07 46.47 -44.48
N LEU D 110 17.03 47.55 -43.70
CA LEU D 110 16.21 47.56 -42.49
C LEU D 110 14.75 47.34 -42.84
N SER D 111 14.28 47.97 -43.93
CA SER D 111 12.97 47.62 -44.45
C SER D 111 12.90 46.16 -44.86
N GLU D 112 13.94 45.64 -45.50
CA GLU D 112 13.97 44.25 -45.95
C GLU D 112 13.97 43.26 -44.80
N ILE D 113 14.41 43.67 -43.62
CA ILE D 113 14.46 42.79 -42.46
C ILE D 113 13.18 42.91 -41.65
N TRP D 114 12.79 44.13 -41.28
CA TRP D 114 11.61 44.31 -40.43
C TRP D 114 10.30 44.13 -41.20
N ASP D 115 10.34 44.22 -42.53
CA ASP D 115 9.22 43.83 -43.37
C ASP D 115 9.78 43.02 -44.52
N ASN D 116 8.88 42.40 -45.28
CA ASN D 116 9.25 41.45 -46.33
C ASN D 116 10.06 40.28 -45.78
N MET D 117 9.85 39.93 -44.51
CA MET D 117 10.66 38.89 -43.90
C MET D 117 10.05 38.53 -42.55
N THR D 118 9.99 37.23 -42.27
CA THR D 118 9.45 36.71 -41.03
C THR D 118 10.57 36.32 -40.07
N TRP D 119 10.19 36.12 -38.81
CA TRP D 119 11.17 35.75 -37.79
C TRP D 119 11.83 34.42 -38.10
N LEU D 120 11.07 33.47 -38.62
CA LEU D 120 11.58 32.13 -38.88
C LEU D 120 12.74 32.18 -39.88
N GLN D 121 12.49 32.85 -41.01
CA GLN D 121 13.52 33.03 -42.03
C GLN D 121 14.73 33.73 -41.44
N TRP D 122 14.50 34.63 -40.49
CA TRP D 122 15.62 35.36 -39.90
C TRP D 122 16.45 34.47 -39.01
N ASP D 123 15.79 33.58 -38.26
CA ASP D 123 16.51 32.63 -37.43
C ASP D 123 17.40 31.76 -38.29
N LYS D 124 16.90 31.29 -39.44
CA LYS D 124 17.82 30.59 -40.34
C LYS D 124 18.89 31.54 -40.89
N GLU D 125 18.56 32.81 -41.11
CA GLU D 125 19.52 33.70 -41.74
C GLU D 125 20.73 33.96 -40.85
N ILE D 126 20.58 33.80 -39.54
CA ILE D 126 21.64 34.19 -38.62
C ILE D 126 22.00 32.96 -37.80
N SER D 127 21.85 31.78 -38.39
CA SER D 127 21.94 30.55 -37.63
C SER D 127 23.34 30.32 -37.05
N ASN D 128 24.38 30.73 -37.78
CA ASN D 128 25.75 30.45 -37.37
C ASN D 128 26.38 31.54 -36.53
N TYR D 129 25.63 32.59 -36.17
CA TYR D 129 26.18 33.80 -35.55
C TYR D 129 25.50 34.25 -34.27
N THR D 130 24.36 33.64 -33.88
CA THR D 130 23.66 34.14 -32.71
C THR D 130 24.51 34.02 -31.47
N GLN D 131 25.23 32.91 -31.32
CA GLN D 131 26.07 32.71 -30.16
C GLN D 131 27.19 33.75 -30.08
N ILE D 132 27.73 34.14 -31.23
CA ILE D 132 28.75 35.18 -31.27
C ILE D 132 28.17 36.50 -30.74
N ILE D 133 26.98 36.85 -31.22
CA ILE D 133 26.31 38.05 -30.72
C ILE D 133 26.12 37.96 -29.22
N TYR D 134 25.74 36.77 -28.72
CA TYR D 134 25.50 36.61 -27.30
C TYR D 134 26.78 36.85 -26.51
N GLY D 135 27.91 36.31 -26.98
CA GLY D 135 29.17 36.57 -26.31
C GLY D 135 29.51 38.05 -26.30
N LEU D 136 29.26 38.72 -27.41
CA LEU D 136 29.51 40.16 -27.47
C LEU D 136 28.62 40.91 -26.48
N LEU D 137 27.36 40.51 -26.36
CA LEU D 137 26.47 41.12 -25.38
C LEU D 137 27.00 40.92 -23.97
N GLU D 138 27.47 39.70 -23.67
CA GLU D 138 28.05 39.44 -22.36
C GLU D 138 29.22 40.37 -22.08
N GLU D 139 30.10 40.54 -23.08
CA GLU D 139 31.25 41.42 -22.89
C GLU D 139 30.81 42.86 -22.68
N SER D 140 29.83 43.31 -23.45
CA SER D 140 29.36 44.69 -23.34
C SER D 140 28.79 44.96 -21.96
N GLN D 141 27.95 44.06 -21.47
CA GLN D 141 27.36 44.26 -20.14
C GLN D 141 28.42 44.20 -19.06
N ASN D 142 29.41 43.32 -19.22
CA ASN D 142 30.50 43.27 -18.24
C ASN D 142 31.21 44.62 -18.16
N GLN D 143 31.57 45.17 -19.33
CA GLN D 143 32.25 46.45 -19.33
C GLN D 143 31.36 47.53 -18.75
N GLN D 144 30.06 47.45 -19.01
CA GLN D 144 29.14 48.46 -18.49
C GLN D 144 29.10 48.42 -16.98
N GLU D 145 29.04 47.23 -16.39
CA GLU D 145 29.00 47.13 -14.94
C GLU D 145 30.31 47.60 -14.32
N LYS D 146 31.44 47.28 -14.95
CA LYS D 146 32.70 47.79 -14.45
C LYS D 146 32.75 49.31 -14.54
N ASN D 147 32.18 49.87 -15.61
CA ASN D 147 32.10 51.33 -15.74
C ASN D 147 31.26 51.92 -14.63
N GLU D 148 30.15 51.27 -14.29
CA GLU D 148 29.32 51.75 -13.20
C GLU D 148 30.07 51.72 -11.87
N GLN D 149 30.84 50.66 -11.62
CA GLN D 149 31.65 50.62 -10.41
C GLN D 149 32.65 51.76 -10.37
N ASP D 150 33.34 52.01 -11.49
CA ASP D 150 34.31 53.10 -11.51
C ASP D 150 33.62 54.45 -11.31
N LEU D 151 32.45 54.64 -11.93
CA LEU D 151 31.72 55.89 -11.76
C LEU D 151 31.30 56.09 -10.31
N LEU D 152 30.93 55.00 -9.63
CA LEU D 152 30.70 55.10 -8.19
C LEU D 152 31.98 55.48 -7.47
N ALA D 153 33.13 54.94 -7.90
CA ALA D 153 34.39 55.32 -7.28
C ALA D 153 34.73 56.78 -7.57
N LEU D 154 34.64 57.19 -8.82
CA LEU D 154 34.98 58.55 -9.20
C LEU D 154 33.93 59.51 -8.64
N ASN E 38 37.40 55.28 4.70
CA ASN E 38 36.06 54.75 4.95
C ASN E 38 35.61 53.91 3.75
N LEU E 39 35.75 52.60 3.88
CA LEU E 39 35.55 51.67 2.78
C LEU E 39 34.19 51.02 2.92
N TRP E 40 33.61 50.60 1.79
CA TRP E 40 32.21 50.19 1.73
C TRP E 40 32.09 48.78 1.20
N VAL E 41 30.96 48.14 1.49
CA VAL E 41 30.76 46.73 1.13
C VAL E 41 30.31 46.64 -0.32
N THR E 42 30.94 45.74 -1.07
CA THR E 42 30.53 45.35 -2.41
C THR E 42 30.31 43.85 -2.43
N VAL E 43 29.33 43.43 -3.19
CA VAL E 43 28.98 42.02 -3.38
C VAL E 43 29.46 41.60 -4.76
N TYR E 44 30.08 40.43 -4.84
CA TYR E 44 30.60 39.89 -6.09
C TYR E 44 29.98 38.52 -6.34
N TYR E 45 29.38 38.36 -7.51
CA TYR E 45 28.76 37.11 -7.93
C TYR E 45 29.56 36.54 -9.09
N GLY E 46 29.83 35.25 -9.04
CA GLY E 46 30.65 34.59 -10.02
C GLY E 46 32.13 34.54 -9.69
N VAL E 47 32.48 34.68 -8.41
CA VAL E 47 33.89 34.70 -8.01
C VAL E 47 34.51 33.35 -8.34
N PRO E 48 35.72 33.29 -8.95
CA PRO E 48 36.35 31.98 -9.17
C PRO E 48 36.99 31.43 -7.89
N VAL E 49 36.17 30.89 -7.01
CA VAL E 49 36.62 30.22 -5.81
C VAL E 49 35.86 28.91 -5.67
N TRP E 50 36.38 28.07 -4.79
CA TRP E 50 35.79 26.77 -4.57
C TRP E 50 36.12 26.33 -3.15
N LYS E 51 35.42 25.30 -2.72
CA LYS E 51 35.72 24.59 -1.50
C LYS E 51 35.78 23.11 -1.83
N ASP E 52 36.35 22.34 -0.91
CA ASP E 52 36.38 20.89 -1.08
C ASP E 52 34.95 20.42 -1.25
N ALA E 53 34.70 19.60 -2.27
CA ALA E 53 33.34 19.14 -2.47
C ALA E 53 33.26 17.75 -3.07
N GLU E 54 32.03 17.27 -3.03
CA GLU E 54 31.55 15.91 -3.27
C GLU E 54 30.18 15.90 -3.93
N THR E 55 29.97 14.96 -4.87
CA THR E 55 28.68 14.76 -5.53
C THR E 55 28.77 13.58 -6.49
N THR E 56 27.60 13.02 -6.82
CA THR E 56 27.58 11.91 -7.76
C THR E 56 28.04 12.40 -9.12
N LEU E 57 29.27 12.08 -9.45
CA LEU E 57 29.81 12.43 -10.75
C LEU E 57 29.12 11.58 -11.79
N PHE E 58 28.96 12.13 -12.98
CA PHE E 58 28.25 11.42 -14.04
C PHE E 58 29.23 10.88 -15.06
N CYS E 59 28.91 9.71 -15.59
CA CYS E 59 29.80 8.95 -16.45
C CYS E 59 29.83 9.60 -17.83
N ALA E 60 30.95 9.46 -18.53
CA ALA E 60 31.06 9.81 -19.94
C ALA E 60 31.92 8.79 -20.65
N SER E 61 31.31 8.06 -21.58
CA SER E 61 31.99 7.03 -22.35
C SER E 61 32.53 7.61 -23.66
N ASP E 62 33.44 6.87 -24.28
CA ASP E 62 33.94 7.29 -25.58
C ASP E 62 32.85 7.27 -26.65
N ALA E 63 31.99 6.25 -26.61
CA ALA E 63 30.90 6.10 -27.59
C ALA E 63 31.47 6.08 -29.00
N LYS E 64 32.60 5.41 -29.16
CA LYS E 64 33.27 5.42 -30.46
C LYS E 64 32.46 4.67 -31.51
N ALA E 65 31.78 3.60 -31.11
CA ALA E 65 30.97 2.85 -32.05
C ALA E 65 30.08 1.88 -31.29
N TYR E 66 29.17 1.24 -32.03
CA TYR E 66 28.29 0.25 -31.43
C TYR E 66 29.06 -0.98 -30.96
N GLU E 67 30.19 -1.28 -31.59
CA GLU E 67 30.97 -2.43 -31.17
C GLU E 67 31.46 -2.30 -29.74
N THR E 68 31.69 -1.08 -29.27
CA THR E 68 31.95 -0.82 -27.86
C THR E 68 30.66 -0.69 -27.06
N LYS E 69 29.54 -0.36 -27.70
CA LYS E 69 28.23 -0.43 -27.07
C LYS E 69 27.57 -1.79 -27.27
N LYS E 70 28.33 -2.80 -27.68
CA LYS E 70 27.78 -4.11 -28.02
C LYS E 70 27.56 -4.89 -26.73
N HIS E 71 26.48 -4.54 -26.02
CA HIS E 71 26.03 -5.27 -24.85
C HIS E 71 27.04 -5.22 -23.70
N ASN E 72 27.91 -4.22 -23.69
CA ASN E 72 28.86 -4.06 -22.59
C ASN E 72 28.27 -3.07 -21.59
N VAL E 73 28.37 -3.42 -20.31
CA VAL E 73 27.73 -2.60 -19.27
C VAL E 73 28.32 -1.21 -19.26
N TRP E 74 29.62 -1.07 -19.48
CA TRP E 74 30.27 0.22 -19.35
C TRP E 74 29.86 1.20 -20.42
N ALA E 75 29.26 0.74 -21.52
CA ALA E 75 28.89 1.60 -22.62
C ALA E 75 27.38 1.61 -22.77
N THR E 76 26.76 0.45 -22.66
CA THR E 76 25.30 0.38 -22.75
C THR E 76 24.65 1.24 -21.68
N HIS E 77 25.21 1.23 -20.48
CA HIS E 77 24.61 1.93 -19.35
C HIS E 77 25.26 3.29 -19.07
N CYS E 78 26.46 3.54 -19.60
CA CYS E 78 27.00 4.90 -19.65
C CYS E 78 26.55 5.55 -20.96
N CYS E 79 25.25 5.81 -21.03
CA CYS E 79 24.64 6.31 -22.25
C CYS E 79 25.21 7.65 -22.70
N VAL E 80 25.75 8.44 -21.77
CA VAL E 80 26.22 9.77 -22.10
C VAL E 80 27.63 9.67 -22.70
N PRO E 81 27.92 10.32 -23.83
CA PRO E 81 29.29 10.29 -24.36
C PRO E 81 30.14 11.39 -23.74
N THR E 82 31.41 11.41 -24.15
CA THR E 82 32.33 12.46 -23.74
C THR E 82 32.26 13.61 -24.72
N ASP E 83 32.87 14.72 -24.31
CA ASP E 83 33.22 15.76 -25.26
C ASP E 83 34.21 15.15 -26.23
N PRO E 84 34.02 15.26 -27.57
CA PRO E 84 35.04 14.71 -28.49
C PRO E 84 36.41 15.34 -28.29
N ASN E 85 36.43 16.59 -27.85
CA ASN E 85 37.64 17.33 -27.53
C ASN E 85 37.59 17.68 -26.06
N PRO E 86 38.15 16.83 -25.19
CA PRO E 86 38.23 17.20 -23.77
C PRO E 86 39.05 18.47 -23.58
N GLN E 87 38.61 19.31 -22.64
CA GLN E 87 39.23 20.59 -22.38
C GLN E 87 39.88 20.60 -21.01
N GLU E 88 40.88 21.46 -20.88
CA GLU E 88 41.63 21.60 -19.65
C GLU E 88 42.06 23.05 -19.53
N ILE E 89 41.81 23.65 -18.38
CA ILE E 89 42.14 25.05 -18.11
C ILE E 89 43.29 25.06 -17.13
N HIS E 90 44.40 25.67 -17.54
CA HIS E 90 45.54 25.84 -16.66
C HIS E 90 45.26 26.92 -15.64
N LEU E 91 45.69 26.69 -14.41
CA LEU E 91 45.42 27.60 -13.28
C LEU E 91 46.75 28.18 -12.82
N GLU E 92 47.06 29.36 -13.33
CA GLU E 92 48.36 29.99 -13.05
C GLU E 92 48.48 30.38 -11.58
N ASN E 93 49.60 30.00 -10.97
CA ASN E 93 49.89 30.32 -9.58
C ASN E 93 48.75 29.86 -8.67
N VAL E 94 48.36 28.60 -8.81
CA VAL E 94 47.32 28.01 -7.98
C VAL E 94 47.85 26.72 -7.38
N THR E 95 47.85 26.67 -6.05
CA THR E 95 48.27 25.49 -5.30
C THR E 95 47.04 24.91 -4.61
N GLU E 96 46.86 23.59 -4.72
CA GLU E 96 45.68 22.93 -4.19
C GLU E 96 46.09 21.65 -3.46
N GLU E 97 45.58 21.48 -2.24
CA GLU E 97 45.85 20.26 -1.49
C GLU E 97 45.04 19.12 -2.09
N PHE E 98 45.67 17.96 -2.19
CA PHE E 98 45.02 16.72 -2.58
C PHE E 98 45.33 15.65 -1.57
N ASN E 99 44.45 14.65 -1.49
CA ASN E 99 44.70 13.47 -0.69
C ASN E 99 43.99 12.32 -1.38
N MET E 100 44.76 11.49 -2.07
CA MET E 100 44.19 10.37 -2.80
C MET E 100 43.46 9.41 -1.87
N TRP E 101 43.90 9.31 -0.62
CA TRP E 101 43.15 8.59 0.39
C TRP E 101 42.04 9.48 0.90
N LYS E 102 41.00 8.85 1.46
CA LYS E 102 39.71 9.48 1.76
C LYS E 102 39.26 10.40 0.62
N ASN E 103 39.39 9.91 -0.61
CA ASN E 103 38.96 10.63 -1.80
C ASN E 103 37.63 10.02 -2.24
N ASN E 104 36.57 10.83 -2.25
CA ASN E 104 35.22 10.28 -2.39
C ASN E 104 35.00 9.56 -3.71
N MET E 105 35.63 10.05 -4.77
CA MET E 105 35.32 9.56 -6.10
C MET E 105 35.66 8.07 -6.25
N VAL E 106 36.64 7.59 -5.49
CA VAL E 106 36.91 6.15 -5.47
C VAL E 106 35.71 5.40 -4.92
N GLU E 107 35.13 5.88 -3.82
CA GLU E 107 33.96 5.23 -3.26
C GLU E 107 32.79 5.30 -4.23
N GLN E 108 32.68 6.41 -4.96
CA GLN E 108 31.65 6.51 -5.98
C GLN E 108 31.84 5.43 -7.04
N MET E 109 33.08 5.22 -7.48
CA MET E 109 33.32 4.17 -8.46
C MET E 109 33.00 2.80 -7.89
N HIS E 110 33.28 2.58 -6.61
CA HIS E 110 32.94 1.30 -5.99
C HIS E 110 31.43 1.07 -6.00
N THR E 111 30.68 2.06 -5.53
CA THR E 111 29.23 1.95 -5.53
C THR E 111 28.70 1.77 -6.95
N ASP E 112 29.33 2.43 -7.91
CA ASP E 112 28.84 2.32 -9.27
C ASP E 112 29.13 0.96 -9.86
N ILE E 113 30.33 0.39 -9.63
CA ILE E 113 30.59 -0.92 -10.19
C ILE E 113 29.67 -1.96 -9.57
N ILE E 114 29.46 -1.90 -8.24
CA ILE E 114 28.57 -2.89 -7.63
C ILE E 114 27.16 -2.73 -8.17
N SER E 115 26.70 -1.49 -8.32
CA SER E 115 25.33 -1.28 -8.79
C SER E 115 25.17 -1.75 -10.24
N LEU E 116 26.07 -1.32 -11.12
CA LEU E 116 25.98 -1.74 -12.52
C LEU E 116 26.08 -3.24 -12.64
N TRP E 117 27.00 -3.86 -11.91
CA TRP E 117 27.13 -5.31 -11.92
C TRP E 117 25.82 -5.97 -11.52
N ASP E 118 25.28 -5.56 -10.38
CA ASP E 118 24.10 -6.24 -9.86
C ASP E 118 22.92 -6.07 -10.78
N GLN E 119 22.68 -4.87 -11.29
CA GLN E 119 21.53 -4.68 -12.16
C GLN E 119 21.72 -5.36 -13.50
N SER E 120 22.96 -5.40 -14.01
CA SER E 120 23.20 -6.10 -15.26
C SER E 120 22.91 -7.57 -15.12
N LEU E 121 23.37 -8.20 -14.03
CA LEU E 121 23.24 -9.63 -13.87
C LEU E 121 22.03 -10.05 -13.05
N LYS E 122 21.16 -9.12 -12.70
CA LYS E 122 19.92 -9.47 -12.01
C LYS E 122 19.00 -10.17 -13.01
N PRO E 123 18.56 -9.52 -14.08
CA PRO E 123 17.61 -10.21 -14.98
C PRO E 123 18.29 -11.30 -15.79
N CYS E 124 18.64 -12.39 -15.11
CA CYS E 124 19.36 -13.49 -15.72
C CYS E 124 18.86 -14.80 -15.17
N VAL E 125 19.19 -15.87 -15.89
CA VAL E 125 18.70 -17.20 -15.54
C VAL E 125 19.32 -17.64 -14.23
N LYS E 126 18.48 -18.14 -13.33
CA LYS E 126 18.90 -18.57 -12.01
C LYS E 126 19.13 -20.07 -12.01
N LEU E 127 20.18 -20.51 -11.32
CA LEU E 127 20.50 -21.92 -11.20
C LEU E 127 20.14 -22.45 -9.81
N THR E 128 19.28 -21.74 -9.08
CA THR E 128 18.98 -22.10 -7.70
C THR E 128 18.51 -23.54 -7.51
N PRO E 129 17.67 -24.14 -8.36
CA PRO E 129 17.37 -25.56 -8.16
C PRO E 129 18.49 -26.50 -8.58
N LEU E 130 19.61 -25.97 -9.08
CA LEU E 130 20.71 -26.80 -9.55
C LEU E 130 21.60 -27.11 -8.34
N CYS E 131 21.01 -27.88 -7.43
CA CYS E 131 21.72 -28.48 -6.30
C CYS E 131 21.12 -29.87 -6.11
N VAL E 132 21.88 -30.89 -6.50
CA VAL E 132 21.57 -32.26 -6.13
C VAL E 132 22.88 -32.97 -5.85
N THR E 133 22.76 -34.20 -5.39
CA THR E 133 23.94 -35.05 -5.27
C THR E 133 24.58 -35.22 -6.64
N LEU E 134 25.79 -34.71 -6.77
CA LEU E 134 26.47 -34.61 -8.05
C LEU E 134 27.54 -35.70 -8.16
N GLN E 135 27.45 -36.53 -9.20
CA GLN E 135 28.23 -37.75 -9.29
C GLN E 135 29.41 -37.53 -10.22
N CYS E 136 30.62 -37.40 -9.67
CA CYS E 136 31.80 -36.97 -10.41
C CYS E 136 32.86 -38.06 -10.49
N THR E 137 33.62 -38.02 -11.58
CA THR E 137 34.76 -38.87 -11.82
C THR E 137 35.85 -38.05 -12.50
N ASN E 138 37.11 -38.29 -12.13
CA ASN E 138 38.19 -37.51 -12.72
C ASN E 138 38.30 -37.82 -14.20
N VAL E 139 38.54 -36.78 -15.00
CA VAL E 139 38.76 -36.93 -16.44
C VAL E 139 40.24 -37.16 -16.66
N THR E 140 40.56 -38.03 -17.61
CA THR E 140 41.95 -38.28 -18.00
C THR E 140 41.93 -38.66 -19.47
N ASN E 141 42.15 -37.67 -20.33
CA ASN E 141 42.17 -37.90 -21.79
C ASN E 141 43.13 -36.88 -22.41
N ASN E 142 44.37 -37.29 -22.70
CA ASN E 142 45.37 -36.31 -23.19
C ASN E 142 45.35 -35.13 -22.21
N ILE E 143 45.72 -35.36 -20.95
CA ILE E 143 45.63 -34.30 -19.91
C ILE E 143 46.99 -34.10 -19.25
N THR E 144 47.29 -32.87 -18.80
CA THR E 144 48.56 -32.61 -18.07
C THR E 144 48.48 -33.22 -16.67
N ASP E 145 49.57 -33.87 -16.23
CA ASP E 145 49.61 -34.46 -14.87
C ASP E 145 48.93 -33.50 -13.88
N ASP E 146 49.21 -32.20 -14.01
CA ASP E 146 48.67 -31.20 -13.06
C ASP E 146 47.14 -31.17 -13.14
N MET E 147 46.59 -31.03 -14.36
CA MET E 147 45.12 -30.90 -14.52
C MET E 147 44.38 -32.11 -13.93
N ARG E 148 45.08 -33.23 -13.74
CA ARG E 148 44.44 -34.42 -13.11
C ARG E 148 43.64 -33.96 -11.89
N GLY E 149 42.36 -34.33 -11.82
CA GLY E 149 41.51 -33.97 -10.67
C GLY E 149 40.91 -32.58 -10.82
N GLU E 150 41.74 -31.58 -11.13
CA GLU E 150 41.25 -30.20 -11.33
C GLU E 150 39.95 -30.27 -12.14
N LEU E 151 40.03 -30.70 -13.40
CA LEU E 151 38.81 -30.88 -14.23
C LEU E 151 38.10 -32.16 -13.77
N LYS E 152 36.79 -32.26 -13.97
CA LYS E 152 36.04 -33.43 -13.44
C LYS E 152 34.69 -33.59 -14.14
N ASN E 153 34.44 -34.77 -14.75
CA ASN E 153 33.12 -35.05 -15.37
C ASN E 153 32.10 -35.28 -14.27
N CYS E 154 30.90 -34.69 -14.36
CA CYS E 154 29.94 -34.82 -13.23
C CYS E 154 28.51 -35.06 -13.75
N SER E 155 28.02 -36.30 -13.67
CA SER E 155 26.66 -36.60 -14.05
C SER E 155 25.69 -35.99 -13.03
N PHE E 156 24.49 -35.68 -13.51
CA PHE E 156 23.60 -34.75 -12.82
C PHE E 156 22.15 -34.93 -13.24
N ASN E 157 21.24 -34.65 -12.30
CA ASN E 157 19.79 -34.68 -12.50
C ASN E 157 19.31 -33.24 -12.67
N MET E 158 18.81 -32.91 -13.86
CA MET E 158 18.49 -31.53 -14.24
C MET E 158 16.98 -31.38 -14.43
N THR E 159 16.50 -30.17 -14.19
CA THR E 159 15.10 -29.84 -14.45
C THR E 159 14.90 -29.51 -15.94
N THR E 160 13.65 -29.59 -16.38
CA THR E 160 13.30 -29.37 -17.77
C THR E 160 12.33 -28.20 -17.88
N GLU E 161 11.94 -27.89 -19.12
CA GLU E 161 10.97 -26.83 -19.34
C GLU E 161 9.65 -27.12 -18.65
N LEU E 162 9.25 -28.37 -18.60
CA LEU E 162 8.04 -28.79 -17.90
C LEU E 162 8.38 -29.18 -16.48
N ARG E 163 7.51 -28.76 -15.55
CA ARG E 163 7.73 -28.99 -14.13
C ARG E 163 7.84 -30.47 -13.79
N ASP E 164 7.24 -31.35 -14.59
CA ASP E 164 7.06 -32.74 -14.21
C ASP E 164 8.15 -33.67 -14.72
N LYS E 165 9.13 -33.15 -15.44
CA LYS E 165 10.14 -33.98 -16.08
C LYS E 165 11.53 -33.53 -15.67
N LYS E 166 12.39 -34.52 -15.43
CA LYS E 166 13.81 -34.33 -15.22
C LYS E 166 14.59 -35.05 -16.31
N GLN E 167 15.79 -34.55 -16.56
CA GLN E 167 16.66 -35.06 -17.60
C GLN E 167 18.06 -35.27 -17.04
N LYS E 168 18.69 -36.36 -17.46
CA LYS E 168 20.02 -36.73 -16.99
C LYS E 168 21.05 -36.09 -17.91
N VAL E 169 21.94 -35.29 -17.33
CA VAL E 169 22.94 -34.56 -18.09
C VAL E 169 24.29 -34.71 -17.42
N TYR E 170 25.32 -34.16 -18.05
CA TYR E 170 26.66 -34.14 -17.49
C TYR E 170 27.31 -32.80 -17.81
N SER E 171 28.32 -32.47 -17.01
CA SER E 171 29.16 -31.33 -17.32
C SER E 171 30.51 -31.50 -16.64
N LEU E 172 31.52 -30.83 -17.19
CA LEU E 172 32.83 -30.79 -16.58
C LEU E 172 32.83 -29.68 -15.53
N PHE E 173 33.58 -29.90 -14.46
CA PHE E 173 33.68 -28.93 -13.38
C PHE E 173 35.09 -28.88 -12.84
N TYR E 174 35.47 -27.70 -12.36
CA TYR E 174 36.75 -27.49 -11.70
C TYR E 174 36.61 -27.75 -10.21
N ARG E 175 37.69 -28.25 -9.61
CA ARG E 175 37.61 -28.65 -8.20
C ARG E 175 37.30 -27.47 -7.29
N LEU E 176 37.68 -26.26 -7.68
CA LEU E 176 37.35 -25.07 -6.90
C LEU E 176 35.85 -24.84 -6.82
N ASP E 177 35.09 -25.38 -7.76
CA ASP E 177 33.63 -25.20 -7.81
C ASP E 177 32.88 -26.21 -6.98
N VAL E 178 33.46 -27.39 -6.76
CA VAL E 178 32.74 -28.57 -6.32
C VAL E 178 33.44 -29.10 -5.07
N VAL E 179 32.64 -29.54 -4.10
CA VAL E 179 33.14 -30.05 -2.83
C VAL E 179 32.66 -31.48 -2.65
N GLN E 180 33.53 -32.31 -2.08
CA GLN E 180 33.24 -33.71 -1.82
C GLN E 180 32.47 -33.86 -0.52
N ILE E 181 31.36 -34.60 -0.60
CA ILE E 181 30.59 -35.02 0.56
C ILE E 181 30.59 -36.53 0.58
N ASN E 182 30.65 -37.10 1.78
CA ASN E 182 30.93 -38.52 1.94
C ASN E 182 30.01 -39.08 3.00
N GLU E 183 30.17 -40.38 3.27
CA GLU E 183 29.35 -41.08 4.24
C GLU E 183 29.60 -40.56 5.64
N ASN E 193 31.86 -41.58 -1.48
CA ASN E 193 33.12 -41.13 -2.07
C ASN E 193 32.90 -40.42 -3.40
N LYS E 194 31.86 -40.81 -4.13
CA LYS E 194 31.52 -40.21 -5.41
C LYS E 194 30.36 -39.21 -5.33
N GLU E 195 29.97 -38.80 -4.14
CA GLU E 195 28.93 -37.78 -3.98
C GLU E 195 29.58 -36.41 -3.82
N TYR E 196 29.02 -35.41 -4.48
CA TYR E 196 29.55 -34.06 -4.48
C TYR E 196 28.41 -33.05 -4.50
N ARG E 197 28.76 -31.80 -4.13
CA ARG E 197 27.85 -30.68 -4.30
C ARG E 197 28.64 -29.48 -4.77
N LEU E 198 27.94 -28.39 -5.06
CA LEU E 198 28.61 -27.12 -5.32
C LEU E 198 28.85 -26.38 -4.02
N ILE E 199 29.94 -25.62 -3.98
CA ILE E 199 30.44 -25.09 -2.72
C ILE E 199 29.45 -24.13 -2.09
N ASN E 200 28.84 -23.24 -2.89
CA ASN E 200 28.10 -22.14 -2.31
C ASN E 200 26.68 -22.53 -1.94
N CYS E 201 26.30 -23.80 -2.18
CA CYS E 201 24.88 -24.14 -2.10
C CYS E 201 24.39 -24.25 -0.66
N ASN E 202 25.26 -24.14 0.34
CA ASN E 202 24.78 -24.19 1.73
C ASN E 202 24.41 -22.80 2.29
N THR E 203 24.75 -21.71 1.58
CA THR E 203 24.49 -20.36 2.10
C THR E 203 23.99 -19.35 1.07
N SER E 204 23.97 -19.64 -0.23
CA SER E 204 23.68 -18.59 -1.19
C SER E 204 23.12 -19.16 -2.49
N ALA E 205 22.42 -18.29 -3.22
CA ALA E 205 21.78 -18.67 -4.47
C ALA E 205 22.71 -18.46 -5.65
N ILE E 206 22.72 -19.43 -6.57
CA ILE E 206 23.62 -19.46 -7.71
C ILE E 206 22.88 -18.94 -8.94
N THR E 207 23.47 -17.96 -9.63
CA THR E 207 22.87 -17.34 -10.79
C THR E 207 23.90 -17.21 -11.91
N GLN E 208 23.48 -17.48 -13.14
CA GLN E 208 24.35 -17.31 -14.28
C GLN E 208 24.52 -15.83 -14.60
N ALA E 209 25.65 -15.50 -15.21
CA ALA E 209 25.75 -14.24 -15.92
C ALA E 209 25.07 -14.38 -17.28
N CYS E 210 24.35 -13.34 -17.69
CA CYS E 210 23.62 -13.42 -18.93
C CYS E 210 24.60 -13.57 -20.10
N PRO E 211 24.35 -14.46 -21.06
CA PRO E 211 25.27 -14.58 -22.19
C PRO E 211 25.18 -13.35 -23.08
N LYS E 212 26.24 -13.15 -23.87
CA LYS E 212 26.35 -12.01 -24.77
C LYS E 212 26.38 -10.70 -23.99
N VAL E 213 26.91 -10.75 -22.77
CA VAL E 213 27.06 -9.58 -21.91
C VAL E 213 28.53 -9.48 -21.55
N SER E 214 29.14 -8.34 -21.86
CA SER E 214 30.58 -8.14 -21.73
C SER E 214 30.88 -7.24 -20.54
N PHE E 215 31.76 -7.72 -19.67
CA PHE E 215 32.37 -6.89 -18.63
C PHE E 215 33.77 -6.45 -19.04
N GLU E 216 34.04 -6.35 -20.33
CA GLU E 216 35.32 -5.85 -20.80
C GLU E 216 35.45 -4.38 -20.38
N PRO E 217 36.45 -4.00 -19.59
CA PRO E 217 36.52 -2.60 -19.15
C PRO E 217 36.69 -1.63 -20.31
N ILE E 218 36.05 -0.48 -20.18
CA ILE E 218 36.04 0.57 -21.19
C ILE E 218 36.49 1.85 -20.49
N PRO E 219 37.30 2.71 -21.11
CA PRO E 219 37.76 3.89 -20.37
C PRO E 219 36.62 4.84 -20.10
N ILE E 220 36.41 5.15 -18.82
CA ILE E 220 35.32 6.00 -18.36
C ILE E 220 35.91 7.34 -17.93
N HIS E 221 35.22 8.42 -18.30
CA HIS E 221 35.54 9.74 -17.83
C HIS E 221 34.47 10.18 -16.84
N TYR E 222 34.85 10.29 -15.57
CA TYR E 222 33.93 10.81 -14.56
C TYR E 222 33.90 12.32 -14.72
N CYS E 223 32.70 12.89 -14.66
CA CYS E 223 32.46 14.26 -15.07
C CYS E 223 31.69 14.99 -13.97
N ALA E 224 32.05 16.25 -13.77
CA ALA E 224 31.44 17.03 -12.71
C ALA E 224 30.14 17.67 -13.20
N PRO E 225 29.07 17.64 -12.40
CA PRO E 225 27.85 18.34 -12.81
C PRO E 225 28.03 19.85 -12.68
N ALA E 226 26.96 20.56 -12.99
CA ALA E 226 26.97 22.01 -12.88
C ALA E 226 27.25 22.43 -11.44
N GLY E 227 28.01 23.51 -11.30
CA GLY E 227 28.39 24.02 -10.01
C GLY E 227 29.60 23.35 -9.40
N PHE E 228 30.03 22.23 -9.96
CA PHE E 228 31.16 21.47 -9.47
C PHE E 228 32.26 21.47 -10.50
N ALA E 229 33.46 21.07 -10.08
CA ALA E 229 34.58 20.99 -10.99
C ALA E 229 35.54 19.93 -10.50
N ILE E 230 36.36 19.44 -11.42
CA ILE E 230 37.40 18.46 -11.14
C ILE E 230 38.75 19.15 -11.30
N LEU E 231 39.57 19.04 -10.28
CA LEU E 231 40.92 19.56 -10.29
C LEU E 231 41.89 18.40 -10.44
N LYS E 232 42.77 18.51 -11.43
CA LYS E 232 43.76 17.49 -11.76
C LYS E 232 45.14 17.98 -11.34
N CYS E 233 45.85 17.14 -10.59
CA CYS E 233 47.20 17.44 -10.12
C CYS E 233 48.20 16.81 -11.07
N LYS E 234 49.27 17.55 -11.39
CA LYS E 234 50.34 17.04 -12.25
C LYS E 234 51.72 17.12 -11.60
N ASP E 235 51.81 17.19 -10.27
CA ASP E 235 53.12 17.19 -9.63
C ASP E 235 53.86 15.90 -9.94
N LYS E 236 55.01 16.03 -10.59
CA LYS E 236 55.87 14.87 -10.79
C LYS E 236 56.28 14.34 -9.42
N LYS E 237 56.13 13.04 -9.23
CA LYS E 237 56.40 12.41 -7.94
C LYS E 237 55.53 13.05 -6.85
N PHE E 238 54.23 13.18 -7.12
CA PHE E 238 53.34 13.84 -6.17
C PHE E 238 53.26 13.08 -4.86
N ASN E 239 53.25 11.75 -4.94
CA ASN E 239 53.17 10.70 -3.92
C ASN E 239 51.77 10.54 -3.34
N GLY E 240 50.83 11.41 -3.72
CA GLY E 240 49.42 11.23 -3.45
C GLY E 240 48.82 12.16 -2.41
N THR E 241 49.63 12.94 -1.70
CA THR E 241 49.12 13.81 -0.64
C THR E 241 49.80 15.16 -0.69
N GLY E 242 49.17 16.14 -0.03
CA GLY E 242 49.77 17.49 0.03
C GLY E 242 49.24 18.40 -1.06
N PRO E 243 49.42 19.73 -0.96
CA PRO E 243 49.00 20.66 -2.01
C PRO E 243 49.79 20.42 -3.31
N CYS E 244 49.10 20.32 -4.45
CA CYS E 244 49.77 20.11 -5.75
C CYS E 244 50.41 21.44 -6.21
N THR E 245 51.68 21.39 -6.63
CA THR E 245 52.39 22.61 -7.10
C THR E 245 51.66 23.18 -8.32
N ASN E 246 51.30 22.32 -9.28
CA ASN E 246 50.62 22.78 -10.51
C ASN E 246 49.26 22.06 -10.63
N VAL E 247 48.16 22.82 -10.67
CA VAL E 247 46.80 22.21 -10.73
C VAL E 247 46.06 22.77 -11.95
N SER E 248 45.12 21.99 -12.50
CA SER E 248 44.36 22.44 -13.70
C SER E 248 42.92 21.91 -13.63
N THR E 249 41.93 22.79 -13.79
CA THR E 249 40.51 22.35 -13.81
C THR E 249 40.26 21.57 -15.11
N VAL E 250 39.45 20.52 -15.05
CA VAL E 250 39.19 19.68 -16.25
C VAL E 250 37.71 19.26 -16.27
N GLN E 251 37.08 19.25 -17.45
CA GLN E 251 35.69 18.83 -17.56
C GLN E 251 35.47 17.47 -16.93
N CYS E 252 36.32 16.51 -17.24
CA CYS E 252 36.19 15.15 -16.75
C CYS E 252 37.57 14.56 -16.54
N THR E 253 37.62 13.50 -15.75
CA THR E 253 38.86 12.76 -15.59
C THR E 253 39.28 12.14 -16.91
N HIS E 254 40.53 11.67 -16.98
CA HIS E 254 40.93 11.00 -18.19
C HIS E 254 40.24 9.65 -18.26
N GLY E 255 40.43 8.95 -19.37
CA GLY E 255 39.84 7.64 -19.50
C GLY E 255 40.41 6.68 -18.47
N ILE E 256 39.58 6.29 -17.50
CA ILE E 256 39.93 5.25 -16.54
C ILE E 256 39.20 3.98 -16.93
N LYS E 257 39.96 2.91 -17.08
CA LYS E 257 39.36 1.61 -17.29
C LYS E 257 39.02 0.97 -15.95
N PRO E 258 37.78 0.53 -15.73
CA PRO E 258 37.51 -0.12 -14.43
C PRO E 258 38.10 -1.53 -14.39
N VAL E 259 39.41 -1.59 -14.27
CA VAL E 259 40.12 -2.86 -14.39
C VAL E 259 40.10 -3.55 -13.03
N VAL E 260 39.86 -4.86 -13.04
CA VAL E 260 39.84 -5.67 -11.84
C VAL E 260 41.13 -6.48 -11.79
N SER E 261 42.07 -6.06 -10.96
CA SER E 261 43.32 -6.78 -10.77
C SER E 261 43.58 -6.89 -9.28
N THR E 262 44.35 -7.91 -8.90
CA THR E 262 44.62 -8.23 -7.51
C THR E 262 46.11 -8.45 -7.33
N GLN E 263 46.64 -7.86 -6.25
CA GLN E 263 48.06 -7.80 -5.94
C GLN E 263 48.87 -6.93 -6.90
N LEU E 264 48.23 -6.35 -7.93
CA LEU E 264 48.96 -5.56 -8.90
C LEU E 264 47.95 -4.80 -9.75
N LEU E 265 48.47 -3.92 -10.60
CA LEU E 265 47.69 -3.02 -11.43
C LEU E 265 47.83 -3.36 -12.90
N LEU E 266 46.71 -3.45 -13.60
CA LEU E 266 46.66 -3.83 -15.00
C LEU E 266 46.03 -2.71 -15.84
N ASN E 267 46.64 -2.45 -16.99
CA ASN E 267 46.10 -1.52 -17.99
C ASN E 267 45.85 -0.14 -17.40
N GLY E 268 46.78 0.33 -16.56
CA GLY E 268 46.68 1.61 -15.91
C GLY E 268 47.64 2.63 -16.50
N SER E 269 47.88 3.68 -15.72
CA SER E 269 48.80 4.74 -16.10
C SER E 269 50.19 4.42 -15.61
N LEU E 270 51.18 5.15 -16.15
CA LEU E 270 52.57 4.99 -15.79
C LEU E 270 53.14 6.28 -15.21
N ALA E 271 54.02 6.14 -14.24
CA ALA E 271 54.77 7.27 -13.73
C ALA E 271 55.61 7.88 -14.86
N GLU E 272 55.91 9.17 -14.73
CA GLU E 272 56.73 9.82 -15.75
C GLU E 272 58.17 9.35 -15.67
N GLU E 273 58.71 9.23 -14.45
CA GLU E 273 60.08 8.78 -14.23
C GLU E 273 60.11 7.84 -13.03
N GLU E 274 61.07 6.92 -13.06
CA GLU E 274 61.41 6.06 -11.93
C GLU E 274 60.14 5.33 -11.48
N VAL E 275 59.93 5.10 -10.19
CA VAL E 275 58.75 4.43 -9.68
C VAL E 275 58.29 5.20 -8.46
N ILE E 276 56.98 5.44 -8.40
CA ILE E 276 56.36 6.18 -7.30
C ILE E 276 55.86 5.17 -6.27
N ILE E 277 56.15 5.44 -5.01
CA ILE E 277 55.63 4.66 -3.89
C ILE E 277 54.59 5.53 -3.19
N ARG E 278 53.43 4.95 -2.89
CA ARG E 278 52.33 5.66 -2.27
C ARG E 278 51.80 4.84 -1.10
N SER E 279 51.63 5.49 0.04
CA SER E 279 51.09 4.83 1.22
C SER E 279 50.60 5.86 2.21
N GLU E 280 49.39 5.65 2.73
CA GLU E 280 48.81 6.58 3.69
C GLU E 280 49.69 6.71 4.93
N ASN E 281 50.37 5.63 5.31
CA ASN E 281 51.25 5.61 6.47
C ASN E 281 52.35 4.62 6.13
N ILE E 282 53.47 5.14 5.60
CA ILE E 282 54.55 4.28 5.14
C ILE E 282 55.10 3.44 6.28
N THR E 283 55.19 4.01 7.47
CA THR E 283 55.75 3.31 8.61
C THR E 283 54.82 2.25 9.18
N ASN E 284 53.52 2.35 8.94
CA ASN E 284 52.57 1.36 9.43
C ASN E 284 52.58 0.18 8.47
N ASN E 285 52.76 -1.03 9.02
CA ASN E 285 52.88 -2.22 8.20
C ASN E 285 51.53 -2.77 7.75
N ALA E 286 50.42 -2.27 8.30
CA ALA E 286 49.11 -2.73 7.87
C ALA E 286 48.57 -1.99 6.65
N LYS E 287 49.33 -1.04 6.11
CA LYS E 287 48.90 -0.30 4.92
C LYS E 287 49.40 -0.97 3.66
N ASN E 288 48.63 -0.79 2.58
CA ASN E 288 49.00 -1.32 1.28
C ASN E 288 49.81 -0.28 0.53
N ILE E 289 50.97 -0.69 0.03
CA ILE E 289 51.86 0.18 -0.73
C ILE E 289 51.47 0.08 -2.19
N LEU E 290 51.02 1.20 -2.76
CA LEU E 290 50.74 1.29 -4.18
C LEU E 290 52.03 1.72 -4.88
N VAL E 291 52.44 0.97 -5.89
CA VAL E 291 53.68 1.19 -6.60
C VAL E 291 53.31 1.45 -8.05
N GLN E 292 53.72 2.61 -8.57
CA GLN E 292 53.44 3.00 -9.95
C GLN E 292 54.75 3.07 -10.73
N LEU E 293 54.82 2.36 -11.85
CA LEU E 293 56.02 2.29 -12.66
C LEU E 293 56.02 3.35 -13.74
N ASN E 294 57.22 3.68 -14.23
CA ASN E 294 57.39 4.42 -15.46
C ASN E 294 57.74 3.53 -16.65
N GLU E 295 57.61 2.21 -16.51
CA GLU E 295 57.51 1.30 -17.63
C GLU E 295 56.45 0.26 -17.32
N SER E 296 55.86 -0.29 -18.38
CA SER E 296 54.87 -1.36 -18.25
C SER E 296 55.55 -2.71 -18.44
N VAL E 297 55.09 -3.70 -17.67
CA VAL E 297 55.65 -5.05 -17.73
C VAL E 297 54.74 -5.91 -18.58
N GLN E 298 55.34 -6.75 -19.41
CA GLN E 298 54.63 -7.52 -20.42
C GLN E 298 54.23 -8.89 -19.87
N ILE E 299 52.93 -9.19 -19.89
CA ILE E 299 52.42 -10.49 -19.45
C ILE E 299 51.48 -11.03 -20.52
N ASN E 300 51.60 -12.32 -20.82
CA ASN E 300 50.69 -13.03 -21.73
C ASN E 300 50.07 -14.18 -20.94
N CYS E 301 48.76 -14.13 -20.72
CA CYS E 301 48.04 -15.16 -19.99
C CYS E 301 47.19 -15.97 -20.96
N THR E 302 47.02 -17.26 -20.68
CA THR E 302 46.36 -18.17 -21.60
C THR E 302 45.73 -19.34 -20.89
N ARG E 303 44.51 -19.67 -21.33
CA ARG E 303 43.83 -20.93 -21.05
C ARG E 303 43.87 -21.70 -22.36
N PRO E 304 44.79 -22.69 -22.50
CA PRO E 304 44.98 -23.30 -23.83
C PRO E 304 43.88 -24.23 -24.29
N ASN E 305 43.12 -24.84 -23.37
CA ASN E 305 42.22 -25.92 -23.75
C ASN E 305 41.15 -25.44 -24.73
N ASN E 306 40.93 -26.21 -25.80
CA ASN E 306 39.88 -25.91 -26.76
C ASN E 306 38.56 -26.39 -26.16
N ASN E 307 37.70 -25.45 -25.82
CA ASN E 307 36.47 -25.74 -25.11
C ASN E 307 35.27 -25.83 -26.05
N THR E 308 34.28 -26.60 -25.64
CA THR E 308 32.98 -26.67 -26.27
C THR E 308 31.92 -26.47 -25.20
N ARG E 309 30.70 -26.14 -25.62
CA ARG E 309 29.63 -25.79 -24.69
C ARG E 309 28.33 -26.43 -25.14
N LYS E 310 27.53 -26.84 -24.16
CA LYS E 310 26.17 -27.32 -24.38
C LYS E 310 25.20 -26.28 -23.82
N SER E 311 24.23 -25.89 -24.63
CA SER E 311 23.19 -24.96 -24.22
C SER E 311 21.96 -25.77 -23.86
N ILE E 312 21.85 -26.16 -22.58
CA ILE E 312 20.77 -27.00 -22.11
C ILE E 312 19.61 -26.11 -21.71
N ARG E 313 18.40 -26.59 -21.91
CA ARG E 313 17.19 -25.91 -21.47
C ARG E 313 16.76 -26.46 -20.13
N ILE E 314 16.65 -25.59 -19.13
CA ILE E 314 16.29 -25.97 -17.77
C ILE E 314 14.89 -25.54 -17.40
N GLY E 315 14.39 -24.44 -17.94
CA GLY E 315 13.07 -23.95 -17.65
C GLY E 315 12.55 -23.14 -18.81
N PRO E 316 11.37 -22.55 -18.67
CA PRO E 316 10.84 -21.74 -19.77
C PRO E 316 11.73 -20.56 -20.07
N GLY E 317 12.41 -20.62 -21.22
CA GLY E 317 13.36 -19.59 -21.58
C GLY E 317 14.64 -19.58 -20.80
N GLN E 318 14.81 -20.51 -19.85
CA GLN E 318 15.99 -20.55 -18.99
C GLN E 318 16.99 -21.52 -19.60
N TRP E 319 18.17 -21.00 -19.95
CA TRP E 319 19.24 -21.76 -20.58
C TRP E 319 20.43 -21.84 -19.64
N PHE E 320 21.01 -23.02 -19.53
CA PHE E 320 22.23 -23.25 -18.77
C PHE E 320 23.35 -23.64 -19.71
N TYR E 321 24.51 -23.01 -19.53
CA TYR E 321 25.70 -23.27 -20.33
C TYR E 321 26.57 -24.27 -19.60
N ALA E 322 26.62 -25.49 -20.12
CA ALA E 322 27.44 -26.56 -19.58
C ALA E 322 28.72 -26.70 -20.36
N THR E 323 29.76 -27.17 -19.66
CA THR E 323 31.04 -27.45 -20.25
C THR E 323 31.05 -28.85 -20.86
N GLY E 324 31.11 -28.92 -22.18
CA GLY E 324 31.24 -30.18 -22.89
C GLY E 324 32.67 -30.66 -22.88
N ASP E 325 32.89 -31.76 -23.58
CA ASP E 325 34.22 -32.34 -23.63
C ASP E 325 35.21 -31.39 -24.29
N ILE E 326 36.44 -31.41 -23.79
CA ILE E 326 37.49 -30.58 -24.32
C ILE E 326 37.91 -31.14 -25.67
N ILE E 327 37.89 -30.31 -26.71
CA ILE E 327 38.24 -30.77 -28.04
C ILE E 327 39.69 -31.20 -28.10
N GLY E 328 40.59 -30.38 -27.57
CA GLY E 328 42.02 -30.64 -27.62
C GLY E 328 42.51 -31.42 -26.42
N ASP E 329 43.76 -31.16 -26.07
CA ASP E 329 44.37 -31.76 -24.88
C ASP E 329 43.98 -30.94 -23.65
N ILE E 330 44.29 -31.47 -22.48
CA ILE E 330 43.98 -30.82 -21.21
C ILE E 330 45.29 -30.26 -20.68
N ARG E 331 45.32 -28.95 -20.48
CA ARG E 331 46.47 -28.23 -19.98
C ARG E 331 46.00 -27.24 -18.93
N GLN E 332 46.91 -26.85 -18.05
CA GLN E 332 46.60 -25.83 -17.05
C GLN E 332 46.80 -24.45 -17.65
N ALA E 333 45.94 -23.52 -17.23
CA ALA E 333 46.14 -22.14 -17.62
C ALA E 333 47.43 -21.61 -17.02
N HIS E 334 48.03 -20.63 -17.68
CA HIS E 334 49.27 -20.07 -17.15
C HIS E 334 49.58 -18.76 -17.84
N CYS E 335 50.55 -18.05 -17.28
CA CYS E 335 50.99 -16.75 -17.77
C CYS E 335 52.50 -16.73 -17.93
N ASN E 336 52.94 -16.12 -19.04
CA ASN E 336 54.34 -15.88 -19.32
C ASN E 336 54.63 -14.41 -19.10
N VAL E 337 55.54 -14.12 -18.18
CA VAL E 337 55.96 -12.76 -17.85
C VAL E 337 57.36 -12.55 -18.40
N SER E 338 57.62 -11.37 -18.96
CA SER E 338 58.96 -11.12 -19.47
C SER E 338 59.97 -11.11 -18.31
N LYS E 339 60.84 -12.12 -18.30
CA LYS E 339 61.71 -12.32 -17.15
C LYS E 339 62.69 -11.17 -16.96
N ALA E 340 63.41 -10.79 -18.01
CA ALA E 340 64.37 -9.70 -17.88
C ALA E 340 63.67 -8.39 -17.53
N THR E 341 62.53 -8.14 -18.17
CA THR E 341 61.71 -6.99 -17.80
C THR E 341 61.33 -7.05 -16.34
N TRP E 342 60.95 -8.23 -15.85
CA TRP E 342 60.58 -8.35 -14.45
C TRP E 342 61.76 -8.05 -13.53
N ASN E 343 62.95 -8.54 -13.90
CA ASN E 343 64.13 -8.32 -13.09
C ASN E 343 64.45 -6.83 -12.99
N GLU E 344 64.54 -6.15 -14.13
CA GLU E 344 64.83 -4.72 -14.10
C GLU E 344 63.70 -3.95 -13.42
N THR E 345 62.47 -4.43 -13.55
CA THR E 345 61.36 -3.80 -12.86
C THR E 345 61.57 -3.83 -11.36
N LEU E 346 61.81 -5.02 -10.81
CA LEU E 346 62.02 -5.13 -9.38
C LEU E 346 63.27 -4.38 -8.95
N GLY E 347 64.27 -4.27 -9.82
CA GLY E 347 65.42 -3.44 -9.51
C GLY E 347 65.03 -1.99 -9.30
N LYS E 348 64.22 -1.44 -10.21
CA LYS E 348 63.76 -0.08 -10.03
C LYS E 348 62.94 0.05 -8.76
N VAL E 349 62.06 -0.93 -8.51
CA VAL E 349 61.18 -0.87 -7.35
C VAL E 349 62.00 -0.89 -6.07
N VAL E 350 62.97 -1.79 -5.97
CA VAL E 350 63.75 -1.89 -4.75
C VAL E 350 64.60 -0.64 -4.56
N LYS E 351 65.10 -0.07 -5.65
CA LYS E 351 65.86 1.17 -5.53
C LYS E 351 65.00 2.27 -4.97
N GLN E 352 63.76 2.40 -5.46
CA GLN E 352 62.89 3.43 -4.90
C GLN E 352 62.44 3.08 -3.49
N LEU E 353 62.42 1.80 -3.15
CA LEU E 353 62.03 1.41 -1.80
C LEU E 353 63.10 1.74 -0.78
N ARG E 354 64.38 1.64 -1.16
CA ARG E 354 65.44 1.98 -0.24
C ARG E 354 65.30 3.41 0.26
N LYS E 355 64.85 4.31 -0.61
CA LYS E 355 64.53 5.66 -0.19
C LYS E 355 63.44 5.63 0.86
N HIS E 356 63.64 6.43 1.92
CA HIS E 356 62.76 6.55 3.07
C HIS E 356 62.70 5.30 3.93
N PHE E 357 63.57 4.30 3.68
CA PHE E 357 63.63 3.10 4.50
C PHE E 357 65.04 2.80 5.00
N GLY E 358 65.98 3.72 4.85
CA GLY E 358 67.34 3.57 5.32
C GLY E 358 68.31 3.41 4.16
N ASN E 359 69.43 4.11 4.25
CA ASN E 359 70.43 4.03 3.18
C ASN E 359 71.07 2.65 3.19
N ASN E 360 71.11 2.01 2.02
CA ASN E 360 71.71 0.69 1.86
C ASN E 360 71.05 -0.32 2.79
N THR E 361 69.74 -0.21 2.96
CA THR E 361 68.98 -1.17 3.74
C THR E 361 68.65 -2.40 2.90
N ILE E 362 68.75 -3.57 3.51
CA ILE E 362 68.56 -4.84 2.80
C ILE E 362 67.07 -5.08 2.61
N ILE E 363 66.68 -5.43 1.38
CA ILE E 363 65.28 -5.57 1.00
C ILE E 363 65.09 -6.96 0.42
N ARG E 364 64.03 -7.65 0.86
CA ARG E 364 63.74 -9.01 0.42
C ARG E 364 62.29 -9.10 -0.05
N PHE E 365 62.05 -10.06 -0.95
CA PHE E 365 60.72 -10.35 -1.49
C PHE E 365 60.31 -11.77 -1.13
N ALA E 366 59.00 -11.95 -0.93
CA ALA E 366 58.43 -13.25 -0.61
C ALA E 366 57.00 -13.28 -1.11
N ASN E 367 56.46 -14.48 -1.23
CA ASN E 367 55.10 -14.64 -1.73
C ASN E 367 54.09 -14.32 -0.65
N SER E 368 52.81 -14.29 -1.03
CA SER E 368 51.73 -13.96 -0.11
C SER E 368 51.59 -15.00 0.98
N SER E 369 50.78 -14.66 1.97
CA SER E 369 50.40 -15.57 3.04
C SER E 369 49.31 -16.50 2.55
N GLY E 370 48.96 -17.46 3.39
CA GLY E 370 47.80 -18.29 3.12
C GLY E 370 46.51 -17.52 3.31
N GLY E 371 45.42 -18.15 2.89
CA GLY E 371 44.09 -17.59 2.95
C GLY E 371 43.32 -17.92 1.70
N ASP E 372 42.18 -17.28 1.54
CA ASP E 372 41.31 -17.58 0.41
C ASP E 372 41.97 -17.10 -0.88
N LEU E 373 41.62 -17.76 -1.98
CA LEU E 373 42.34 -17.57 -3.23
C LEU E 373 42.23 -16.15 -3.74
N GLU E 374 41.11 -15.47 -3.49
CA GLU E 374 40.91 -14.13 -4.01
C GLU E 374 41.91 -13.11 -3.45
N VAL E 375 42.61 -13.44 -2.37
CA VAL E 375 43.54 -12.50 -1.74
C VAL E 375 44.97 -13.04 -1.80
N THR E 376 45.11 -14.36 -1.87
CA THR E 376 46.44 -14.97 -1.92
C THR E 376 47.04 -15.01 -3.31
N THR E 377 46.21 -15.03 -4.36
CA THR E 377 46.66 -15.22 -5.73
C THR E 377 46.22 -14.05 -6.59
N HIS E 378 46.89 -13.91 -7.73
CA HIS E 378 46.54 -12.89 -8.71
C HIS E 378 45.23 -13.30 -9.35
N SER E 379 44.12 -12.75 -8.85
CA SER E 379 42.81 -12.97 -9.42
C SER E 379 42.51 -11.90 -10.44
N PHE E 380 41.96 -12.28 -11.59
CA PHE E 380 41.53 -11.30 -12.57
C PHE E 380 40.64 -11.97 -13.60
N ASN E 381 40.08 -11.15 -14.48
CA ASN E 381 39.17 -11.62 -15.52
C ASN E 381 39.81 -11.47 -16.89
N CYS E 382 39.83 -12.56 -17.64
CA CYS E 382 40.37 -12.60 -18.99
C CYS E 382 39.35 -13.30 -19.88
N GLY E 383 38.94 -12.63 -20.96
CA GLY E 383 38.01 -13.19 -21.91
C GLY E 383 36.57 -13.33 -21.44
N GLY E 384 36.31 -13.17 -20.15
CA GLY E 384 35.06 -13.57 -19.55
C GLY E 384 35.18 -14.72 -18.58
N GLU E 385 36.40 -15.22 -18.32
CA GLU E 385 36.64 -16.27 -17.34
C GLU E 385 37.66 -15.79 -16.31
N PHE E 386 37.61 -16.40 -15.13
CA PHE E 386 38.33 -15.89 -13.98
C PHE E 386 39.61 -16.71 -13.73
N PHE E 387 40.74 -16.02 -13.87
CA PHE E 387 42.07 -16.59 -13.79
C PHE E 387 42.65 -16.30 -12.42
N TYR E 388 43.20 -17.33 -11.77
CA TYR E 388 43.66 -17.28 -10.39
C TYR E 388 45.10 -17.78 -10.43
N CYS E 389 46.07 -16.86 -10.46
CA CYS E 389 47.44 -17.20 -10.81
C CYS E 389 48.39 -17.15 -9.62
N ASN E 390 49.25 -18.17 -9.54
CA ASN E 390 50.30 -18.27 -8.53
C ASN E 390 51.37 -17.24 -8.86
N THR E 391 51.51 -16.23 -8.00
CA THR E 391 52.50 -15.18 -8.19
C THR E 391 53.81 -15.46 -7.47
N SER E 392 53.94 -16.62 -6.82
CA SER E 392 55.13 -16.91 -6.02
C SER E 392 56.40 -16.87 -6.83
N GLY E 393 56.33 -17.11 -8.14
CA GLY E 393 57.50 -17.03 -8.99
C GLY E 393 57.92 -15.63 -9.38
N LEU E 394 57.24 -14.61 -8.86
CA LEU E 394 57.56 -13.22 -9.17
C LEU E 394 58.28 -12.51 -8.05
N PHE E 395 57.95 -12.82 -6.81
CA PHE E 395 58.49 -12.15 -5.63
C PHE E 395 59.40 -13.13 -4.89
N ASN E 396 60.69 -12.86 -4.92
CA ASN E 396 61.66 -13.77 -4.33
C ASN E 396 62.97 -13.03 -4.11
N SER E 397 63.85 -13.67 -3.35
CA SER E 397 65.25 -13.28 -3.24
C SER E 397 65.48 -11.93 -2.58
N THR E 398 66.75 -11.57 -2.43
CA THR E 398 67.20 -10.32 -1.85
C THR E 398 67.86 -9.51 -2.97
N TRP E 399 67.86 -8.19 -2.82
CA TRP E 399 68.24 -7.29 -3.90
C TRP E 399 69.17 -6.17 -3.45
N ILE E 400 69.83 -6.31 -2.29
CA ILE E 400 70.69 -5.23 -1.80
C ILE E 400 71.85 -5.00 -2.76
N SER E 401 72.49 -6.08 -3.23
CA SER E 401 73.53 -5.98 -4.25
C SER E 401 74.73 -5.14 -3.78
N ASN E 402 74.93 -5.08 -2.46
CA ASN E 402 76.10 -4.38 -1.93
C ASN E 402 76.30 -4.82 -0.49
N THR E 403 77.51 -4.60 0.00
CA THR E 403 77.89 -5.01 1.35
C THR E 403 77.05 -4.31 2.41
N ASN E 414 65.30 -13.18 -24.20
CA ASN E 414 66.06 -13.63 -23.05
C ASN E 414 65.42 -14.87 -22.43
N ASP E 415 64.38 -14.67 -21.61
CA ASP E 415 63.73 -15.76 -20.90
C ASP E 415 62.38 -15.27 -20.40
N SER E 416 61.59 -16.20 -19.88
CA SER E 416 60.24 -15.91 -19.41
C SER E 416 59.98 -16.61 -18.08
N ILE E 417 59.19 -15.98 -17.23
CA ILE E 417 58.72 -16.57 -15.99
C ILE E 417 57.35 -17.17 -16.23
N THR E 418 57.16 -18.42 -15.77
CA THR E 418 55.91 -19.14 -15.92
C THR E 418 55.14 -19.08 -14.60
N LEU E 419 53.88 -18.68 -14.67
CA LEU E 419 52.99 -18.59 -13.52
C LEU E 419 51.79 -19.50 -13.77
N PRO E 420 51.65 -20.63 -13.06
CA PRO E 420 50.44 -21.44 -13.24
C PRO E 420 49.21 -20.71 -12.74
N CYS E 421 48.07 -21.04 -13.35
CA CYS E 421 46.81 -20.39 -13.06
C CYS E 421 45.68 -21.41 -13.08
N ARG E 422 44.81 -21.28 -12.09
CA ARG E 422 43.56 -22.04 -12.02
C ARG E 422 42.42 -21.21 -12.58
N ILE E 423 41.36 -21.90 -12.96
CA ILE E 423 40.19 -21.29 -13.57
C ILE E 423 39.02 -21.53 -12.65
N LYS E 424 38.33 -20.46 -12.26
CA LYS E 424 37.21 -20.58 -11.34
C LYS E 424 35.98 -19.99 -12.00
N GLN E 425 34.84 -20.66 -11.85
CA GLN E 425 33.61 -20.23 -12.52
C GLN E 425 32.64 -19.53 -11.58
N ILE E 426 32.50 -19.99 -10.35
CA ILE E 426 31.59 -19.41 -9.38
C ILE E 426 32.39 -18.38 -8.58
N ILE E 427 31.88 -17.15 -8.50
CA ILE E 427 32.65 -16.01 -8.05
C ILE E 427 31.85 -15.24 -7.01
N ASN E 428 32.47 -15.00 -5.86
CA ASN E 428 31.96 -14.06 -4.86
C ASN E 428 32.84 -12.83 -4.93
N MET E 429 32.44 -11.86 -5.73
CA MET E 429 33.29 -10.70 -5.93
C MET E 429 33.05 -9.71 -4.80
N TRP E 430 34.05 -8.89 -4.52
CA TRP E 430 34.05 -7.93 -3.41
C TRP E 430 33.95 -8.73 -2.10
N GLN E 431 33.32 -8.17 -1.07
CA GLN E 431 33.26 -8.81 0.25
C GLN E 431 32.04 -9.72 0.32
N ARG E 432 32.07 -10.76 -0.50
CA ARG E 432 30.98 -11.72 -0.59
C ARG E 432 29.68 -11.00 -0.96
N ILE E 433 29.73 -10.22 -2.03
CA ILE E 433 28.58 -9.46 -2.50
C ILE E 433 28.11 -9.95 -3.87
N GLY E 434 28.99 -10.58 -4.64
CA GLY E 434 28.58 -11.15 -5.91
C GLY E 434 27.51 -12.21 -5.76
N GLN E 435 27.50 -12.91 -4.63
CA GLN E 435 26.49 -13.91 -4.29
C GLN E 435 26.40 -15.00 -5.36
N ALA E 436 27.53 -15.66 -5.57
CA ALA E 436 27.59 -16.88 -6.37
C ALA E 436 27.19 -16.60 -7.82
N MET E 437 27.87 -15.61 -8.40
CA MET E 437 27.77 -15.39 -9.83
C MET E 437 28.52 -16.51 -10.51
N TYR E 438 27.86 -17.20 -11.43
CA TYR E 438 28.40 -18.36 -12.12
C TYR E 438 28.89 -17.94 -13.50
N ALA E 439 30.19 -18.04 -13.74
CA ALA E 439 30.75 -17.62 -15.01
C ALA E 439 30.44 -18.66 -16.07
N PRO E 440 29.72 -18.34 -17.15
CA PRO E 440 29.48 -19.33 -18.17
C PRO E 440 30.76 -19.62 -18.94
N PRO E 441 30.94 -20.83 -19.45
CA PRO E 441 32.17 -21.11 -20.20
C PRO E 441 32.17 -20.42 -21.54
N ILE E 442 33.36 -20.39 -22.15
CA ILE E 442 33.59 -19.82 -23.46
C ILE E 442 34.19 -20.90 -24.36
N GLN E 443 33.57 -21.12 -25.51
CA GLN E 443 34.09 -22.10 -26.45
C GLN E 443 35.44 -21.65 -26.99
N GLY E 444 36.31 -22.63 -27.24
CA GLY E 444 37.60 -22.34 -27.84
C GLY E 444 38.72 -22.22 -26.84
N VAL E 445 39.63 -21.28 -27.12
CA VAL E 445 40.87 -21.09 -26.36
C VAL E 445 40.93 -19.62 -25.97
N ILE E 446 41.51 -19.33 -24.80
CA ILE E 446 41.46 -17.99 -24.23
C ILE E 446 42.88 -17.43 -24.13
N ARG E 447 43.06 -16.20 -24.61
CA ARG E 447 44.36 -15.54 -24.56
C ARG E 447 44.18 -14.05 -24.28
N CYS E 448 44.94 -13.54 -23.32
CA CYS E 448 45.00 -12.12 -23.00
C CYS E 448 46.45 -11.68 -22.94
N VAL E 449 46.69 -10.43 -23.30
CA VAL E 449 48.01 -9.83 -23.27
C VAL E 449 47.88 -8.48 -22.59
N SER E 450 48.63 -8.27 -21.52
CA SER E 450 48.40 -7.14 -20.63
C SER E 450 49.70 -6.48 -20.21
N ASN E 451 49.51 -5.27 -19.72
CA ASN E 451 50.53 -4.43 -19.13
C ASN E 451 50.31 -4.38 -17.63
N ILE E 452 51.31 -4.76 -16.85
CA ILE E 452 51.30 -4.45 -15.43
C ILE E 452 51.86 -3.04 -15.35
N THR E 453 51.08 -2.13 -14.78
CA THR E 453 51.52 -0.76 -14.54
C THR E 453 51.80 -0.46 -13.07
N GLY E 454 51.48 -1.37 -12.16
CA GLY E 454 51.74 -1.08 -10.77
C GLY E 454 51.60 -2.32 -9.92
N LEU E 455 52.17 -2.23 -8.73
CA LEU E 455 52.20 -3.32 -7.77
C LEU E 455 51.53 -2.89 -6.48
N ILE E 456 50.96 -3.87 -5.78
CA ILE E 456 50.44 -3.69 -4.43
C ILE E 456 51.25 -4.56 -3.50
N LEU E 457 52.01 -3.91 -2.61
CA LEU E 457 52.92 -4.59 -1.71
C LEU E 457 52.51 -4.32 -0.26
N THR E 458 53.02 -5.14 0.65
CA THR E 458 52.92 -4.89 2.09
C THR E 458 54.20 -5.31 2.77
N ARG E 459 54.65 -4.47 3.71
CA ARG E 459 55.86 -4.76 4.46
C ARG E 459 55.52 -5.64 5.66
N ASP E 460 56.41 -6.59 5.96
CA ASP E 460 56.22 -7.46 7.10
C ASP E 460 56.44 -6.68 8.39
N GLY E 461 56.24 -7.34 9.52
CA GLY E 461 56.49 -6.72 10.81
C GLY E 461 57.95 -6.80 11.20
N GLY E 462 58.82 -6.23 10.38
CA GLY E 462 60.25 -6.24 10.61
C GLY E 462 60.79 -5.05 11.36
N SER E 463 59.92 -4.22 11.95
CA SER E 463 60.37 -3.00 12.59
C SER E 463 61.31 -3.26 13.77
N THR E 464 61.03 -4.29 14.56
CA THR E 464 61.87 -4.61 15.71
C THR E 464 63.19 -5.25 15.31
N ASN E 465 63.27 -5.84 14.12
CA ASN E 465 64.49 -6.49 13.66
C ASN E 465 65.49 -5.53 13.04
N SER E 466 65.01 -4.49 12.37
CA SER E 466 65.88 -3.48 11.74
C SER E 466 66.83 -4.12 10.75
N THR E 467 66.32 -5.06 9.95
CA THR E 467 67.15 -5.74 8.98
C THR E 467 66.28 -6.59 8.08
N THR E 468 66.66 -6.64 6.80
CA THR E 468 66.01 -7.50 5.80
C THR E 468 64.51 -7.24 5.75
N GLU E 469 64.19 -6.00 5.43
CA GLU E 469 62.79 -5.60 5.33
C GLU E 469 62.14 -6.34 4.16
N THR E 470 61.13 -7.14 4.48
CA THR E 470 60.57 -8.15 3.58
C THR E 470 59.19 -7.71 3.11
N PHE E 471 59.03 -7.58 1.79
CA PHE E 471 57.78 -7.13 1.19
C PHE E 471 57.09 -8.30 0.50
N ARG E 472 55.78 -8.35 0.62
CA ARG E 472 54.94 -9.44 0.16
C ARG E 472 53.81 -8.85 -0.67
N PRO E 473 53.06 -9.69 -1.39
CA PRO E 473 51.86 -9.21 -2.08
C PRO E 473 50.91 -8.50 -1.11
N GLY E 474 50.10 -7.61 -1.65
CA GLY E 474 49.03 -7.01 -0.89
C GLY E 474 47.69 -7.08 -1.59
N GLY E 475 46.85 -6.08 -1.36
CA GLY E 475 45.63 -5.93 -2.13
C GLY E 475 44.42 -6.50 -1.40
N GLY E 476 43.43 -6.89 -2.20
CA GLY E 476 42.16 -7.37 -1.70
C GLY E 476 41.14 -6.28 -1.47
N ASP E 477 41.57 -5.02 -1.41
CA ASP E 477 40.68 -3.87 -1.38
C ASP E 477 40.70 -3.22 -2.75
N MET E 478 39.69 -3.53 -3.56
CA MET E 478 39.69 -3.14 -4.97
C MET E 478 39.75 -1.63 -5.17
N ARG E 479 39.42 -0.83 -4.13
CA ARG E 479 39.54 0.62 -4.24
C ARG E 479 40.91 1.05 -4.71
N ASP E 480 41.96 0.35 -4.25
CA ASP E 480 43.32 0.63 -4.68
C ASP E 480 43.44 0.67 -6.19
N ASN E 481 42.80 -0.29 -6.88
CA ASN E 481 42.93 -0.40 -8.33
C ASN E 481 42.52 0.88 -9.03
N TRP E 482 41.64 1.66 -8.42
CA TRP E 482 41.20 2.92 -9.00
C TRP E 482 41.90 4.10 -8.37
N ARG E 483 42.28 3.97 -7.09
CA ARG E 483 43.09 4.98 -6.43
C ARG E 483 44.32 5.31 -7.28
N SER E 484 44.95 4.26 -7.81
CA SER E 484 46.17 4.40 -8.61
C SER E 484 45.99 5.27 -9.84
N GLU E 485 44.75 5.57 -10.22
CA GLU E 485 44.46 6.63 -11.17
C GLU E 485 43.83 7.83 -10.51
N LEU E 486 42.88 7.58 -9.62
CA LEU E 486 42.06 8.66 -9.11
C LEU E 486 42.81 9.53 -8.12
N TYR E 487 44.05 9.17 -7.76
CA TYR E 487 44.90 10.10 -7.03
C TYR E 487 45.07 11.40 -7.80
N LYS E 488 45.06 11.34 -9.13
CA LYS E 488 45.32 12.55 -9.90
C LYS E 488 44.23 13.61 -9.79
N TYR E 489 43.06 13.28 -9.24
CA TYR E 489 41.90 14.17 -9.30
C TYR E 489 41.31 14.44 -7.93
N LYS E 490 40.49 15.50 -7.89
CA LYS E 490 39.79 15.97 -6.70
C LYS E 490 38.53 16.71 -7.13
N VAL E 491 37.49 16.63 -6.30
CA VAL E 491 36.18 17.22 -6.61
C VAL E 491 36.02 18.47 -5.75
N VAL E 492 35.54 19.56 -6.37
CA VAL E 492 35.35 20.83 -5.68
C VAL E 492 34.05 21.48 -6.11
N LYS E 493 33.51 22.31 -5.22
CA LYS E 493 32.26 23.04 -5.46
C LYS E 493 32.57 24.52 -5.53
N ILE E 494 32.07 25.13 -6.60
CA ILE E 494 32.24 26.57 -6.78
C ILE E 494 31.37 27.29 -5.76
N GLU E 495 31.97 28.28 -5.09
CA GLU E 495 31.28 29.12 -4.10
C GLU E 495 31.23 30.53 -4.66
N PRO E 496 30.42 30.76 -5.68
CA PRO E 496 30.62 31.95 -6.54
C PRO E 496 30.38 33.29 -5.84
N LEU E 497 29.67 33.32 -4.72
CA LEU E 497 29.18 34.57 -4.16
C LEU E 497 30.04 34.98 -2.98
N GLY E 498 30.42 36.25 -2.92
CA GLY E 498 31.24 36.75 -1.85
C GLY E 498 31.13 38.26 -1.76
N VAL E 499 31.99 38.85 -0.92
CA VAL E 499 31.99 40.28 -0.68
C VAL E 499 33.41 40.80 -0.55
N ALA E 500 33.56 42.11 -0.65
CA ALA E 500 34.86 42.74 -0.53
C ALA E 500 34.68 44.23 -0.31
N PRO E 501 35.70 44.93 0.20
CA PRO E 501 35.57 46.39 0.36
C PRO E 501 35.82 47.13 -0.94
N THR E 502 35.36 48.38 -0.97
CA THR E 502 35.44 49.23 -2.15
C THR E 502 35.52 50.69 -1.75
N ARG E 503 35.72 51.52 -2.75
CA ARG E 503 35.88 52.96 -2.61
C ARG E 503 34.56 53.71 -2.56
N CYS E 504 33.42 53.04 -2.71
CA CYS E 504 32.18 53.73 -3.03
C CYS E 504 30.97 52.91 -2.59
N LYS E 505 29.83 53.60 -2.49
CA LYS E 505 28.57 53.03 -2.05
C LYS E 505 27.49 53.29 -3.10
N ARG E 506 26.25 52.97 -2.74
CA ARG E 506 25.11 53.26 -3.60
C ARG E 506 24.76 54.74 -3.54
N ARG E 507 24.36 55.30 -4.69
CA ARG E 507 23.82 56.67 -4.71
C ARG E 507 22.32 56.64 -4.52
N LEU F 11 42.36 32.16 -18.75
CA LEU F 11 41.48 32.71 -19.78
C LEU F 11 40.07 32.17 -19.59
N GLY F 12 39.97 30.86 -19.43
CA GLY F 12 38.71 30.16 -19.34
C GLY F 12 38.23 30.05 -17.91
N PHE F 13 37.40 29.03 -17.68
CA PHE F 13 36.70 28.90 -16.40
C PHE F 13 37.67 28.72 -15.25
N LEU F 14 37.51 29.56 -14.23
CA LEU F 14 38.42 29.71 -13.09
C LEU F 14 39.79 30.25 -13.49
N GLY F 15 39.94 30.76 -14.72
CA GLY F 15 41.25 31.13 -15.21
C GLY F 15 41.95 32.17 -14.38
N ALA F 16 41.20 33.02 -13.68
CA ALA F 16 41.76 34.06 -12.83
C ALA F 16 41.79 33.66 -11.37
N ALA F 17 41.64 32.37 -11.05
CA ALA F 17 41.55 31.95 -9.65
C ALA F 17 42.82 32.31 -8.90
N GLY F 18 43.98 32.13 -9.51
CA GLY F 18 45.24 32.56 -8.94
C GLY F 18 45.56 34.02 -9.12
N SER F 19 44.78 34.74 -9.91
CA SER F 19 45.00 36.15 -10.12
C SER F 19 44.50 36.96 -8.93
N THR F 20 44.87 38.23 -8.90
CA THR F 20 44.40 39.11 -7.84
C THR F 20 42.91 39.38 -8.02
N MET F 21 42.24 39.76 -6.92
CA MET F 21 40.78 39.98 -6.96
C MET F 21 40.44 41.05 -7.99
N GLY F 22 41.21 42.14 -8.03
CA GLY F 22 40.97 43.20 -9.02
C GLY F 22 41.10 42.66 -10.44
N ALA F 23 42.12 41.84 -10.69
CA ALA F 23 42.30 41.23 -12.02
C ALA F 23 41.18 40.21 -12.28
N ALA F 24 40.64 39.62 -11.22
CA ALA F 24 39.59 38.57 -11.38
C ALA F 24 38.20 39.16 -11.13
N SER F 25 38.07 40.48 -11.13
CA SER F 25 36.76 41.11 -10.83
C SER F 25 35.78 40.97 -12.00
N MET F 26 36.29 40.79 -13.22
CA MET F 26 35.39 40.73 -14.41
C MET F 26 35.12 39.27 -14.79
N THR F 27 36.10 38.38 -14.62
CA THR F 27 35.94 36.95 -15.02
C THR F 27 34.63 36.38 -14.46
N LEU F 28 34.04 37.05 -13.47
CA LEU F 28 32.81 36.52 -12.82
C LEU F 28 31.88 35.93 -13.88
N THR F 29 31.85 36.53 -15.07
CA THR F 29 30.92 36.07 -16.14
C THR F 29 31.16 34.59 -16.45
N VAL F 30 32.42 34.17 -16.64
CA VAL F 30 32.69 32.76 -17.05
C VAL F 30 32.13 31.81 -15.98
N GLN F 31 32.48 32.04 -14.70
CA GLN F 31 31.95 31.20 -13.60
C GLN F 31 30.41 31.24 -13.63
N ALA F 32 29.84 32.43 -13.81
CA ALA F 32 28.37 32.58 -13.84
C ALA F 32 27.78 31.61 -14.87
N ARG F 33 28.25 31.65 -16.11
CA ARG F 33 27.70 30.79 -17.14
C ARG F 33 27.74 29.34 -16.68
N ASN F 34 28.93 28.89 -16.24
CA ASN F 34 29.05 27.51 -15.77
C ASN F 34 28.09 27.22 -14.63
N LEU F 35 27.83 28.22 -13.77
CA LEU F 35 27.03 27.97 -12.56
C LEU F 35 25.68 27.40 -12.92
N LEU F 36 25.20 27.69 -14.12
CA LEU F 36 24.09 26.97 -14.69
C LEU F 36 24.51 26.07 -15.83
N SER F 37 25.41 26.55 -16.68
CA SER F 37 25.57 25.93 -18.00
C SER F 37 26.22 24.56 -17.94
N GLY F 38 26.65 24.12 -16.76
CA GLY F 38 27.02 22.73 -16.63
C GLY F 38 25.91 21.78 -17.03
N ILE F 39 24.65 22.18 -16.83
CA ILE F 39 23.55 21.31 -17.28
C ILE F 39 23.61 21.17 -18.78
N VAL F 40 24.01 22.23 -19.48
CA VAL F 40 24.16 22.14 -20.93
C VAL F 40 25.24 21.11 -21.26
N GLN F 41 26.30 21.07 -20.45
CA GLN F 41 27.30 20.03 -20.62
C GLN F 41 26.73 18.66 -20.24
N GLN F 42 25.82 18.62 -19.28
CA GLN F 42 25.23 17.35 -18.88
C GLN F 42 24.27 16.85 -19.95
N GLN F 43 23.50 17.74 -20.55
CA GLN F 43 22.41 17.33 -21.43
C GLN F 43 22.07 18.48 -22.35
N SER F 44 21.50 18.13 -23.50
CA SER F 44 20.89 19.05 -24.47
C SER F 44 21.92 19.81 -25.31
N ASN F 45 23.20 19.76 -24.91
CA ASN F 45 24.30 20.02 -25.84
C ASN F 45 25.20 18.79 -25.92
N LEU F 46 25.45 18.17 -24.77
CA LEU F 46 25.80 16.75 -24.73
C LEU F 46 24.48 15.97 -24.82
N LEU F 47 23.96 15.94 -26.05
CA LEU F 47 22.60 15.50 -26.30
C LEU F 47 22.43 14.05 -25.87
N ARG F 48 21.33 13.77 -25.18
CA ARG F 48 21.13 12.45 -24.61
C ARG F 48 21.12 11.39 -25.71
N ALA F 49 21.94 10.36 -25.53
CA ALA F 49 22.09 9.37 -26.58
C ALA F 49 20.76 8.62 -26.77
N PRO F 50 20.47 8.12 -27.99
CA PRO F 50 19.24 7.35 -28.17
C PRO F 50 19.08 6.19 -27.21
N GLU F 51 20.19 5.65 -26.69
CA GLU F 51 20.12 4.62 -25.67
C GLU F 51 19.74 5.16 -24.30
N CYS F 52 19.69 6.48 -24.12
CA CYS F 52 19.28 7.03 -22.84
C CYS F 52 17.82 6.73 -22.56
N GLN F 53 17.55 6.32 -21.31
CA GLN F 53 16.24 5.98 -20.77
C GLN F 53 15.76 4.59 -21.18
N GLN F 54 16.46 3.92 -22.10
CA GLN F 54 16.22 2.50 -22.33
C GLN F 54 17.17 1.66 -21.50
N HIS F 55 18.42 2.10 -21.40
CA HIS F 55 19.40 1.53 -20.48
C HIS F 55 19.50 2.33 -19.19
N LEU F 56 18.63 3.32 -18.99
CA LEU F 56 18.49 4.01 -17.71
C LEU F 56 17.10 3.81 -17.12
N LEU F 57 16.30 2.89 -17.67
CA LEU F 57 15.18 2.36 -16.93
C LEU F 57 15.61 1.76 -15.60
N LYS F 58 16.82 1.21 -15.54
CA LYS F 58 17.41 0.76 -14.29
C LYS F 58 17.86 2.02 -13.56
N LEU F 59 16.88 2.63 -12.88
CA LEU F 59 17.05 3.97 -12.32
C LEU F 59 18.15 4.06 -11.28
N THR F 60 18.44 2.95 -10.59
CA THR F 60 19.38 2.99 -9.48
C THR F 60 20.79 3.37 -9.95
N VAL F 61 21.14 3.02 -11.18
CA VAL F 61 22.37 3.50 -11.81
C VAL F 61 22.02 4.69 -12.66
N TRP F 62 22.54 5.86 -12.28
CA TRP F 62 22.69 6.99 -13.20
C TRP F 62 21.33 7.47 -13.68
N GLY F 63 20.30 7.19 -12.88
CA GLY F 63 18.93 7.46 -13.19
C GLY F 63 18.44 8.56 -12.27
N ILE F 64 17.84 8.16 -11.15
CA ILE F 64 17.42 9.14 -10.15
C ILE F 64 18.58 10.03 -9.76
N LYS F 65 19.77 9.45 -9.59
CA LYS F 65 20.90 10.23 -9.07
C LYS F 65 21.30 11.37 -10.00
N GLN F 66 21.25 11.15 -11.31
CA GLN F 66 21.49 12.25 -12.23
C GLN F 66 20.45 13.36 -12.07
N LEU F 67 19.19 12.99 -11.88
CA LEU F 67 18.17 14.01 -11.76
C LEU F 67 18.31 14.74 -10.42
N GLN F 68 18.74 14.00 -9.39
CA GLN F 68 19.13 14.62 -8.13
C GLN F 68 20.19 15.69 -8.37
N ALA F 69 21.23 15.34 -9.12
CA ALA F 69 22.31 16.28 -9.35
C ALA F 69 21.81 17.52 -10.09
N ARG F 70 20.98 17.31 -11.10
CA ARG F 70 20.46 18.45 -11.84
C ARG F 70 19.62 19.36 -10.96
N VAL F 71 18.71 18.78 -10.17
CA VAL F 71 17.85 19.63 -9.36
C VAL F 71 18.66 20.33 -8.28
N LEU F 72 19.68 19.66 -7.76
CA LEU F 72 20.51 20.28 -6.75
C LEU F 72 21.26 21.48 -7.32
N ALA F 73 21.79 21.34 -8.53
CA ALA F 73 22.44 22.47 -9.19
C ALA F 73 21.45 23.61 -9.40
N VAL F 74 20.26 23.28 -9.88
CA VAL F 74 19.21 24.28 -10.06
C VAL F 74 18.94 25.03 -8.76
N GLU F 75 18.83 24.29 -7.67
CA GLU F 75 18.49 24.93 -6.40
C GLU F 75 19.63 25.75 -5.86
N ARG F 76 20.87 25.32 -6.08
CA ARG F 76 21.98 26.19 -5.70
C ARG F 76 21.87 27.51 -6.45
N TYR F 77 21.57 27.43 -7.75
CA TYR F 77 21.42 28.64 -8.53
C TYR F 77 20.31 29.52 -7.99
N LEU F 78 19.14 28.93 -7.72
CA LEU F 78 18.01 29.72 -7.25
C LEU F 78 18.26 30.31 -5.88
N ARG F 79 18.84 29.54 -4.96
CA ARG F 79 19.11 30.06 -3.63
C ARG F 79 20.06 31.24 -3.71
N ASP F 80 21.11 31.12 -4.51
CA ASP F 80 22.03 32.25 -4.64
C ASP F 80 21.35 33.43 -5.34
N GLN F 81 20.53 33.17 -6.36
CA GLN F 81 19.90 34.28 -7.07
C GLN F 81 18.94 35.03 -6.16
N GLN F 82 18.14 34.30 -5.38
CA GLN F 82 17.27 34.94 -4.41
C GLN F 82 18.07 35.67 -3.36
N LEU F 83 19.19 35.08 -2.93
CA LEU F 83 20.01 35.75 -1.93
C LEU F 83 20.59 37.04 -2.47
N LEU F 84 20.82 37.09 -3.78
CA LEU F 84 21.19 38.36 -4.38
C LEU F 84 20.00 39.31 -4.38
N GLY F 85 18.88 38.88 -4.96
CA GLY F 85 17.77 39.78 -5.15
C GLY F 85 17.22 40.35 -3.85
N ILE F 86 17.28 39.55 -2.78
CA ILE F 86 16.82 40.03 -1.48
C ILE F 86 17.74 41.11 -0.93
N TRP F 87 18.93 41.27 -1.47
CA TRP F 87 19.77 42.43 -1.18
C TRP F 87 19.61 43.53 -2.21
N GLY F 88 18.66 43.40 -3.12
CA GLY F 88 18.68 44.22 -4.31
C GLY F 88 19.73 43.72 -5.26
N CYS F 89 20.07 44.55 -6.24
CA CYS F 89 21.09 44.22 -7.23
C CYS F 89 20.74 42.95 -8.00
N SER F 90 19.49 42.77 -8.37
CA SER F 90 19.11 41.58 -9.13
C SER F 90 19.72 41.65 -10.53
N GLY F 91 20.43 40.59 -10.91
CA GLY F 91 21.01 40.48 -12.23
C GLY F 91 22.39 41.08 -12.39
N LYS F 92 22.87 41.83 -11.41
CA LYS F 92 24.17 42.48 -11.52
C LYS F 92 25.25 41.57 -10.95
N LEU F 93 26.33 41.43 -11.71
CA LEU F 93 27.48 40.70 -11.22
C LEU F 93 28.08 41.40 -10.01
N ILE F 94 28.22 42.72 -10.09
CA ILE F 94 28.87 43.53 -9.06
C ILE F 94 27.95 44.70 -8.75
N CYS F 95 27.90 45.11 -7.50
CA CYS F 95 27.20 46.33 -7.11
C CYS F 95 27.61 46.69 -5.69
N CYS F 96 27.60 47.99 -5.41
CA CYS F 96 27.87 48.47 -4.07
C CYS F 96 26.60 48.45 -3.22
N THR F 97 26.79 48.60 -1.92
CA THR F 97 25.71 48.68 -0.95
C THR F 97 25.99 49.86 -0.02
N ASN F 98 25.07 50.10 0.91
CA ASN F 98 25.17 51.22 1.84
C ASN F 98 25.78 50.82 3.18
N VAL F 99 26.37 49.63 3.27
CA VAL F 99 26.96 49.13 4.51
C VAL F 99 28.44 49.49 4.50
N PRO F 100 28.96 50.22 5.48
CA PRO F 100 30.39 50.46 5.52
C PRO F 100 31.15 49.20 5.93
N TRP F 101 32.43 49.17 5.58
CA TRP F 101 33.25 48.02 5.90
C TRP F 101 33.75 48.11 7.34
N ASN F 102 33.61 47.01 8.08
CA ASN F 102 34.09 46.90 9.45
C ASN F 102 35.53 46.38 9.41
N SER F 103 36.44 47.10 10.07
CA SER F 103 37.81 46.62 10.16
C SER F 103 37.92 45.31 10.92
N THR F 104 36.91 44.97 11.72
CA THR F 104 36.90 43.68 12.40
C THR F 104 36.98 42.53 11.40
N TRP F 105 36.26 42.63 10.30
CA TRP F 105 36.21 41.54 9.33
C TRP F 105 37.57 41.33 8.68
N SER F 106 38.22 42.40 8.26
CA SER F 106 39.50 42.30 7.58
C SER F 106 40.23 43.63 7.73
N ASN F 107 41.48 43.57 8.17
CA ASN F 107 42.36 44.72 8.22
C ASN F 107 43.34 44.62 7.04
N ARG F 108 42.84 45.03 5.87
CA ARG F 108 43.58 44.94 4.62
C ARG F 108 43.22 46.14 3.74
N ASN F 109 44.17 46.52 2.88
CA ASN F 109 44.01 47.65 1.98
C ASN F 109 43.57 47.17 0.59
N LEU F 110 43.03 48.10 -0.19
CA LEU F 110 42.79 47.80 -1.60
C LEU F 110 44.07 47.38 -2.30
N SER F 111 45.18 48.08 -2.04
CA SER F 111 46.47 47.65 -2.54
C SER F 111 46.77 46.22 -2.11
N GLU F 112 46.34 45.85 -0.92
CA GLU F 112 46.49 44.50 -0.40
C GLU F 112 45.31 43.60 -0.77
N ILE F 113 44.15 44.17 -1.10
CA ILE F 113 42.95 43.40 -1.40
C ILE F 113 42.74 43.25 -2.90
N TRP F 114 42.46 44.36 -3.59
CA TRP F 114 42.26 44.28 -5.04
C TRP F 114 43.51 43.76 -5.74
N ASP F 115 44.68 44.08 -5.21
CA ASP F 115 45.95 43.56 -5.70
C ASP F 115 46.59 42.71 -4.62
N ASN F 116 47.61 41.95 -5.02
CA ASN F 116 48.53 41.20 -4.17
C ASN F 116 47.92 39.94 -3.57
N MET F 117 46.61 39.73 -3.69
CA MET F 117 45.98 38.58 -3.06
C MET F 117 44.80 38.11 -3.89
N THR F 118 44.56 36.82 -3.86
CA THR F 118 43.56 36.13 -4.66
C THR F 118 42.26 35.97 -3.88
N TRP F 119 41.20 35.66 -4.63
CA TRP F 119 39.88 35.54 -4.02
C TRP F 119 39.81 34.39 -3.03
N LEU F 120 40.41 33.25 -3.35
CA LEU F 120 40.43 32.11 -2.43
C LEU F 120 40.98 32.51 -1.08
N GLN F 121 42.12 33.19 -1.09
CA GLN F 121 42.67 33.74 0.13
C GLN F 121 41.66 34.64 0.82
N TRP F 122 40.99 35.50 0.04
CA TRP F 122 40.14 36.52 0.64
C TRP F 122 38.96 35.90 1.37
N ASP F 123 38.21 35.03 0.68
CA ASP F 123 37.01 34.51 1.30
C ASP F 123 37.37 33.51 2.39
N LYS F 124 38.59 32.95 2.36
CA LYS F 124 39.05 32.29 3.56
C LYS F 124 39.22 33.28 4.70
N GLU F 125 39.84 34.43 4.43
CA GLU F 125 40.16 35.37 5.51
C GLU F 125 38.93 36.02 6.12
N ILE F 126 37.81 36.03 5.41
CA ILE F 126 36.57 36.58 5.94
C ILE F 126 35.48 35.51 6.04
N SER F 127 35.88 34.27 6.33
CA SER F 127 34.89 33.19 6.35
C SER F 127 33.88 33.38 7.47
N ASN F 128 34.34 33.43 8.72
CA ASN F 128 33.46 33.39 9.88
C ASN F 128 32.47 34.52 9.93
N TYR F 129 32.75 35.63 9.26
CA TYR F 129 31.86 36.80 9.30
C TYR F 129 30.83 36.79 8.20
N THR F 130 30.78 35.77 7.35
CA THR F 130 29.96 35.84 6.14
C THR F 130 28.50 36.14 6.48
N GLN F 131 27.91 35.31 7.34
CA GLN F 131 26.53 35.49 7.73
C GLN F 131 26.29 36.86 8.34
N ILE F 132 27.30 37.47 8.96
CA ILE F 132 27.13 38.83 9.45
C ILE F 132 26.84 39.77 8.30
N ILE F 133 27.77 39.88 7.34
CA ILE F 133 27.64 40.90 6.31
C ILE F 133 26.36 40.70 5.54
N TYR F 134 26.05 39.45 5.17
CA TYR F 134 24.82 39.14 4.45
C TYR F 134 23.61 39.74 5.16
N GLY F 135 23.52 39.52 6.48
CA GLY F 135 22.40 40.04 7.22
C GLY F 135 22.29 41.55 7.09
N LEU F 136 23.42 42.25 7.24
CA LEU F 136 23.42 43.69 7.07
C LEU F 136 22.84 44.09 5.71
N LEU F 137 23.32 43.44 4.63
CA LEU F 137 22.80 43.77 3.31
C LEU F 137 21.30 43.57 3.28
N GLU F 138 20.83 42.43 3.80
CA GLU F 138 19.40 42.16 3.85
C GLU F 138 18.68 43.30 4.55
N GLU F 139 19.15 43.66 5.75
CA GLU F 139 18.53 44.75 6.49
C GLU F 139 18.48 46.02 5.66
N SER F 140 19.62 46.36 5.04
CA SER F 140 19.71 47.57 4.24
C SER F 140 18.63 47.59 3.18
N GLN F 141 18.53 46.51 2.41
CA GLN F 141 17.58 46.47 1.32
C GLN F 141 16.18 46.71 1.84
N ASN F 142 15.84 46.03 2.94
CA ASN F 142 14.49 46.14 3.48
C ASN F 142 14.16 47.58 3.80
N GLN F 143 15.08 48.26 4.51
CA GLN F 143 14.84 49.64 4.91
C GLN F 143 14.50 50.48 3.70
N GLN F 144 15.33 50.36 2.66
CA GLN F 144 15.19 51.22 1.50
C GLN F 144 13.80 51.09 0.92
N GLU F 145 13.34 49.84 0.76
CA GLU F 145 12.07 49.62 0.09
C GLU F 145 10.96 50.32 0.85
N LYS F 146 10.90 50.10 2.16
CA LYS F 146 9.83 50.68 2.95
C LYS F 146 9.86 52.19 2.83
N ASN F 147 11.06 52.76 2.96
CA ASN F 147 11.19 54.21 2.93
C ASN F 147 10.65 54.74 1.62
N GLU F 148 11.04 54.09 0.52
CA GLU F 148 10.65 54.58 -0.79
C GLU F 148 9.14 54.62 -0.91
N GLN F 149 8.47 53.56 -0.44
CA GLN F 149 7.03 53.52 -0.55
C GLN F 149 6.40 54.68 0.18
N ASP F 150 6.83 54.93 1.41
CA ASP F 150 6.25 56.05 2.13
C ASP F 150 6.65 57.35 1.46
N LEU F 151 7.89 57.40 0.96
CA LEU F 151 8.33 58.58 0.21
C LEU F 151 7.47 58.77 -1.02
N LEU F 152 7.03 57.67 -1.64
CA LEU F 152 6.21 57.81 -2.83
C LEU F 152 4.76 58.11 -2.46
N ALA F 153 4.35 57.76 -1.22
CA ALA F 153 3.01 58.11 -0.79
C ALA F 153 2.91 59.59 -0.47
N LEU F 154 3.93 60.14 0.17
CA LEU F 154 3.94 61.54 0.57
C LEU F 154 4.12 62.45 -0.65
N ASN G 38 -8.24 58.10 -2.03
CA ASN G 38 -8.00 57.17 -3.13
C ASN G 38 -6.81 56.26 -2.82
N LEU G 39 -7.11 55.05 -2.35
CA LEU G 39 -6.10 54.06 -1.99
C LEU G 39 -5.75 53.21 -3.20
N TRP G 40 -4.54 52.67 -3.18
CA TRP G 40 -3.93 52.05 -4.35
C TRP G 40 -3.43 50.66 -4.04
N VAL G 41 -3.45 49.80 -5.05
CA VAL G 41 -3.05 48.40 -4.89
C VAL G 41 -1.55 48.33 -4.69
N THR G 42 -1.11 47.44 -3.81
CA THR G 42 0.31 47.14 -3.64
C THR G 42 0.48 45.67 -3.27
N VAL G 43 1.49 45.05 -3.86
CA VAL G 43 1.77 43.63 -3.71
C VAL G 43 2.91 43.46 -2.73
N TYR G 44 2.72 42.61 -1.73
CA TYR G 44 3.72 42.28 -0.74
C TYR G 44 4.14 40.82 -0.91
N TYR G 45 5.42 40.56 -0.69
CA TYR G 45 5.99 39.22 -0.71
C TYR G 45 6.66 38.95 0.62
N GLY G 46 6.57 37.72 1.09
CA GLY G 46 6.95 37.35 2.43
C GLY G 46 5.85 37.46 3.47
N VAL G 47 4.60 37.45 3.05
CA VAL G 47 3.47 37.69 3.95
C VAL G 47 3.35 36.51 4.93
N PRO G 48 3.12 36.75 6.23
CA PRO G 48 2.85 35.65 7.17
C PRO G 48 1.41 35.14 7.08
N VAL G 49 1.11 34.32 6.07
CA VAL G 49 -0.16 33.64 5.98
C VAL G 49 0.06 32.23 5.45
N TRP G 50 -0.94 31.38 5.69
CA TRP G 50 -0.83 29.98 5.35
C TRP G 50 -2.22 29.39 5.14
N LYS G 51 -2.23 28.15 4.70
CA LYS G 51 -3.44 27.37 4.53
C LYS G 51 -3.20 25.95 4.97
N ASP G 52 -4.29 25.23 5.24
CA ASP G 52 -4.20 23.81 5.48
C ASP G 52 -3.86 23.10 4.18
N ALA G 53 -3.18 21.96 4.27
CA ALA G 53 -2.69 21.31 3.07
C ALA G 53 -2.27 19.88 3.37
N GLU G 54 -1.98 19.14 2.30
CA GLU G 54 -1.39 17.81 2.36
C GLU G 54 -0.04 17.85 1.67
N THR G 55 0.94 17.23 2.29
CA THR G 55 2.28 17.15 1.74
C THR G 55 2.99 15.94 2.31
N THR G 56 4.29 15.87 2.10
CA THR G 56 5.13 14.78 2.58
C THR G 56 6.16 15.35 3.54
N LEU G 57 6.36 14.67 4.67
CA LEU G 57 7.33 15.12 5.67
C LEU G 57 8.51 14.16 5.76
N PHE G 58 9.47 14.54 6.59
CA PHE G 58 10.76 13.86 6.68
C PHE G 58 10.86 13.15 8.02
N CYS G 59 11.12 11.85 7.95
CA CYS G 59 11.27 11.03 9.14
C CYS G 59 12.71 11.14 9.62
N ALA G 60 12.93 11.90 10.69
CA ALA G 60 14.26 12.13 11.25
C ALA G 60 14.34 11.53 12.64
N SER G 61 15.56 11.17 13.04
CA SER G 61 15.79 10.50 14.30
C SER G 61 17.06 11.04 14.95
N ASP G 62 17.26 10.66 16.21
CA ASP G 62 18.44 11.08 16.95
C ASP G 62 19.64 10.25 16.50
N ALA G 63 20.83 10.86 16.53
CA ALA G 63 22.03 10.18 16.09
C ALA G 63 22.43 9.06 17.03
N LYS G 64 22.24 9.26 18.34
CA LYS G 64 22.64 8.24 19.31
C LYS G 64 21.83 6.96 19.10
N ALA G 65 20.50 7.08 19.07
CA ALA G 65 19.68 5.90 18.85
C ALA G 65 19.94 5.31 17.47
N TYR G 66 20.34 6.15 16.51
CA TYR G 66 20.67 5.64 15.18
C TYR G 66 21.92 4.75 15.22
N GLU G 67 23.02 5.27 15.75
CA GLU G 67 24.27 4.52 15.72
C GLU G 67 24.18 3.29 16.62
N THR G 68 23.52 3.41 17.77
CA THR G 68 23.40 2.24 18.63
C THR G 68 22.54 1.17 17.98
N LYS G 69 21.35 1.55 17.52
CA LYS G 69 20.46 0.62 16.82
C LYS G 69 20.95 0.47 15.38
N LYS G 70 22.01 -0.34 15.24
CA LYS G 70 22.67 -0.46 13.96
C LYS G 70 21.75 -1.06 12.89
N HIS G 71 21.02 -2.11 13.22
CA HIS G 71 20.23 -2.86 12.24
C HIS G 71 18.73 -2.68 12.43
N ASN G 72 18.31 -1.63 13.14
CA ASN G 72 16.89 -1.38 13.33
C ASN G 72 16.30 -0.69 12.11
N VAL G 73 15.03 -1.01 11.81
CA VAL G 73 14.39 -0.44 10.63
C VAL G 73 14.25 1.07 10.77
N TRP G 74 13.83 1.56 11.95
CA TRP G 74 13.58 2.98 12.11
C TRP G 74 14.86 3.78 12.01
N ALA G 75 15.92 3.34 12.68
CA ALA G 75 17.17 4.08 12.66
C ALA G 75 17.71 4.21 11.24
N THR G 76 17.70 3.13 10.48
CA THR G 76 18.25 3.15 9.15
C THR G 76 17.37 3.85 8.13
N HIS G 77 16.05 3.66 8.19
CA HIS G 77 15.19 4.36 7.24
C HIS G 77 15.11 5.85 7.54
N CYS G 78 14.90 6.20 8.80
CA CYS G 78 14.80 7.60 9.21
C CYS G 78 16.19 8.12 9.59
N CYS G 79 17.11 7.95 8.66
CA CYS G 79 18.52 8.27 8.88
C CYS G 79 18.76 9.75 9.01
N VAL G 80 17.84 10.60 8.58
CA VAL G 80 18.08 12.04 8.59
C VAL G 80 18.24 12.50 10.03
N PRO G 81 19.34 13.13 10.42
CA PRO G 81 19.47 13.58 11.81
C PRO G 81 18.53 14.72 12.09
N THR G 82 18.03 14.76 13.33
CA THR G 82 17.18 15.84 13.77
C THR G 82 18.03 17.06 14.10
N ASP G 83 17.39 18.21 14.18
CA ASP G 83 18.09 19.39 14.66
C ASP G 83 18.52 19.13 16.09
N PRO G 84 19.80 19.29 16.46
CA PRO G 84 20.16 19.08 17.87
C PRO G 84 19.47 20.04 18.81
N ASN G 85 19.02 21.20 18.35
CA ASN G 85 18.36 22.15 19.23
C ASN G 85 17.57 23.16 18.41
N PRO G 86 16.46 22.76 17.80
CA PRO G 86 15.67 23.71 17.02
C PRO G 86 14.98 24.70 17.93
N GLN G 87 14.68 25.88 17.37
CA GLN G 87 14.02 26.94 18.12
C GLN G 87 12.53 26.93 17.80
N GLU G 88 11.71 26.73 18.82
CA GLU G 88 10.27 26.80 18.68
C GLU G 88 9.85 28.26 18.73
N ILE G 89 8.89 28.62 17.88
CA ILE G 89 8.46 30.00 17.72
C ILE G 89 7.04 30.09 18.24
N HIS G 90 6.87 30.63 19.44
CA HIS G 90 5.53 30.91 19.94
C HIS G 90 4.87 31.98 19.09
N LEU G 91 3.63 31.74 18.71
CA LEU G 91 2.88 32.67 17.87
C LEU G 91 2.05 33.57 18.78
N GLU G 92 2.72 34.60 19.30
CA GLU G 92 2.08 35.54 20.21
C GLU G 92 0.86 36.16 19.55
N ASN G 93 -0.26 36.17 20.27
CA ASN G 93 -1.44 36.88 19.84
C ASN G 93 -1.94 36.31 18.52
N VAL G 94 -2.07 34.98 18.48
CA VAL G 94 -2.53 34.23 17.32
C VAL G 94 -3.56 33.23 17.80
N THR G 95 -4.52 32.91 16.94
CA THR G 95 -5.48 31.84 17.17
C THR G 95 -5.57 30.97 15.92
N GLU G 96 -5.49 29.66 16.11
CA GLU G 96 -5.54 28.69 15.03
C GLU G 96 -6.48 27.56 15.42
N GLU G 97 -7.23 27.07 14.45
CA GLU G 97 -8.15 25.96 14.67
C GLU G 97 -7.45 24.64 14.41
N PHE G 98 -7.85 23.61 15.15
CA PHE G 98 -7.33 22.26 14.96
C PHE G 98 -8.47 21.24 15.00
N ASN G 99 -8.32 20.19 14.21
CA ASN G 99 -9.29 19.09 14.16
C ASN G 99 -8.50 17.81 13.92
N MET G 100 -8.19 17.11 15.01
CA MET G 100 -7.28 15.98 14.91
C MET G 100 -7.93 14.77 14.24
N TRP G 101 -9.24 14.81 13.97
CA TRP G 101 -9.89 13.73 13.23
C TRP G 101 -9.83 13.90 11.73
N LYS G 102 -9.48 15.09 11.24
CA LYS G 102 -9.26 15.32 9.81
C LYS G 102 -7.78 15.49 9.49
N ASN G 103 -6.90 15.14 10.42
CA ASN G 103 -5.47 15.39 10.25
C ASN G 103 -4.89 14.40 9.24
N ASN G 104 -4.48 14.93 8.10
CA ASN G 104 -3.77 14.17 7.08
C ASN G 104 -2.52 13.47 7.61
N MET G 105 -1.87 14.04 8.62
CA MET G 105 -0.61 13.52 9.12
C MET G 105 -0.72 12.08 9.59
N VAL G 106 -1.74 11.75 10.35
CA VAL G 106 -1.83 10.39 10.88
C VAL G 106 -2.03 9.40 9.75
N GLU G 107 -2.79 9.79 8.72
CA GLU G 107 -2.93 8.94 7.55
C GLU G 107 -1.58 8.71 6.88
N GLN G 108 -0.80 9.78 6.71
CA GLN G 108 0.50 9.61 6.09
C GLN G 108 1.41 8.73 6.93
N MET G 109 1.35 8.88 8.26
CA MET G 109 2.19 8.04 9.11
C MET G 109 1.77 6.59 9.01
N HIS G 110 0.46 6.35 8.91
CA HIS G 110 -0.03 4.99 8.72
C HIS G 110 0.53 4.38 7.44
N THR G 111 0.43 5.12 6.34
CA THR G 111 0.96 4.63 5.08
C THR G 111 2.47 4.40 5.18
N ASP G 112 3.18 5.33 5.80
CA ASP G 112 4.62 5.20 5.90
C ASP G 112 5.03 3.99 6.75
N ILE G 113 4.37 3.77 7.87
CA ILE G 113 4.76 2.65 8.72
C ILE G 113 4.43 1.33 8.05
N ILE G 114 3.28 1.21 7.39
CA ILE G 114 3.03 -0.05 6.71
C ILE G 114 4.03 -0.26 5.59
N SER G 115 4.40 0.82 4.90
CA SER G 115 5.40 0.70 3.85
C SER G 115 6.73 0.22 4.41
N LEU G 116 7.17 0.81 5.52
CA LEU G 116 8.44 0.42 6.13
C LEU G 116 8.40 -1.02 6.57
N TRP G 117 7.28 -1.44 7.16
CA TRP G 117 7.15 -2.82 7.60
C TRP G 117 7.27 -3.76 6.41
N ASP G 118 6.60 -3.43 5.31
CA ASP G 118 6.70 -4.29 4.13
C ASP G 118 8.09 -4.29 3.56
N GLN G 119 8.79 -3.16 3.63
CA GLN G 119 10.12 -3.10 3.03
C GLN G 119 11.12 -3.89 3.86
N SER G 120 10.96 -3.90 5.18
CA SER G 120 11.91 -4.61 6.03
C SER G 120 11.89 -6.11 5.77
N LEU G 121 10.70 -6.67 5.57
CA LEU G 121 10.55 -8.10 5.33
C LEU G 121 10.78 -8.49 3.87
N LYS G 122 11.03 -7.52 2.99
CA LYS G 122 11.15 -7.84 1.56
C LYS G 122 12.27 -8.81 1.25
N PRO G 123 13.51 -8.60 1.67
CA PRO G 123 14.58 -9.55 1.32
C PRO G 123 14.65 -10.78 2.20
N CYS G 124 13.77 -10.93 3.18
CA CYS G 124 13.80 -12.09 4.07
C CYS G 124 13.15 -13.29 3.39
N VAL G 125 13.46 -14.47 3.93
CA VAL G 125 13.08 -15.71 3.26
C VAL G 125 11.59 -15.98 3.47
N LYS G 126 11.00 -16.67 2.50
CA LYS G 126 9.60 -17.10 2.58
C LYS G 126 9.51 -18.49 3.16
N LEU G 127 8.41 -18.73 3.88
CA LEU G 127 8.18 -20.00 4.58
C LEU G 127 7.15 -20.88 3.87
N THR G 128 6.78 -20.54 2.64
CA THR G 128 5.91 -21.44 1.90
C THR G 128 6.49 -22.84 1.65
N PRO G 129 7.81 -23.10 1.68
CA PRO G 129 8.25 -24.50 1.64
C PRO G 129 7.90 -25.29 2.89
N LEU G 130 7.58 -24.63 3.99
CA LEU G 130 7.30 -25.31 5.25
C LEU G 130 5.90 -25.93 5.29
N CYS G 131 5.00 -25.53 4.40
CA CYS G 131 3.58 -25.85 4.55
C CYS G 131 3.39 -27.34 4.27
N VAL G 132 3.70 -28.14 5.29
CA VAL G 132 3.63 -29.58 5.22
C VAL G 132 2.87 -30.07 6.45
N THR G 133 2.18 -31.20 6.29
CA THR G 133 1.50 -31.82 7.41
C THR G 133 2.51 -32.13 8.52
N LEU G 134 2.12 -31.85 9.75
CA LEU G 134 2.97 -32.03 10.91
C LEU G 134 2.52 -33.23 11.71
N GLN G 135 3.50 -34.00 12.20
CA GLN G 135 3.26 -35.12 13.11
C GLN G 135 3.59 -34.60 14.50
N CYS G 136 2.56 -34.32 15.31
CA CYS G 136 2.71 -33.61 16.56
C CYS G 136 2.21 -34.41 17.75
N THR G 137 2.72 -34.03 18.92
CA THR G 137 2.32 -34.58 20.20
C THR G 137 2.27 -33.46 21.22
N ASN G 138 1.55 -33.71 22.31
CA ASN G 138 1.67 -32.83 23.47
C ASN G 138 3.05 -32.99 24.09
N VAL G 139 3.73 -31.87 24.32
CA VAL G 139 5.13 -31.92 24.74
C VAL G 139 5.28 -32.59 26.10
N THR G 140 4.44 -32.25 27.07
CA THR G 140 4.33 -32.95 28.35
C THR G 140 5.69 -33.10 29.05
N ASN G 141 6.28 -31.97 29.43
CA ASN G 141 7.61 -31.97 30.04
C ASN G 141 7.72 -30.81 31.01
N ASN G 142 7.46 -31.08 32.29
CA ASN G 142 7.68 -30.11 33.37
C ASN G 142 6.87 -28.83 33.14
N ILE G 143 5.55 -28.96 33.18
CA ILE G 143 4.63 -27.91 32.78
C ILE G 143 3.62 -27.67 33.89
N THR G 144 3.35 -26.40 34.18
CA THR G 144 2.36 -26.05 35.18
C THR G 144 0.96 -26.35 34.66
N ASP G 145 -0.01 -26.29 35.59
CA ASP G 145 -1.37 -26.72 35.29
C ASP G 145 -2.00 -25.85 34.21
N ASP G 146 -1.65 -24.56 34.19
CA ASP G 146 -2.28 -23.62 33.28
C ASP G 146 -1.81 -23.76 31.84
N MET G 147 -0.58 -24.24 31.62
CA MET G 147 0.00 -24.30 30.29
C MET G 147 -0.19 -25.65 29.61
N ARG G 148 -0.90 -26.58 30.23
CA ARG G 148 -1.08 -27.89 29.63
C ARG G 148 -1.84 -27.75 28.31
N GLY G 149 -1.33 -28.40 27.27
CA GLY G 149 -1.89 -28.26 25.95
C GLY G 149 -1.53 -26.99 25.24
N GLU G 150 -0.79 -26.08 25.88
CA GLU G 150 -0.41 -24.86 25.21
C GLU G 150 0.63 -25.13 24.12
N LEU G 151 1.61 -25.97 24.41
CA LEU G 151 2.74 -26.20 23.52
C LEU G 151 2.63 -27.56 22.85
N LYS G 152 2.89 -27.61 21.54
CA LYS G 152 3.00 -28.85 20.80
C LYS G 152 4.40 -29.08 20.27
N ASN G 153 4.83 -30.33 20.37
CA ASN G 153 6.10 -30.81 19.83
C ASN G 153 5.79 -31.46 18.50
N CYS G 154 6.19 -30.82 17.41
CA CYS G 154 5.85 -31.26 16.06
C CYS G 154 7.12 -31.63 15.30
N SER G 155 7.07 -32.77 14.63
CA SER G 155 8.10 -33.19 13.69
C SER G 155 7.53 -33.15 12.27
N PHE G 156 8.42 -32.97 11.30
CA PHE G 156 8.01 -32.76 9.92
C PHE G 156 9.22 -32.94 9.01
N ASN G 157 8.96 -32.89 7.71
CA ASN G 157 9.98 -33.05 6.68
C ASN G 157 10.21 -31.71 6.00
N MET G 158 11.45 -31.21 6.07
CA MET G 158 11.87 -29.96 5.47
C MET G 158 12.88 -30.19 4.35
N THR G 159 12.91 -29.26 3.40
CA THR G 159 13.88 -29.30 2.33
C THR G 159 15.28 -29.01 2.86
N THR G 160 16.27 -29.63 2.23
CA THR G 160 17.68 -29.46 2.57
C THR G 160 18.29 -28.39 1.65
N GLU G 161 19.61 -28.22 1.77
CA GLU G 161 20.36 -27.47 0.78
C GLU G 161 20.30 -28.12 -0.59
N LEU G 162 20.16 -29.43 -0.65
CA LEU G 162 20.06 -30.16 -1.90
C LEU G 162 18.59 -30.43 -2.21
N ARG G 163 18.17 -30.08 -3.42
CA ARG G 163 16.77 -30.17 -3.78
C ARG G 163 16.25 -31.61 -3.84
N ASP G 164 17.13 -32.61 -3.86
CA ASP G 164 16.73 -34.00 -3.90
C ASP G 164 16.78 -34.67 -2.54
N LYS G 165 16.94 -33.91 -1.46
CA LYS G 165 17.09 -34.46 -0.12
C LYS G 165 16.22 -33.69 0.86
N LYS G 166 15.47 -34.43 1.68
CA LYS G 166 14.67 -33.89 2.77
C LYS G 166 15.27 -34.33 4.10
N GLN G 167 14.91 -33.59 5.16
CA GLN G 167 15.36 -33.86 6.52
C GLN G 167 14.16 -33.94 7.44
N LYS G 168 14.20 -34.91 8.35
CA LYS G 168 13.25 -34.97 9.45
C LYS G 168 13.75 -34.05 10.55
N VAL G 169 12.98 -33.01 10.85
CA VAL G 169 13.31 -32.08 11.92
C VAL G 169 12.06 -31.88 12.75
N TYR G 170 12.21 -31.06 13.80
CA TYR G 170 11.13 -30.86 14.74
C TYR G 170 11.31 -29.53 15.44
N SER G 171 10.20 -29.03 15.98
CA SER G 171 10.22 -27.83 16.78
C SER G 171 8.98 -27.79 17.65
N LEU G 172 9.01 -26.90 18.63
CA LEU G 172 7.86 -26.62 19.49
C LEU G 172 7.08 -25.44 18.94
N PHE G 173 5.76 -25.48 19.13
CA PHE G 173 4.87 -24.46 18.63
C PHE G 173 3.88 -24.08 19.72
N TYR G 174 3.42 -22.84 19.68
CA TYR G 174 2.33 -22.38 20.52
C TYR G 174 0.99 -22.65 19.83
N ARG G 175 -0.05 -22.93 20.63
CA ARG G 175 -1.23 -23.56 20.05
C ARG G 175 -2.01 -22.60 19.18
N LEU G 176 -1.79 -21.29 19.34
CA LEU G 176 -2.44 -20.31 18.50
C LEU G 176 -1.93 -20.36 17.06
N ASP G 177 -0.75 -20.92 16.84
CA ASP G 177 -0.13 -21.01 15.52
C ASP G 177 -0.26 -22.38 14.86
N VAL G 178 -1.13 -23.26 15.37
CA VAL G 178 -1.29 -24.59 14.81
C VAL G 178 -2.77 -24.94 14.81
N VAL G 179 -3.21 -25.68 13.79
CA VAL G 179 -4.58 -26.16 13.65
C VAL G 179 -4.51 -27.66 13.43
N GLN G 180 -5.59 -28.36 13.81
CA GLN G 180 -5.67 -29.80 13.69
C GLN G 180 -6.40 -30.22 12.42
N ILE G 181 -5.96 -31.32 11.84
CA ILE G 181 -6.74 -32.02 10.83
C ILE G 181 -7.62 -33.03 11.54
N ASN G 182 -8.91 -33.05 11.18
CA ASN G 182 -9.88 -33.90 11.86
C ASN G 182 -9.58 -35.38 11.72
N GLU G 183 -8.92 -35.80 10.65
CA GLU G 183 -8.67 -37.22 10.40
C GLU G 183 -7.83 -37.85 11.49
N LYS G 194 -2.71 -35.88 16.18
CA LYS G 194 -1.32 -35.94 15.73
C LYS G 194 -1.12 -35.27 14.36
N GLU G 195 -2.21 -34.96 13.67
CA GLU G 195 -2.17 -34.49 12.28
C GLU G 195 -2.51 -33.00 12.29
N TYR G 196 -1.49 -32.18 12.04
CA TYR G 196 -1.56 -30.75 12.28
C TYR G 196 -0.94 -29.97 11.13
N ARG G 197 -1.41 -28.74 10.97
CA ARG G 197 -0.85 -27.78 10.04
C ARG G 197 -0.75 -26.45 10.75
N LEU G 198 -0.20 -25.45 10.08
CA LEU G 198 -0.25 -24.10 10.61
C LEU G 198 -1.64 -23.53 10.39
N ILE G 199 -1.93 -22.42 11.07
CA ILE G 199 -3.25 -21.80 10.95
C ILE G 199 -3.48 -21.38 9.52
N ASN G 200 -2.49 -20.70 8.93
CA ASN G 200 -2.63 -20.19 7.54
C ASN G 200 -1.67 -20.94 6.61
N CYS G 201 -1.58 -22.27 6.75
CA CYS G 201 -0.71 -23.08 5.85
C CYS G 201 -1.17 -22.90 4.41
N ASN G 202 -2.49 -22.96 4.18
CA ASN G 202 -3.02 -22.90 2.79
C ASN G 202 -3.95 -21.71 2.62
N THR G 203 -3.71 -20.60 3.35
CA THR G 203 -4.52 -19.41 3.20
C THR G 203 -3.72 -18.17 2.88
N SER G 204 -2.55 -18.00 3.50
CA SER G 204 -1.79 -16.76 3.46
C SER G 204 -0.37 -17.04 3.05
N ALA G 205 0.25 -16.04 2.44
CA ALA G 205 1.70 -16.02 2.24
C ALA G 205 2.33 -15.63 3.57
N ILE G 206 3.24 -16.48 4.06
CA ILE G 206 3.87 -16.30 5.36
C ILE G 206 5.34 -15.98 5.12
N THR G 207 5.87 -15.01 5.85
CA THR G 207 7.27 -14.62 5.76
C THR G 207 7.83 -14.43 7.17
N GLN G 208 9.04 -14.90 7.39
CA GLN G 208 9.67 -14.74 8.70
C GLN G 208 10.56 -13.52 8.71
N ALA G 209 10.59 -12.84 9.86
CA ALA G 209 11.50 -11.71 10.01
C ALA G 209 12.94 -12.18 10.02
N CYS G 210 13.79 -11.42 9.37
CA CYS G 210 15.21 -11.73 9.38
C CYS G 210 15.72 -11.61 10.82
N PRO G 211 16.65 -12.45 11.24
CA PRO G 211 17.01 -12.49 12.67
C PRO G 211 17.63 -11.20 13.16
N LYS G 212 18.35 -10.47 12.32
CA LYS G 212 19.19 -9.37 12.76
C LYS G 212 18.46 -8.03 12.80
N VAL G 213 17.36 -7.88 12.09
CA VAL G 213 16.67 -6.59 12.00
C VAL G 213 15.88 -6.40 13.28
N SER G 214 15.76 -5.15 13.73
CA SER G 214 15.04 -4.81 14.94
C SER G 214 13.89 -3.87 14.61
N PHE G 215 12.71 -4.15 15.18
CA PHE G 215 11.55 -3.30 15.05
C PHE G 215 11.28 -2.48 16.30
N GLU G 216 12.26 -2.37 17.19
CA GLU G 216 12.05 -1.66 18.45
C GLU G 216 11.76 -0.19 18.16
N PRO G 217 10.65 0.38 18.68
CA PRO G 217 10.39 1.80 18.44
C PRO G 217 11.48 2.72 18.98
N ILE G 218 11.73 3.79 18.23
CA ILE G 218 12.69 4.82 18.56
C ILE G 218 11.98 6.16 18.40
N PRO G 219 12.35 7.19 19.18
CA PRO G 219 11.67 8.48 18.98
C PRO G 219 11.91 9.02 17.58
N ILE G 220 10.85 9.54 16.98
CA ILE G 220 10.87 10.06 15.62
C ILE G 220 10.38 11.49 15.65
N HIS G 221 10.98 12.33 14.81
CA HIS G 221 10.49 13.68 14.54
C HIS G 221 10.09 13.73 13.08
N TYR G 222 9.01 14.44 12.78
CA TYR G 222 8.56 14.66 11.41
C TYR G 222 8.80 16.11 11.04
N CYS G 223 9.66 16.33 10.04
CA CYS G 223 10.07 17.68 9.65
C CYS G 223 9.39 18.09 8.35
N ALA G 224 9.04 19.37 8.25
CA ALA G 224 8.33 19.85 7.08
C ALA G 224 9.29 20.10 5.91
N PRO G 225 8.80 20.08 4.67
CA PRO G 225 9.58 20.63 3.56
C PRO G 225 9.41 22.13 3.48
N ALA G 226 10.25 22.73 2.64
CA ALA G 226 10.21 24.18 2.48
C ALA G 226 8.87 24.62 1.91
N GLY G 227 8.41 25.79 2.35
CA GLY G 227 7.08 26.26 2.07
C GLY G 227 6.04 25.72 3.02
N PHE G 228 6.43 24.83 3.94
CA PHE G 228 5.53 24.25 4.91
C PHE G 228 6.11 24.41 6.31
N ALA G 229 5.23 24.57 7.28
CA ALA G 229 5.61 24.61 8.68
C ALA G 229 4.64 23.74 9.45
N ILE G 230 4.95 23.43 10.71
CA ILE G 230 4.05 22.68 11.57
C ILE G 230 3.63 23.59 12.71
N LEU G 231 2.32 23.70 12.91
CA LEU G 231 1.76 24.47 13.99
C LEU G 231 1.41 23.51 15.13
N LYS G 232 2.00 23.76 16.30
CA LYS G 232 1.86 22.92 17.47
C LYS G 232 0.97 23.63 18.48
N CYS G 233 -0.12 23.00 18.87
CA CYS G 233 -1.04 23.54 19.86
C CYS G 233 -0.55 23.18 21.25
N LYS G 234 -0.25 24.21 22.06
CA LYS G 234 0.25 24.03 23.42
C LYS G 234 -0.77 24.35 24.49
N ASP G 235 -2.03 24.61 24.14
CA ASP G 235 -2.99 24.94 25.18
C ASP G 235 -3.29 23.71 26.01
N LYS G 236 -3.22 23.87 27.32
CA LYS G 236 -3.49 22.77 28.23
C LYS G 236 -4.97 22.42 28.17
N LYS G 237 -5.28 21.13 28.33
CA LYS G 237 -6.65 20.64 28.24
C LYS G 237 -7.27 20.97 26.90
N PHE G 238 -6.51 20.85 25.81
CA PHE G 238 -7.09 20.92 24.49
C PHE G 238 -7.85 19.65 24.19
N ASN G 239 -9.16 19.77 23.94
CA ASN G 239 -10.01 18.61 23.78
C ASN G 239 -9.95 18.01 22.38
N GLY G 240 -9.06 18.50 21.52
CA GLY G 240 -8.86 17.94 20.20
C GLY G 240 -9.54 18.70 19.08
N THR G 241 -10.44 19.64 19.40
CA THR G 241 -11.20 20.36 18.38
C THR G 241 -11.20 21.85 18.71
N GLY G 242 -11.25 22.65 17.67
CA GLY G 242 -11.56 24.06 17.81
C GLY G 242 -10.33 24.96 17.91
N PRO G 243 -10.51 26.18 18.40
CA PRO G 243 -9.36 27.10 18.50
C PRO G 243 -8.38 26.67 19.57
N CYS G 244 -7.13 27.12 19.38
CA CYS G 244 -6.05 26.89 20.32
C CYS G 244 -5.33 28.21 20.53
N THR G 245 -5.36 28.72 21.76
CA THR G 245 -4.71 29.99 22.05
C THR G 245 -3.20 29.87 22.04
N ASN G 246 -2.67 28.98 22.87
CA ASN G 246 -1.23 28.77 22.96
C ASN G 246 -0.80 27.89 21.80
N VAL G 247 -0.21 28.49 20.77
CA VAL G 247 0.27 27.79 19.59
C VAL G 247 1.68 28.28 19.31
N SER G 248 2.51 27.40 18.75
CA SER G 248 3.88 27.75 18.39
C SER G 248 4.26 27.06 17.09
N THR G 249 5.11 27.70 16.30
CA THR G 249 5.54 27.13 15.03
C THR G 249 6.80 26.30 15.24
N VAL G 250 6.88 25.17 14.55
CA VAL G 250 8.00 24.25 14.67
C VAL G 250 8.38 23.71 13.29
N GLN G 251 9.68 23.45 13.15
CA GLN G 251 10.23 22.78 11.99
C GLN G 251 9.96 21.28 12.04
N CYS G 252 10.05 20.70 13.22
CA CYS G 252 9.88 19.26 13.39
C CYS G 252 9.15 19.00 14.70
N THR G 253 8.37 17.92 14.73
CA THR G 253 7.70 17.53 15.94
C THR G 253 8.70 16.96 16.93
N HIS G 254 8.24 16.74 18.16
CA HIS G 254 9.09 16.13 19.17
C HIS G 254 9.23 14.63 18.88
N GLY G 255 9.90 13.93 19.78
CA GLY G 255 10.26 12.54 19.54
C GLY G 255 9.13 11.57 19.80
N ILE G 256 8.12 11.55 18.93
CA ILE G 256 7.03 10.61 19.08
C ILE G 256 7.55 9.21 18.74
N LYS G 257 7.38 8.28 19.66
CA LYS G 257 7.88 6.93 19.47
C LYS G 257 6.81 6.08 18.78
N PRO G 258 7.08 5.51 17.59
CA PRO G 258 6.00 4.83 16.87
C PRO G 258 5.76 3.41 17.38
N VAL G 259 5.11 3.33 18.54
CA VAL G 259 4.78 2.04 19.13
C VAL G 259 3.53 1.49 18.46
N VAL G 260 3.53 0.18 18.22
CA VAL G 260 2.35 -0.52 17.71
C VAL G 260 1.60 -1.09 18.90
N SER G 261 0.28 -0.95 18.89
CA SER G 261 -0.54 -1.32 20.03
C SER G 261 -1.98 -1.43 19.57
N THR G 262 -2.81 -2.03 20.43
CA THR G 262 -4.19 -2.35 20.10
C THR G 262 -5.21 -1.67 20.99
N GLN G 263 -5.12 -1.84 22.30
CA GLN G 263 -6.11 -1.33 23.24
C GLN G 263 -5.56 -0.22 24.12
N LEU G 264 -4.40 -0.44 24.71
CA LEU G 264 -3.76 0.50 25.60
C LEU G 264 -2.65 1.21 24.85
N LEU G 265 -2.35 2.43 25.27
CA LEU G 265 -1.29 3.23 24.66
C LEU G 265 -0.07 3.17 25.57
N LEU G 266 1.05 2.75 25.01
CA LEU G 266 2.25 2.45 25.78
C LEU G 266 3.39 3.40 25.41
N ASN G 267 4.23 3.69 26.39
CA ASN G 267 5.44 4.50 26.20
C ASN G 267 5.12 5.83 25.52
N GLY G 268 3.93 6.36 25.81
CA GLY G 268 3.42 7.55 25.17
C GLY G 268 3.66 8.80 26.00
N SER G 269 2.92 9.85 25.67
CA SER G 269 2.98 11.12 26.38
C SER G 269 1.74 11.27 27.27
N LEU G 270 1.86 12.16 28.25
CA LEU G 270 0.85 12.33 29.29
C LEU G 270 0.19 13.70 29.18
N ALA G 271 -1.04 13.79 29.68
CA ALA G 271 -1.67 15.08 29.83
C ALA G 271 -0.95 15.90 30.89
N GLU G 272 -1.29 17.17 30.97
CA GLU G 272 -0.58 18.07 31.88
C GLU G 272 -1.13 17.98 33.29
N GLU G 273 -2.41 18.28 33.49
CA GLU G 273 -2.98 18.41 34.83
C GLU G 273 -3.93 17.27 35.15
N GLU G 274 -4.77 16.90 34.19
CA GLU G 274 -5.87 15.98 34.44
C GLU G 274 -6.07 15.10 33.23
N VAL G 275 -6.76 13.98 33.44
CA VAL G 275 -7.06 13.07 32.36
C VAL G 275 -7.92 13.79 31.33
N ILE G 276 -7.63 13.56 30.05
CA ILE G 276 -8.32 14.22 28.96
C ILE G 276 -9.03 13.14 28.13
N ILE G 277 -10.31 13.39 27.85
CA ILE G 277 -11.17 12.49 27.09
C ILE G 277 -11.50 13.19 25.79
N ARG G 278 -11.29 12.52 24.66
CA ARG G 278 -11.48 13.13 23.35
C ARG G 278 -12.19 12.17 22.40
N SER G 279 -13.16 12.71 21.66
CA SER G 279 -13.97 11.90 20.77
C SER G 279 -14.56 12.79 19.69
N GLU G 280 -14.59 12.26 18.46
CA GLU G 280 -15.11 13.03 17.34
C GLU G 280 -16.57 13.39 17.56
N ASN G 281 -17.34 12.45 18.10
CA ASN G 281 -18.69 12.74 18.58
C ASN G 281 -18.84 12.05 19.92
N ILE G 282 -19.15 12.83 20.94
CA ILE G 282 -19.22 12.30 22.29
C ILE G 282 -20.37 11.32 22.43
N THR G 283 -21.49 11.56 21.73
CA THR G 283 -22.68 10.75 21.90
C THR G 283 -22.78 9.62 20.89
N ASN G 284 -22.37 9.83 19.65
CA ASN G 284 -22.38 8.73 18.68
C ASN G 284 -21.34 7.71 19.11
N ASN G 285 -21.81 6.56 19.58
CA ASN G 285 -20.92 5.48 19.98
C ASN G 285 -20.19 4.84 18.81
N ALA G 286 -20.56 5.18 17.58
CA ALA G 286 -19.80 4.71 16.42
C ALA G 286 -18.35 5.15 16.47
N LYS G 287 -18.04 6.28 17.10
CA LYS G 287 -16.68 6.78 17.20
C LYS G 287 -15.99 6.21 18.43
N ASN G 288 -14.68 6.00 18.30
CA ASN G 288 -13.86 5.55 19.40
C ASN G 288 -13.49 6.73 20.29
N ILE G 289 -13.24 6.43 21.56
CA ILE G 289 -12.96 7.43 22.58
C ILE G 289 -11.52 7.28 23.02
N LEU G 290 -10.77 8.38 23.01
CA LEU G 290 -9.36 8.38 23.35
C LEU G 290 -9.18 8.97 24.74
N VAL G 291 -8.41 8.27 25.57
CA VAL G 291 -8.10 8.69 26.93
C VAL G 291 -6.61 8.97 27.01
N GLN G 292 -6.24 10.15 27.48
CA GLN G 292 -4.86 10.47 27.82
C GLN G 292 -4.79 10.74 29.32
N LEU G 293 -3.96 9.96 30.02
CA LEU G 293 -3.81 10.14 31.45
C LEU G 293 -2.90 11.33 31.74
N ASN G 294 -3.00 11.83 32.97
CA ASN G 294 -2.02 12.77 33.49
C ASN G 294 -0.98 12.13 34.39
N GLU G 295 -1.07 10.81 34.61
CA GLU G 295 -0.05 10.06 35.32
C GLU G 295 0.07 8.69 34.68
N SER G 296 1.29 8.28 34.37
CA SER G 296 1.51 7.00 33.72
C SER G 296 1.20 5.87 34.68
N VAL G 297 1.16 4.66 34.14
CA VAL G 297 1.01 3.44 34.95
C VAL G 297 2.07 2.45 34.50
N GLN G 298 2.83 1.92 35.45
CA GLN G 298 3.88 0.97 35.12
C GLN G 298 3.28 -0.42 34.97
N ILE G 299 3.76 -1.14 33.96
CA ILE G 299 3.41 -2.53 33.72
C ILE G 299 4.68 -3.35 33.61
N ASN G 300 4.81 -4.35 34.48
CA ASN G 300 5.93 -5.27 34.46
C ASN G 300 5.45 -6.55 33.81
N CYS G 301 5.90 -6.84 32.59
CA CYS G 301 5.42 -8.00 31.87
C CYS G 301 6.58 -8.87 31.43
N THR G 302 6.30 -10.14 31.18
CA THR G 302 7.37 -11.07 30.89
C THR G 302 6.82 -12.32 30.23
N ARG G 303 7.71 -12.96 29.46
CA ARG G 303 7.60 -14.38 29.09
C ARG G 303 8.71 -15.07 29.87
N PRO G 304 8.38 -15.78 30.99
CA PRO G 304 9.40 -16.42 31.82
C PRO G 304 9.73 -17.84 31.37
N ASN G 305 10.38 -17.95 30.22
CA ASN G 305 10.72 -19.25 29.65
C ASN G 305 12.07 -19.14 28.95
N ASN G 306 13.09 -19.75 29.53
CA ASN G 306 14.45 -19.70 29.01
C ASN G 306 14.49 -20.54 27.74
N ASN G 307 14.15 -19.88 26.63
CA ASN G 307 13.99 -20.58 25.36
C ASN G 307 15.30 -20.68 24.60
N THR G 308 15.33 -21.62 23.65
CA THR G 308 16.47 -21.89 22.79
C THR G 308 16.07 -21.67 21.34
N ARG G 309 16.87 -20.92 20.61
CA ARG G 309 16.63 -20.64 19.20
C ARG G 309 17.50 -21.58 18.38
N LYS G 310 16.87 -22.47 17.63
CA LYS G 310 17.58 -23.37 16.71
C LYS G 310 17.50 -22.81 15.30
N SER G 311 18.51 -23.15 14.49
CA SER G 311 18.63 -22.68 13.12
C SER G 311 18.79 -23.89 12.20
N ILE G 312 17.83 -24.09 11.31
CA ILE G 312 17.77 -25.27 10.45
C ILE G 312 17.84 -24.79 9.00
N ARG G 313 18.71 -25.41 8.21
CA ARG G 313 18.89 -24.95 6.84
C ARG G 313 17.75 -25.45 5.94
N ILE G 314 16.90 -24.53 5.53
CA ILE G 314 15.87 -24.82 4.54
C ILE G 314 16.51 -25.06 3.17
N GLY G 315 17.43 -24.20 2.80
CA GLY G 315 18.04 -24.22 1.49
C GLY G 315 19.29 -23.36 1.47
N PRO G 316 19.78 -23.03 0.27
CA PRO G 316 20.99 -22.18 0.21
C PRO G 316 20.74 -20.79 0.74
N GLY G 317 21.26 -20.50 1.92
CA GLY G 317 21.05 -19.21 2.53
C GLY G 317 19.70 -19.02 3.18
N GLN G 318 18.86 -20.05 3.18
CA GLN G 318 17.55 -20.00 3.81
C GLN G 318 17.64 -20.75 5.13
N TRP G 319 17.32 -20.08 6.24
CA TRP G 319 17.32 -20.68 7.56
C TRP G 319 15.94 -20.54 8.17
N PHE G 320 15.35 -21.66 8.57
CA PHE G 320 14.21 -21.66 9.47
C PHE G 320 14.74 -21.47 10.88
N TYR G 321 14.00 -20.73 11.69
CA TYR G 321 14.36 -20.48 13.08
C TYR G 321 13.29 -21.13 13.95
N ALA G 322 13.69 -22.18 14.66
CA ALA G 322 12.80 -23.05 15.40
C ALA G 322 12.92 -22.80 16.89
N THR G 323 11.86 -23.12 17.61
CA THR G 323 11.84 -23.03 19.06
C THR G 323 12.46 -24.29 19.64
N GLY G 324 13.66 -24.16 20.20
CA GLY G 324 14.35 -25.27 20.83
C GLY G 324 13.75 -25.59 22.18
N ASP G 325 14.29 -26.65 22.79
CA ASP G 325 13.76 -27.12 24.05
C ASP G 325 13.97 -26.08 25.14
N ILE G 326 12.95 -25.88 25.95
CA ILE G 326 12.95 -24.84 26.98
C ILE G 326 13.80 -25.31 28.14
N ILE G 327 14.56 -24.40 28.74
CA ILE G 327 15.36 -24.69 29.92
C ILE G 327 14.56 -24.28 31.15
N GLY G 328 14.35 -25.23 32.06
CA GLY G 328 13.51 -25.01 33.23
C GLY G 328 12.08 -25.43 32.99
N ASP G 329 11.21 -25.01 33.91
CA ASP G 329 9.79 -25.29 33.80
C ASP G 329 9.14 -24.33 32.81
N ILE G 330 7.87 -24.58 32.52
CA ILE G 330 7.11 -23.83 31.54
C ILE G 330 5.96 -23.14 32.24
N ARG G 331 5.95 -21.81 32.20
CA ARG G 331 4.95 -20.99 32.85
C ARG G 331 4.36 -20.01 31.85
N GLN G 332 3.14 -19.59 32.13
CA GLN G 332 2.44 -18.64 31.28
C GLN G 332 3.11 -17.27 31.36
N ALA G 333 3.20 -16.61 30.22
CA ALA G 333 3.61 -15.22 30.20
C ALA G 333 2.54 -14.36 30.86
N HIS G 334 2.96 -13.25 31.46
CA HIS G 334 2.00 -12.46 32.21
C HIS G 334 2.51 -11.05 32.43
N CYS G 335 1.56 -10.15 32.69
CA CYS G 335 1.83 -8.76 32.99
C CYS G 335 1.24 -8.41 34.35
N ASN G 336 2.06 -7.82 35.23
CA ASN G 336 1.62 -7.34 36.53
C ASN G 336 1.42 -5.83 36.47
N VAL G 337 0.36 -5.37 37.12
CA VAL G 337 0.06 -3.95 37.27
C VAL G 337 -0.40 -3.69 38.71
N SER G 338 -0.02 -2.53 39.25
CA SER G 338 -0.41 -2.19 40.61
C SER G 338 -1.92 -2.02 40.70
N LYS G 339 -2.52 -2.71 41.68
CA LYS G 339 -3.97 -2.69 41.82
C LYS G 339 -4.46 -1.29 42.20
N ALA G 340 -3.86 -0.69 43.23
CA ALA G 340 -4.32 0.61 43.70
C ALA G 340 -4.08 1.69 42.64
N THR G 341 -2.91 1.66 42.00
CA THR G 341 -2.64 2.61 40.93
C THR G 341 -3.70 2.47 39.84
N TRP G 342 -4.07 1.23 39.55
CA TRP G 342 -5.06 0.97 38.53
C TRP G 342 -6.41 1.57 38.90
N ASN G 343 -6.86 1.33 40.14
CA ASN G 343 -8.21 1.79 40.45
C ASN G 343 -8.22 3.32 40.48
N GLU G 344 -7.11 3.90 40.92
CA GLU G 344 -7.00 5.35 41.01
C GLU G 344 -7.06 5.98 39.62
N THR G 345 -6.36 5.39 38.67
CA THR G 345 -6.46 5.85 37.29
C THR G 345 -7.90 5.74 36.80
N LEU G 346 -8.57 4.64 37.14
CA LEU G 346 -9.96 4.50 36.74
C LEU G 346 -10.84 5.53 37.42
N GLY G 347 -10.51 5.88 38.66
CA GLY G 347 -11.23 6.96 39.32
C GLY G 347 -11.10 8.26 38.57
N LYS G 348 -9.89 8.57 38.12
CA LYS G 348 -9.69 9.77 37.31
C LYS G 348 -10.54 9.72 36.04
N VAL G 349 -10.51 8.58 35.33
CA VAL G 349 -11.15 8.58 34.03
C VAL G 349 -12.66 8.63 34.17
N VAL G 350 -13.21 8.00 35.22
CA VAL G 350 -14.65 8.12 35.42
C VAL G 350 -15.01 9.54 35.84
N LYS G 351 -14.17 10.17 36.67
CA LYS G 351 -14.42 11.57 37.03
C LYS G 351 -14.52 12.44 35.79
N GLN G 352 -13.63 12.22 34.83
CA GLN G 352 -13.70 13.01 33.60
C GLN G 352 -14.88 12.59 32.72
N LEU G 353 -15.18 11.30 32.68
CA LEU G 353 -16.27 10.82 31.84
C LEU G 353 -17.60 11.42 32.29
N ARG G 354 -17.78 11.60 33.59
CA ARG G 354 -19.07 12.03 34.10
C ARG G 354 -19.47 13.40 33.57
N LYS G 355 -18.53 14.19 33.07
CA LYS G 355 -18.87 15.49 32.50
C LYS G 355 -19.86 15.36 31.34
N HIS G 356 -19.77 14.27 30.58
CA HIS G 356 -20.55 14.12 29.36
C HIS G 356 -21.76 13.20 29.51
N PHE G 357 -21.97 12.61 30.68
CA PHE G 357 -23.08 11.70 30.90
C PHE G 357 -23.85 11.97 32.19
N GLY G 358 -23.34 12.83 33.05
CA GLY G 358 -24.07 13.24 34.23
C GLY G 358 -23.62 12.49 35.46
N ASN G 359 -23.71 13.16 36.60
CA ASN G 359 -23.32 12.60 37.89
C ASN G 359 -24.43 11.81 38.57
N ASN G 360 -25.56 11.58 37.90
CA ASN G 360 -26.51 10.56 38.29
C ASN G 360 -26.46 9.33 37.39
N THR G 361 -25.37 9.15 36.65
CA THR G 361 -25.28 8.11 35.63
C THR G 361 -24.32 7.02 36.08
N ILE G 362 -24.79 5.78 36.04
CA ILE G 362 -23.98 4.64 36.41
C ILE G 362 -22.94 4.43 35.33
N ILE G 363 -21.69 4.17 35.73
CA ILE G 363 -20.59 4.03 34.78
C ILE G 363 -19.87 2.72 35.05
N ARG G 364 -20.00 1.75 34.14
CA ARG G 364 -19.41 0.44 34.35
C ARG G 364 -18.44 0.08 33.24
N PHE G 365 -17.40 -0.66 33.62
CA PHE G 365 -16.39 -1.19 32.73
C PHE G 365 -16.50 -2.71 32.69
N ALA G 366 -16.63 -3.22 31.47
CA ALA G 366 -16.69 -4.65 31.20
C ALA G 366 -15.54 -5.01 30.25
N ASN G 367 -15.34 -6.29 30.05
CA ASN G 367 -14.26 -6.76 29.20
C ASN G 367 -14.68 -6.72 27.74
N SER G 368 -13.75 -7.06 26.87
CA SER G 368 -13.95 -6.93 25.44
C SER G 368 -15.05 -7.86 24.95
N SER G 369 -15.63 -7.50 23.81
CA SER G 369 -16.51 -8.40 23.09
C SER G 369 -15.68 -9.39 22.29
N GLY G 370 -16.35 -10.41 21.77
CA GLY G 370 -15.66 -11.46 21.04
C GLY G 370 -15.07 -10.98 19.72
N GLY G 371 -14.27 -11.84 19.13
CA GLY G 371 -13.62 -11.58 17.86
C GLY G 371 -12.24 -12.20 17.85
N ASP G 372 -11.46 -11.82 16.84
CA ASP G 372 -10.11 -12.34 16.72
C ASP G 372 -9.25 -11.88 17.89
N LEU G 373 -8.17 -12.61 18.14
CA LEU G 373 -7.31 -12.32 19.28
C LEU G 373 -6.68 -10.94 19.17
N GLU G 374 -6.45 -10.48 17.95
CA GLU G 374 -5.64 -9.28 17.75
C GLU G 374 -6.31 -8.02 18.29
N VAL G 375 -7.63 -7.98 18.34
CA VAL G 375 -8.34 -6.89 18.99
C VAL G 375 -8.97 -7.34 20.32
N THR G 376 -9.21 -8.64 20.49
CA THR G 376 -9.79 -9.11 21.74
C THR G 376 -8.88 -8.82 22.92
N THR G 377 -7.61 -9.19 22.81
CA THR G 377 -6.61 -8.96 23.83
C THR G 377 -5.97 -7.59 23.64
N HIS G 378 -5.07 -7.26 24.57
CA HIS G 378 -4.03 -6.27 24.33
C HIS G 378 -2.76 -6.94 23.88
N SER G 379 -2.27 -6.56 22.70
CA SER G 379 -1.10 -7.21 22.12
C SER G 379 0.03 -6.21 21.90
N PHE G 380 1.25 -6.72 21.98
CA PHE G 380 2.41 -5.88 21.69
C PHE G 380 3.64 -6.75 21.50
N ASN G 381 4.67 -6.15 20.90
CA ASN G 381 5.87 -6.87 20.48
C ASN G 381 7.12 -6.39 21.20
N CYS G 382 7.05 -6.21 22.51
CA CYS G 382 8.27 -6.03 23.28
C CYS G 382 9.03 -7.35 23.35
N GLY G 383 10.35 -7.27 23.29
CA GLY G 383 11.18 -8.44 23.44
C GLY G 383 11.22 -9.36 22.25
N GLY G 384 10.77 -8.92 21.08
CA GLY G 384 10.92 -9.70 19.88
C GLY G 384 9.96 -10.85 19.74
N GLU G 385 8.99 -10.99 20.65
CA GLU G 385 7.91 -11.94 20.50
C GLU G 385 6.59 -11.26 20.83
N PHE G 386 5.52 -11.76 20.24
CA PHE G 386 4.25 -11.06 20.26
C PHE G 386 3.39 -11.60 21.39
N PHE G 387 3.17 -10.74 22.39
CA PHE G 387 2.36 -11.03 23.56
C PHE G 387 0.93 -10.64 23.23
N TYR G 388 -0.02 -11.39 23.79
CA TYR G 388 -1.47 -11.18 23.63
C TYR G 388 -2.10 -11.37 25.00
N CYS G 389 -2.51 -10.29 25.65
CA CYS G 389 -2.88 -10.32 27.06
C CYS G 389 -4.39 -10.23 27.26
N ASN G 390 -4.92 -11.18 28.02
CA ASN G 390 -6.30 -11.18 28.45
C ASN G 390 -6.51 -9.99 29.36
N THR G 391 -7.25 -8.99 28.88
CA THR G 391 -7.53 -7.81 29.66
C THR G 391 -8.81 -7.93 30.48
N SER G 392 -9.43 -9.12 30.52
CA SER G 392 -10.67 -9.27 31.25
C SER G 392 -10.54 -9.00 32.73
N GLY G 393 -9.36 -9.22 33.32
CA GLY G 393 -9.14 -8.77 34.68
C GLY G 393 -9.31 -7.28 34.87
N LEU G 394 -8.82 -6.51 33.91
CA LEU G 394 -9.07 -5.09 33.84
C LEU G 394 -10.51 -4.87 33.40
N PHE G 395 -11.01 -3.66 33.62
CA PHE G 395 -12.30 -3.25 33.09
C PHE G 395 -13.42 -4.14 33.62
N ASN G 396 -13.40 -4.42 34.93
CA ASN G 396 -14.44 -5.21 35.58
C ASN G 396 -14.88 -4.46 36.84
N SER G 397 -15.82 -3.54 36.67
CA SER G 397 -16.26 -2.75 37.82
C SER G 397 -17.46 -1.91 37.43
N THR G 398 -18.08 -1.32 38.45
CA THR G 398 -19.11 -0.31 38.27
C THR G 398 -18.85 0.84 39.23
N TRP G 399 -19.19 2.03 38.79
CA TRP G 399 -18.77 3.28 39.41
C TRP G 399 -19.98 4.18 39.55
N ILE G 400 -20.27 4.56 40.80
CA ILE G 400 -21.37 5.43 41.15
C ILE G 400 -20.79 6.54 42.00
N SER G 401 -20.15 6.16 43.09
CA SER G 401 -19.48 7.06 44.02
C SER G 401 -18.11 6.44 44.26
N ASN G 402 -17.15 6.79 43.42
CA ASN G 402 -15.87 6.06 43.33
C ASN G 402 -16.23 4.61 42.98
N THR G 403 -15.46 3.62 43.43
CA THR G 403 -15.61 2.26 42.97
C THR G 403 -16.61 1.51 43.85
N SER G 404 -17.32 0.56 43.25
CA SER G 404 -18.19 -0.33 44.02
C SER G 404 -17.45 -1.60 44.41
N VAL G 405 -16.37 -1.93 43.70
CA VAL G 405 -15.67 -3.20 43.89
C VAL G 405 -16.63 -4.36 43.66
N THR G 411 -8.81 -4.26 51.34
CA THR G 411 -7.62 -3.43 51.41
C THR G 411 -6.80 -3.57 50.14
N GLY G 412 -6.03 -4.66 50.05
CA GLY G 412 -5.19 -4.89 48.89
C GLY G 412 -4.16 -3.82 48.64
N SER G 413 -3.50 -3.33 49.68
CA SER G 413 -2.49 -2.29 49.50
C SER G 413 -1.27 -2.79 48.73
N ASN G 414 -0.94 -4.08 48.84
CA ASN G 414 0.18 -4.67 48.14
C ASN G 414 -0.27 -5.60 47.01
N ASP G 415 -1.54 -5.53 46.61
CA ASP G 415 -2.07 -6.41 45.59
C ASP G 415 -1.75 -5.89 44.21
N SER G 416 -1.54 -6.82 43.29
CA SER G 416 -1.25 -6.50 41.90
C SER G 416 -2.06 -7.41 41.00
N ILE G 417 -2.65 -6.80 39.98
CA ILE G 417 -3.48 -7.52 39.02
C ILE G 417 -2.54 -8.18 38.02
N THR G 418 -2.71 -9.48 37.83
CA THR G 418 -1.89 -10.28 36.93
C THR G 418 -2.71 -10.68 35.71
N LEU G 419 -2.35 -10.13 34.55
CA LEU G 419 -2.99 -10.49 33.30
C LEU G 419 -2.24 -11.66 32.70
N PRO G 420 -2.85 -12.83 32.48
CA PRO G 420 -2.18 -13.84 31.67
C PRO G 420 -2.13 -13.41 30.23
N CYS G 421 -1.09 -13.87 29.53
CA CYS G 421 -0.86 -13.50 28.14
C CYS G 421 -0.38 -14.68 27.35
N ARG G 422 -1.07 -14.95 26.25
CA ARG G 422 -0.62 -15.92 25.26
C ARG G 422 0.51 -15.33 24.44
N ILE G 423 1.20 -16.21 23.74
CA ILE G 423 2.26 -15.86 22.82
C ILE G 423 1.81 -16.33 21.45
N LYS G 424 2.23 -15.64 20.40
CA LYS G 424 2.13 -16.28 19.10
C LYS G 424 3.11 -15.65 18.13
N GLN G 425 3.43 -16.41 17.07
CA GLN G 425 4.53 -16.09 16.19
C GLN G 425 4.12 -15.67 14.79
N ILE G 426 3.11 -16.31 14.20
CA ILE G 426 2.58 -15.91 12.91
C ILE G 426 1.58 -14.80 13.18
N ILE G 427 1.83 -13.62 12.62
CA ILE G 427 1.07 -12.41 12.93
C ILE G 427 0.47 -11.85 11.66
N ASN G 428 -0.84 -11.60 11.68
CA ASN G 428 -1.48 -10.85 10.60
C ASN G 428 -1.38 -9.37 10.91
N MET G 429 -0.23 -8.80 10.53
CA MET G 429 0.06 -7.41 10.83
C MET G 429 -0.93 -6.50 10.13
N TRP G 430 -1.33 -5.42 10.82
CA TRP G 430 -2.26 -4.42 10.30
C TRP G 430 -3.59 -5.01 9.89
N GLN G 431 -3.94 -6.19 10.40
CA GLN G 431 -5.23 -6.83 10.10
C GLN G 431 -5.44 -7.02 8.60
N ARG G 432 -4.37 -7.41 7.91
CA ARG G 432 -4.45 -7.76 6.50
C ARG G 432 -4.63 -9.27 6.39
N ILE G 433 -5.64 -9.70 5.64
CA ILE G 433 -5.92 -11.11 5.45
C ILE G 433 -5.16 -11.60 4.22
N GLY G 434 -4.50 -12.75 4.37
CA GLY G 434 -3.74 -13.36 3.29
C GLY G 434 -2.24 -13.17 3.35
N GLN G 435 -1.74 -12.38 4.30
CA GLN G 435 -0.31 -12.18 4.49
C GLN G 435 -0.01 -12.29 5.98
N ALA G 436 1.19 -12.76 6.31
CA ALA G 436 1.51 -12.88 7.72
C ALA G 436 3.01 -12.93 7.95
N MET G 437 3.37 -12.51 9.18
CA MET G 437 4.74 -12.39 9.64
C MET G 437 4.99 -13.41 10.75
N TYR G 438 5.97 -14.29 10.52
CA TYR G 438 6.44 -15.24 11.52
C TYR G 438 7.55 -14.58 12.31
N ALA G 439 7.30 -14.37 13.60
CA ALA G 439 8.34 -13.86 14.47
C ALA G 439 9.32 -14.99 14.78
N PRO G 440 10.63 -14.78 14.68
CA PRO G 440 11.55 -15.81 15.12
C PRO G 440 11.60 -15.85 16.64
N PRO G 441 11.78 -17.03 17.23
CA PRO G 441 11.85 -17.09 18.69
C PRO G 441 13.12 -16.45 19.20
N ILE G 442 13.04 -15.97 20.43
CA ILE G 442 14.13 -15.25 21.08
C ILE G 442 14.66 -16.12 22.19
N GLN G 443 15.94 -16.49 22.11
CA GLN G 443 16.54 -17.27 23.16
C GLN G 443 16.57 -16.48 24.46
N GLY G 444 16.44 -17.19 25.58
CA GLY G 444 16.47 -16.56 26.89
C GLY G 444 15.11 -16.32 27.47
N VAL G 445 15.00 -15.32 28.34
CA VAL G 445 13.77 -14.98 29.06
C VAL G 445 13.44 -13.53 28.79
N ILE G 446 12.16 -13.24 28.55
CA ILE G 446 11.73 -11.91 28.13
C ILE G 446 11.18 -11.16 29.33
N ARG G 447 11.74 -9.98 29.59
CA ARG G 447 11.25 -9.06 30.60
C ARG G 447 11.08 -7.70 29.94
N CYS G 448 9.97 -7.04 30.23
CA CYS G 448 9.65 -5.72 29.69
C CYS G 448 8.95 -4.89 30.75
N VAL G 449 9.21 -3.59 30.74
CA VAL G 449 8.56 -2.63 31.62
C VAL G 449 8.06 -1.49 30.75
N SER G 450 6.84 -1.03 31.00
CA SER G 450 6.23 -0.04 30.12
C SER G 450 5.32 0.93 30.86
N ASN G 451 5.24 2.13 30.32
CA ASN G 451 4.36 3.18 30.81
C ASN G 451 3.09 3.15 29.98
N ILE G 452 1.97 2.77 30.58
CA ILE G 452 0.68 3.10 29.99
C ILE G 452 0.49 4.59 30.14
N THR G 453 0.03 5.23 29.07
CA THR G 453 -0.24 6.64 29.03
C THR G 453 -1.62 6.96 28.48
N GLY G 454 -2.34 5.99 27.95
CA GLY G 454 -3.66 6.29 27.41
C GLY G 454 -4.42 5.01 27.09
N LEU G 455 -5.71 5.20 26.83
CA LEU G 455 -6.61 4.10 26.52
C LEU G 455 -7.47 4.40 25.31
N ILE G 456 -8.02 3.32 24.75
CA ILE G 456 -9.03 3.37 23.70
C ILE G 456 -10.27 2.68 24.24
N LEU G 457 -11.40 3.37 24.21
CA LEU G 457 -12.65 2.84 24.72
C LEU G 457 -13.76 3.02 23.70
N THR G 458 -14.79 2.18 23.82
CA THR G 458 -16.01 2.32 23.04
C THR G 458 -17.20 2.07 23.94
N ARG G 459 -18.35 2.61 23.52
CA ARG G 459 -19.59 2.48 24.27
C ARG G 459 -20.57 1.59 23.51
N ASP G 460 -21.34 0.83 24.27
CA ASP G 460 -22.38 0.01 23.69
C ASP G 460 -23.62 0.86 23.44
N GLY G 461 -24.68 0.21 22.97
CA GLY G 461 -25.97 0.85 22.78
C GLY G 461 -26.89 0.63 23.95
N GLY G 462 -28.19 0.78 23.67
CA GLY G 462 -29.24 0.58 24.66
C GLY G 462 -29.95 1.86 25.02
N SER G 463 -31.19 2.01 24.54
CA SER G 463 -31.96 3.23 24.73
C SER G 463 -32.71 3.16 26.07
N THR G 464 -32.07 3.74 27.08
CA THR G 464 -32.66 3.78 28.42
C THR G 464 -31.92 4.80 29.26
N ASN G 465 -32.69 5.59 30.01
CA ASN G 465 -32.12 6.51 30.97
C ASN G 465 -31.45 5.81 32.15
N SER G 466 -31.83 4.58 32.46
CA SER G 466 -31.20 3.78 33.50
C SER G 466 -30.05 2.96 32.97
N THR G 467 -29.52 3.33 31.80
CA THR G 467 -28.32 2.71 31.27
C THR G 467 -27.18 2.75 32.27
N THR G 468 -26.21 1.88 32.05
CA THR G 468 -24.96 1.85 32.80
C THR G 468 -23.78 2.39 32.01
N GLU G 469 -24.01 2.81 30.76
CA GLU G 469 -22.98 3.33 29.86
C GLU G 469 -21.76 2.43 29.86
N THR G 470 -21.98 1.22 29.36
CA THR G 470 -20.95 0.21 29.40
C THR G 470 -19.82 0.58 28.45
N PHE G 471 -18.66 0.83 29.01
CA PHE G 471 -17.44 1.06 28.26
C PHE G 471 -16.69 -0.26 28.11
N ARG G 472 -16.12 -0.47 26.94
CA ARG G 472 -15.36 -1.68 26.64
C ARG G 472 -14.09 -1.32 25.88
N PRO G 473 -13.07 -2.17 25.92
CA PRO G 473 -11.88 -1.91 25.10
C PRO G 473 -12.24 -1.88 23.64
N GLY G 474 -11.57 -1.01 22.89
CA GLY G 474 -11.80 -0.86 21.48
C GLY G 474 -10.52 -1.01 20.68
N GLY G 475 -10.29 -0.09 19.75
CA GLY G 475 -9.02 -0.02 19.07
C GLY G 475 -8.88 -1.06 17.98
N GLY G 476 -7.68 -1.60 17.83
CA GLY G 476 -7.35 -2.40 16.68
C GLY G 476 -7.09 -1.60 15.43
N ASP G 477 -7.19 -0.28 15.50
CA ASP G 477 -6.94 0.63 14.40
C ASP G 477 -5.63 1.34 14.69
N MET G 478 -4.58 1.00 13.94
CA MET G 478 -3.30 1.68 14.11
C MET G 478 -3.43 3.18 13.95
N ARG G 479 -4.36 3.65 13.12
CA ARG G 479 -4.59 5.09 13.02
C ARG G 479 -4.92 5.68 14.36
N ASP G 480 -5.79 5.01 15.13
CA ASP G 480 -6.10 5.51 16.47
C ASP G 480 -4.86 5.50 17.35
N ASN G 481 -3.98 4.51 17.18
CA ASN G 481 -2.75 4.48 17.96
C ASN G 481 -1.90 5.70 17.68
N TRP G 482 -1.74 6.06 16.41
CA TRP G 482 -1.01 7.29 16.09
C TRP G 482 -1.72 8.50 16.67
N ARG G 483 -3.03 8.58 16.45
CA ARG G 483 -3.76 9.82 16.73
C ARG G 483 -3.67 10.22 18.19
N SER G 484 -3.46 9.26 19.09
CA SER G 484 -3.39 9.59 20.51
C SER G 484 -2.26 10.55 20.81
N GLU G 485 -1.10 10.36 20.19
CA GLU G 485 0.04 11.26 20.38
C GLU G 485 0.01 12.45 19.45
N LEU G 486 0.00 12.21 18.13
CA LEU G 486 0.06 13.31 17.18
C LEU G 486 -1.33 13.91 17.01
N TYR G 487 -1.70 14.74 17.97
CA TYR G 487 -2.90 15.56 17.88
C TYR G 487 -2.62 17.04 18.00
N LYS G 488 -1.57 17.44 18.70
CA LYS G 488 -1.25 18.84 18.90
C LYS G 488 -0.74 19.51 17.64
N TYR G 489 -0.45 18.75 16.59
CA TYR G 489 0.25 19.25 15.41
C TYR G 489 -0.68 19.30 14.22
N LYS G 490 -0.52 20.33 13.39
CA LYS G 490 -1.04 20.33 12.03
C LYS G 490 0.02 20.90 11.11
N VAL G 491 -0.08 20.58 9.83
CA VAL G 491 0.83 21.09 8.81
C VAL G 491 0.13 22.22 8.07
N VAL G 492 0.89 23.25 7.69
CA VAL G 492 0.35 24.36 6.93
C VAL G 492 1.33 24.79 5.84
N LYS G 493 0.76 25.06 4.68
CA LYS G 493 1.45 25.59 3.52
C LYS G 493 1.51 27.11 3.61
N ILE G 494 2.70 27.68 3.47
CA ILE G 494 2.90 29.11 3.60
C ILE G 494 2.69 29.78 2.24
N GLU G 495 1.85 30.81 2.21
CA GLU G 495 1.51 31.55 0.99
C GLU G 495 2.12 32.95 1.13
N PRO G 496 3.39 33.12 0.77
CA PRO G 496 4.07 34.38 1.10
C PRO G 496 3.51 35.61 0.40
N LEU G 497 2.72 35.45 -0.66
CA LEU G 497 2.29 36.55 -1.50
C LEU G 497 0.95 37.09 -1.03
N GLY G 498 0.82 38.42 -1.04
CA GLY G 498 -0.44 39.06 -0.67
C GLY G 498 -0.54 40.41 -1.33
N VAL G 499 -1.72 41.01 -1.22
CA VAL G 499 -2.01 42.30 -1.84
C VAL G 499 -2.85 43.11 -0.86
N ALA G 500 -2.65 44.43 -0.87
CA ALA G 500 -3.33 45.30 0.09
C ALA G 500 -3.48 46.69 -0.51
N PRO G 501 -4.40 47.49 0.01
CA PRO G 501 -4.42 48.91 -0.36
C PRO G 501 -3.33 49.67 0.36
N THR G 502 -3.07 50.89 -0.12
CA THR G 502 -2.03 51.73 0.47
C THR G 502 -2.19 53.18 0.07
N ARG G 503 -1.41 54.01 0.76
CA ARG G 503 -1.22 55.42 0.43
C ARG G 503 -0.35 55.63 -0.80
N CYS G 504 0.31 54.59 -1.29
CA CYS G 504 1.35 54.71 -2.30
C CYS G 504 0.87 54.18 -3.64
N LYS G 505 1.16 54.92 -4.71
CA LYS G 505 0.89 54.51 -6.07
C LYS G 505 2.16 54.61 -6.90
N ARG G 506 2.20 53.86 -7.99
CA ARG G 506 3.33 53.92 -8.91
C ARG G 506 3.26 55.20 -9.72
N ARG G 507 4.41 55.87 -9.86
CA ARG G 507 4.53 57.06 -10.69
C ARG G 507 5.11 56.68 -12.06
N PHE H 10 15.70 38.74 17.06
CA PHE H 10 15.16 37.53 16.46
C PHE H 10 13.64 37.54 16.55
N LEU H 11 13.00 37.26 15.42
CA LEU H 11 11.54 37.23 15.32
C LEU H 11 11.00 35.82 15.17
N GLY H 12 11.59 35.03 14.29
CA GLY H 12 11.08 33.71 13.92
C GLY H 12 10.43 33.74 12.55
N PHE H 13 10.32 32.57 11.94
CA PHE H 13 9.84 32.50 10.56
C PHE H 13 8.40 33.01 10.44
N LEU H 14 7.50 32.55 11.30
CA LEU H 14 6.14 33.05 11.32
C LEU H 14 5.90 33.95 12.53
N GLY H 15 6.96 34.58 13.05
CA GLY H 15 6.83 35.37 14.25
C GLY H 15 5.88 36.55 14.10
N ALA H 16 5.72 37.05 12.88
CA ALA H 16 4.88 38.20 12.64
C ALA H 16 3.42 37.86 12.39
N ALA H 17 3.04 36.57 12.46
CA ALA H 17 1.68 36.18 12.09
C ALA H 17 0.65 36.87 12.96
N GLY H 18 0.89 36.95 14.26
CA GLY H 18 0.02 37.67 15.16
C GLY H 18 0.23 39.15 15.18
N SER H 19 1.41 39.63 14.81
CA SER H 19 1.64 41.06 14.79
C SER H 19 0.71 41.70 13.77
N THR H 20 0.31 42.92 14.09
CA THR H 20 -0.62 43.67 13.25
C THR H 20 -0.06 43.80 11.84
N MET H 21 -0.96 43.94 10.86
CA MET H 21 -0.59 43.98 9.45
C MET H 21 0.51 44.99 9.18
N GLY H 22 0.36 46.22 9.67
CA GLY H 22 1.40 47.21 9.45
C GLY H 22 2.72 46.81 10.08
N ALA H 23 2.69 46.39 11.33
CA ALA H 23 3.89 45.90 11.97
C ALA H 23 4.38 44.62 11.29
N ALA H 24 3.44 43.77 10.87
CA ALA H 24 3.78 42.51 10.23
C ALA H 24 4.47 42.72 8.90
N SER H 25 4.26 43.87 8.27
CA SER H 25 4.96 44.25 7.06
C SER H 25 6.46 44.40 7.27
N MET H 26 6.91 44.56 8.51
CA MET H 26 8.32 44.58 8.80
C MET H 26 8.90 43.18 8.67
N THR H 27 10.15 43.13 8.23
CA THR H 27 10.94 41.90 8.21
C THR H 27 10.26 40.80 7.40
N LEU H 28 9.77 41.19 6.23
CA LEU H 28 9.33 40.20 5.27
C LEU H 28 10.48 39.37 4.72
N THR H 29 11.72 39.82 4.91
CA THR H 29 12.87 39.13 4.36
C THR H 29 12.96 37.70 4.85
N VAL H 30 12.59 37.46 6.11
CA VAL H 30 12.72 36.13 6.70
C VAL H 30 11.91 35.12 5.89
N GLN H 31 10.68 35.47 5.55
CA GLN H 31 9.80 34.52 4.91
C GLN H 31 10.13 34.36 3.45
N ALA H 32 10.64 35.42 2.82
CA ALA H 32 11.14 35.29 1.46
C ALA H 32 12.32 34.33 1.41
N ARG H 33 13.26 34.46 2.35
CA ARG H 33 14.49 33.70 2.22
C ARG H 33 14.31 32.25 2.67
N ASN H 34 13.34 31.99 3.56
CA ASN H 34 13.23 30.63 4.10
C ASN H 34 12.95 29.62 3.00
N LEU H 35 12.15 30.01 2.00
CA LEU H 35 11.64 29.05 1.02
C LEU H 35 12.76 28.29 0.31
N LEU H 36 13.93 28.92 0.19
CA LEU H 36 15.09 28.26 -0.40
C LEU H 36 16.17 27.94 0.62
N SER H 37 16.29 28.72 1.70
CA SER H 37 17.30 28.39 2.70
C SER H 37 16.98 27.04 3.33
N GLY H 38 15.70 26.79 3.60
CA GLY H 38 15.30 25.48 4.03
C GLY H 38 15.63 24.39 3.04
N ILE H 39 15.42 24.64 1.76
CA ILE H 39 15.74 23.63 0.75
C ILE H 39 17.21 23.27 0.79
N VAL H 40 18.08 24.27 0.77
CA VAL H 40 19.50 23.98 0.71
C VAL H 40 20.00 23.35 2.02
N GLN H 41 19.57 23.90 3.17
CA GLN H 41 20.03 23.38 4.45
C GLN H 41 19.55 21.95 4.67
N GLN H 42 18.27 21.70 4.45
CA GLN H 42 17.78 20.34 4.62
C GLN H 42 18.45 19.39 3.65
N GLN H 43 18.67 19.81 2.39
CA GLN H 43 19.31 18.91 1.44
C GLN H 43 20.72 18.56 1.89
N SER H 44 21.47 19.54 2.41
CA SER H 44 22.79 19.23 2.94
C SER H 44 22.70 18.26 4.10
N ASN H 45 21.75 18.48 5.01
CA ASN H 45 21.57 17.58 6.14
C ASN H 45 20.97 16.23 5.74
N LEU H 46 20.51 16.09 4.49
CA LEU H 46 20.07 14.83 3.94
C LEU H 46 21.19 14.04 3.29
N LEU H 47 21.99 14.69 2.44
CA LEU H 47 22.92 13.98 1.58
C LEU H 47 24.02 13.29 2.38
N ARG H 48 24.63 14.00 3.33
CA ARG H 48 25.87 13.56 3.97
C ARG H 48 25.77 13.34 5.48
N ALA H 49 25.19 14.30 6.21
CA ALA H 49 25.05 14.21 7.65
C ALA H 49 24.59 12.83 8.14
N PRO H 50 23.70 12.13 7.43
CA PRO H 50 23.57 10.68 7.65
C PRO H 50 24.56 9.84 6.86
N GLU H 51 24.85 10.20 5.61
CA GLU H 51 25.47 9.28 4.66
C GLU H 51 24.71 7.95 4.62
N CYS H 52 23.44 8.02 4.19
CA CYS H 52 22.61 6.84 4.01
C CYS H 52 21.72 6.99 2.79
N GLN H 53 22.18 7.73 1.78
CA GLN H 53 21.39 7.87 0.56
C GLN H 53 21.30 6.55 -0.17
N GLN H 54 22.35 5.73 -0.07
CA GLN H 54 22.30 4.36 -0.56
C GLN H 54 21.12 3.59 0.00
N HIS H 55 20.76 3.79 1.27
CA HIS H 55 19.60 3.14 1.85
C HIS H 55 18.30 3.79 1.39
N LEU H 56 18.21 5.13 1.50
CA LEU H 56 16.98 5.81 1.15
C LEU H 56 16.59 5.54 -0.29
N LEU H 57 17.58 5.34 -1.16
CA LEU H 57 17.33 5.06 -2.56
C LEU H 57 17.23 3.57 -2.86
N LYS H 58 17.20 2.70 -1.84
CA LYS H 58 16.82 1.32 -2.12
C LYS H 58 15.41 1.26 -2.67
N LEU H 59 14.50 2.05 -2.11
CA LEU H 59 13.12 2.11 -2.56
C LEU H 59 13.02 3.21 -3.60
N THR H 60 12.59 2.82 -4.80
CA THR H 60 12.33 3.81 -5.84
C THR H 60 11.27 4.80 -5.40
N VAL H 61 10.22 4.33 -4.74
CA VAL H 61 9.08 5.19 -4.44
C VAL H 61 9.49 6.31 -3.51
N TRP H 62 10.40 6.03 -2.58
CA TRP H 62 10.90 7.09 -1.70
C TRP H 62 11.56 8.19 -2.51
N GLY H 63 12.42 7.80 -3.44
CA GLY H 63 13.08 8.78 -4.27
C GLY H 63 12.09 9.59 -5.09
N ILE H 64 11.10 8.93 -5.66
CA ILE H 64 10.12 9.65 -6.48
C ILE H 64 9.34 10.63 -5.61
N LYS H 65 8.87 10.19 -4.45
CA LYS H 65 8.17 11.09 -3.55
C LYS H 65 9.01 12.30 -3.19
N GLN H 66 10.22 12.06 -2.71
CA GLN H 66 11.05 13.14 -2.20
C GLN H 66 11.45 14.08 -3.33
N LEU H 67 11.81 13.53 -4.48
CA LEU H 67 12.27 14.34 -5.59
C LEU H 67 11.14 15.17 -6.14
N GLN H 68 9.93 14.59 -6.22
CA GLN H 68 8.77 15.36 -6.61
C GLN H 68 8.54 16.51 -5.65
N ALA H 69 8.61 16.24 -4.35
CA ALA H 69 8.36 17.30 -3.38
C ALA H 69 9.37 18.43 -3.53
N ARG H 70 10.64 18.07 -3.72
CA ARG H 70 11.66 19.10 -3.86
C ARG H 70 11.44 19.94 -5.12
N VAL H 71 11.18 19.29 -6.26
CA VAL H 71 10.97 20.09 -7.47
C VAL H 71 9.69 20.89 -7.35
N LEU H 72 8.71 20.40 -6.60
CA LEU H 72 7.49 21.17 -6.43
C LEU H 72 7.75 22.43 -5.65
N ALA H 73 8.58 22.35 -4.61
CA ALA H 73 8.95 23.57 -3.89
C ALA H 73 9.65 24.56 -4.82
N VAL H 74 10.57 24.06 -5.63
CA VAL H 74 11.25 24.92 -6.60
C VAL H 74 10.23 25.55 -7.54
N GLU H 75 9.27 24.74 -7.99
CA GLU H 75 8.26 25.21 -8.91
C GLU H 75 7.40 26.28 -8.28
N ARG H 76 7.04 26.12 -7.00
CA ARG H 76 6.25 27.12 -6.33
C ARG H 76 6.98 28.45 -6.29
N TYR H 77 8.25 28.40 -5.88
CA TYR H 77 9.04 29.63 -5.83
C TYR H 77 9.15 30.26 -7.21
N LEU H 78 9.40 29.44 -8.23
CA LEU H 78 9.53 29.96 -9.58
C LEU H 78 8.22 30.54 -10.05
N ARG H 79 7.10 29.93 -9.66
CA ARG H 79 5.78 30.44 -10.02
C ARG H 79 5.63 31.85 -9.47
N ASP H 80 5.97 32.02 -8.19
CA ASP H 80 5.83 33.33 -7.59
C ASP H 80 6.76 34.34 -8.24
N GLN H 81 7.97 33.93 -8.58
CA GLN H 81 8.89 34.86 -9.22
C GLN H 81 8.35 35.32 -10.58
N GLN H 82 7.77 34.39 -11.35
CA GLN H 82 7.20 34.82 -12.62
C GLN H 82 6.01 35.74 -12.40
N LEU H 83 5.15 35.42 -11.44
CA LEU H 83 3.96 36.25 -11.25
C LEU H 83 4.31 37.62 -10.69
N LEU H 84 5.48 37.76 -10.05
CA LEU H 84 5.96 39.09 -9.70
C LEU H 84 6.56 39.79 -10.91
N GLY H 85 7.30 39.05 -11.74
CA GLY H 85 7.92 39.66 -12.91
C GLY H 85 6.89 40.20 -13.87
N ILE H 86 5.80 39.48 -14.08
CA ILE H 86 4.76 39.93 -15.00
C ILE H 86 4.11 41.20 -14.48
N TRP H 87 4.16 41.42 -13.17
CA TRP H 87 3.73 42.68 -12.58
C TRP H 87 4.87 43.67 -12.41
N GLY H 88 6.06 43.36 -12.93
CA GLY H 88 7.20 44.23 -12.72
C GLY H 88 7.72 44.25 -11.31
N CYS H 89 7.37 43.26 -10.49
CA CYS H 89 7.77 43.20 -9.10
C CYS H 89 8.95 42.28 -8.85
N SER H 90 9.60 41.78 -9.91
CA SER H 90 10.78 40.96 -9.72
C SER H 90 11.88 41.75 -9.03
N GLY H 91 12.47 41.16 -8.00
CA GLY H 91 13.55 41.78 -7.28
C GLY H 91 13.13 42.71 -6.15
N LYS H 92 11.85 42.78 -5.83
CA LYS H 92 11.35 43.63 -4.76
C LYS H 92 10.38 42.84 -3.89
N LEU H 93 10.43 43.10 -2.59
CA LEU H 93 9.49 42.50 -1.65
C LEU H 93 8.25 43.35 -1.43
N ILE H 94 8.35 44.65 -1.67
CA ILE H 94 7.19 45.54 -1.69
C ILE H 94 7.23 46.28 -3.00
N CYS H 95 6.09 46.34 -3.70
CA CYS H 95 6.03 46.96 -5.01
C CYS H 95 4.62 47.42 -5.28
N CYS H 96 4.49 48.66 -5.74
CA CYS H 96 3.22 49.29 -6.01
C CYS H 96 2.92 49.25 -7.50
N THR H 97 1.72 49.68 -7.85
CA THR H 97 1.21 49.69 -9.20
C THR H 97 0.41 50.95 -9.47
N ASN H 98 -0.27 50.97 -10.60
CA ASN H 98 -1.15 52.06 -11.01
C ASN H 98 -2.63 51.72 -10.86
N VAL H 99 -2.96 50.57 -10.28
CA VAL H 99 -4.34 50.13 -10.14
C VAL H 99 -4.90 50.79 -8.87
N PRO H 100 -6.04 51.50 -8.95
CA PRO H 100 -6.67 51.97 -7.71
C PRO H 100 -7.43 50.86 -7.03
N TRP H 101 -7.58 50.99 -5.71
CA TRP H 101 -8.30 49.99 -4.95
C TRP H 101 -9.80 50.11 -5.21
N ASN H 102 -10.49 48.99 -5.03
CA ASN H 102 -11.95 48.92 -5.15
C ASN H 102 -12.56 48.67 -3.78
N SER H 103 -13.53 49.51 -3.41
CA SER H 103 -14.29 49.26 -2.19
C SER H 103 -15.11 47.99 -2.29
N THR H 104 -15.37 47.50 -3.51
CA THR H 104 -16.06 46.23 -3.67
C THR H 104 -15.27 45.11 -3.00
N TRP H 105 -13.95 45.12 -3.17
CA TRP H 105 -13.12 44.10 -2.52
C TRP H 105 -13.11 44.31 -1.02
N SER H 106 -12.93 45.55 -0.58
CA SER H 106 -12.96 45.87 0.84
C SER H 106 -13.10 47.38 0.99
N ASN H 107 -14.10 47.81 1.75
CA ASN H 107 -14.39 49.21 1.96
C ASN H 107 -13.62 49.84 3.11
N ARG H 108 -12.93 49.03 3.91
CA ARG H 108 -12.24 49.53 5.09
C ARG H 108 -11.16 50.52 4.68
N ASN H 109 -10.79 51.39 5.62
CA ASN H 109 -9.79 52.41 5.35
C ASN H 109 -8.42 51.99 5.89
N LEU H 110 -7.46 52.90 5.84
CA LEU H 110 -6.08 52.56 6.20
C LEU H 110 -5.97 52.14 7.66
N SER H 111 -6.63 52.87 8.56
CA SER H 111 -6.62 52.46 9.97
C SER H 111 -7.32 51.14 10.15
N GLU H 112 -8.47 50.96 9.51
CA GLU H 112 -9.24 49.75 9.70
C GLU H 112 -8.55 48.52 9.12
N ILE H 113 -7.56 48.72 8.26
CA ILE H 113 -6.88 47.62 7.57
C ILE H 113 -5.49 47.37 8.15
N TRP H 114 -4.62 48.37 8.13
CA TRP H 114 -3.24 48.19 8.57
C TRP H 114 -3.08 48.22 10.08
N ASP H 115 -4.13 48.56 10.83
CA ASP H 115 -4.10 48.57 12.28
C ASP H 115 -5.20 47.67 12.83
N ASN H 116 -4.86 47.00 13.94
CA ASN H 116 -5.78 46.07 14.62
C ASN H 116 -6.27 44.98 13.66
N MET H 117 -5.39 44.54 12.76
CA MET H 117 -5.70 43.44 11.86
C MET H 117 -4.40 42.71 11.52
N THR H 118 -4.45 41.38 11.55
CA THR H 118 -3.36 40.54 11.13
C THR H 118 -3.53 40.17 9.66
N TRP H 119 -2.42 39.75 9.03
CA TRP H 119 -2.50 39.41 7.62
C TRP H 119 -3.42 38.23 7.36
N LEU H 120 -3.59 37.34 8.34
CA LEU H 120 -4.48 36.21 8.15
C LEU H 120 -5.90 36.69 7.90
N GLN H 121 -6.39 37.58 8.77
CA GLN H 121 -7.74 38.12 8.61
C GLN H 121 -7.88 38.82 7.27
N TRP H 122 -6.88 39.60 6.89
CA TRP H 122 -6.94 40.32 5.63
C TRP H 122 -6.99 39.36 4.45
N ASP H 123 -6.19 38.29 4.52
CA ASP H 123 -6.18 37.29 3.46
C ASP H 123 -7.55 36.64 3.32
N LYS H 124 -8.17 36.30 4.44
CA LYS H 124 -9.51 35.73 4.36
C LYS H 124 -10.50 36.76 3.84
N GLU H 125 -10.24 38.05 4.07
CA GLU H 125 -11.21 39.07 3.71
C GLU H 125 -11.37 39.19 2.20
N ILE H 126 -10.27 39.11 1.45
CA ILE H 126 -10.28 39.37 0.01
C ILE H 126 -9.70 38.22 -0.78
N SER H 127 -9.84 36.98 -0.29
CA SER H 127 -9.36 35.84 -1.06
C SER H 127 -10.08 35.73 -2.40
N ASN H 128 -11.40 35.81 -2.40
CA ASN H 128 -12.20 35.56 -3.58
C ASN H 128 -12.07 36.65 -4.64
N TYR H 129 -11.39 37.76 -4.36
CA TYR H 129 -11.10 38.79 -5.34
C TYR H 129 -9.68 38.71 -5.88
N THR H 130 -8.88 37.74 -5.41
CA THR H 130 -7.46 37.71 -5.75
C THR H 130 -7.25 37.65 -7.25
N GLN H 131 -7.94 36.71 -7.90
CA GLN H 131 -7.89 36.57 -9.36
C GLN H 131 -8.23 37.87 -10.08
N ILE H 132 -9.12 38.70 -9.53
CA ILE H 132 -9.39 39.98 -10.16
C ILE H 132 -8.14 40.83 -10.17
N ILE H 133 -7.52 41.00 -8.99
CA ILE H 133 -6.44 41.96 -8.83
C ILE H 133 -5.30 41.58 -9.74
N TYR H 134 -4.96 40.29 -9.74
CA TYR H 134 -3.91 39.76 -10.60
C TYR H 134 -4.13 40.19 -12.03
N GLY H 135 -5.35 39.98 -12.55
CA GLY H 135 -5.67 40.41 -13.89
C GLY H 135 -5.31 41.87 -14.11
N LEU H 136 -5.84 42.74 -13.25
CA LEU H 136 -5.53 44.16 -13.36
C LEU H 136 -4.03 44.37 -13.33
N LEU H 137 -3.34 43.71 -12.41
CA LEU H 137 -1.91 43.90 -12.30
C LEU H 137 -1.21 43.50 -13.58
N GLU H 138 -1.49 42.30 -14.10
CA GLU H 138 -0.83 41.92 -15.35
C GLU H 138 -1.23 42.89 -16.43
N GLU H 139 -2.52 43.23 -16.50
CA GLU H 139 -2.99 44.19 -17.48
C GLU H 139 -2.18 45.47 -17.37
N SER H 140 -2.03 45.97 -16.14
CA SER H 140 -1.31 47.24 -15.93
C SER H 140 0.06 47.19 -16.54
N GLN H 141 0.80 46.12 -16.25
CA GLN H 141 2.22 46.12 -16.60
C GLN H 141 2.38 46.24 -18.11
N ASN H 142 1.45 45.63 -18.86
CA ASN H 142 1.59 45.59 -20.30
C ASN H 142 1.61 47.00 -20.86
N GLN H 143 0.73 47.88 -20.37
CA GLN H 143 0.67 49.21 -20.95
C GLN H 143 1.96 49.97 -20.70
N GLN H 144 2.57 49.79 -19.52
CA GLN H 144 3.86 50.45 -19.31
C GLN H 144 4.87 49.99 -20.35
N GLU H 145 4.92 48.67 -20.57
CA GLU H 145 5.80 48.15 -21.58
C GLU H 145 5.44 48.72 -22.94
N LYS H 146 4.15 48.85 -23.21
CA LYS H 146 3.71 49.43 -24.49
C LYS H 146 4.32 50.80 -24.66
N ASN H 147 4.22 51.64 -23.62
CA ASN H 147 4.77 52.98 -23.74
C ASN H 147 6.26 52.94 -23.97
N GLU H 148 6.95 52.05 -23.26
CA GLU H 148 8.38 51.91 -23.48
C GLU H 148 8.65 51.46 -24.90
N GLN H 149 7.84 50.52 -25.40
CA GLN H 149 8.01 50.07 -26.77
C GLN H 149 7.78 51.21 -27.76
N ASP H 150 6.95 52.18 -27.40
CA ASP H 150 6.78 53.33 -28.27
C ASP H 150 8.01 54.23 -28.25
N LEU H 151 8.66 54.37 -27.10
CA LEU H 151 9.95 55.06 -27.09
C LEU H 151 10.98 54.28 -27.89
N LEU H 152 10.92 52.96 -27.80
CA LEU H 152 11.84 52.09 -28.51
C LEU H 152 11.47 52.00 -29.99
N UNK I 1 -41.54 2.15 31.06
CA UNK I 1 -40.81 1.98 29.78
C UNK I 1 -40.95 0.54 29.27
N UNK I 2 -40.08 -0.35 29.75
CA UNK I 2 -40.11 -1.75 29.32
C UNK I 2 -41.05 -2.54 30.23
N UNK I 3 -42.35 -2.32 30.02
CA UNK I 3 -43.36 -3.04 30.79
C UNK I 3 -43.29 -4.53 30.50
N UNK I 4 -43.41 -5.33 31.57
CA UNK I 4 -43.21 -6.77 31.51
C UNK I 4 -44.49 -7.52 31.90
N UNK I 5 -44.75 -8.60 31.17
CA UNK I 5 -45.91 -9.44 31.45
C UNK I 5 -45.74 -10.16 32.78
N UNK I 6 -46.83 -10.27 33.53
CA UNK I 6 -46.79 -10.98 34.79
C UNK I 6 -46.79 -12.49 34.55
N UNK I 7 -46.11 -13.20 35.43
CA UNK I 7 -46.15 -14.66 35.40
C UNK I 7 -47.51 -15.16 35.86
N UNK I 8 -47.88 -16.36 35.42
CA UNK I 8 -49.16 -16.94 35.78
C UNK I 8 -49.22 -17.27 37.27
N UNK I 9 -50.44 -17.20 37.83
CA UNK I 9 -50.65 -17.53 39.24
C UNK I 9 -50.62 -19.03 39.46
N UNK I 10 -50.08 -19.44 40.61
CA UNK I 10 -49.86 -20.85 40.94
C UNK I 10 -50.62 -21.23 42.19
N UNK I 11 -50.98 -22.52 42.28
CA UNK I 11 -51.72 -23.03 43.43
C UNK I 11 -50.79 -23.26 44.61
N UNK I 12 -51.40 -23.31 45.81
CA UNK I 12 -50.67 -23.54 47.05
C UNK I 12 -50.60 -25.05 47.33
N UNK I 13 -49.84 -25.75 46.49
CA UNK I 13 -49.69 -27.19 46.62
C UNK I 13 -48.41 -27.64 45.94
N UNK I 14 -47.74 -28.62 46.56
CA UNK I 14 -46.44 -29.06 46.08
C UNK I 14 -46.56 -30.07 44.94
N UNK I 15 -45.83 -29.80 43.86
CA UNK I 15 -45.72 -30.67 42.70
C UNK I 15 -44.32 -30.48 42.14
N UNK I 16 -43.38 -31.33 42.57
CA UNK I 16 -41.97 -31.09 42.33
C UNK I 16 -41.65 -31.16 40.85
N UNK I 17 -40.69 -30.34 40.42
CA UNK I 17 -40.12 -30.28 39.08
C UNK I 17 -41.07 -29.69 38.03
N UNK I 18 -42.30 -29.35 38.40
CA UNK I 18 -43.24 -28.71 37.50
C UNK I 18 -43.21 -27.19 37.60
N UNK I 19 -42.31 -26.64 38.38
CA UNK I 19 -42.28 -25.20 38.61
C UNK I 19 -41.90 -24.47 37.32
N UNK I 20 -42.39 -23.24 37.19
CA UNK I 20 -42.09 -22.42 36.03
C UNK I 20 -42.55 -21.00 36.32
N UNK I 21 -41.81 -20.03 35.77
CA UNK I 21 -42.17 -18.63 35.91
C UNK I 21 -41.56 -17.87 34.74
N UNK I 22 -42.39 -17.04 34.10
CA UNK I 22 -41.97 -16.27 32.93
C UNK I 22 -42.50 -14.86 33.06
N UNK I 23 -41.61 -13.89 32.82
CA UNK I 23 -41.88 -12.48 32.96
C UNK I 23 -41.32 -11.78 31.72
N UNK I 24 -41.70 -12.27 30.55
CA UNK I 24 -41.21 -11.74 29.28
C UNK I 24 -41.49 -10.24 29.18
N UNK I 25 -40.47 -9.48 28.78
CA UNK I 25 -40.54 -8.03 28.73
C UNK I 25 -40.63 -7.53 27.30
N UNK I 26 -41.24 -6.35 27.14
CA UNK I 26 -41.22 -5.67 25.86
C UNK I 26 -39.78 -5.37 25.45
N UNK I 27 -39.48 -5.55 24.17
CA UNK I 27 -38.13 -5.42 23.62
C UNK I 27 -37.25 -6.45 24.33
N UNK I 28 -36.17 -6.06 24.99
CA UNK I 28 -35.35 -7.00 25.74
C UNK I 28 -34.60 -6.27 26.83
N UNK I 29 -34.30 -6.99 27.90
CA UNK I 29 -33.63 -6.42 29.05
C UNK I 29 -32.11 -6.38 28.90
N UNK I 30 -31.58 -6.85 27.76
CA UNK I 30 -30.13 -6.95 27.56
C UNK I 30 -29.48 -7.77 28.67
N UNK I 31 -30.17 -8.85 29.05
CA UNK I 31 -29.78 -9.79 30.10
C UNK I 31 -29.94 -9.25 31.50
N UNK I 32 -30.39 -7.99 31.67
CA UNK I 32 -30.47 -7.37 32.99
C UNK I 32 -31.82 -7.70 33.63
N UNK I 33 -32.02 -8.99 33.91
CA UNK I 33 -33.25 -9.48 34.52
C UNK I 33 -33.13 -9.46 36.05
N UNK I 34 -34.28 -9.30 36.72
CA UNK I 34 -34.35 -9.06 38.16
C UNK I 34 -35.42 -9.94 38.80
N UNK I 35 -35.39 -11.24 38.50
CA UNK I 35 -36.32 -12.18 39.14
C UNK I 35 -36.11 -12.19 40.65
N UNK I 36 -37.21 -12.26 41.39
CA UNK I 36 -37.16 -12.19 42.84
C UNK I 36 -38.38 -12.91 43.40
N UNK I 37 -38.35 -13.20 44.70
CA UNK I 37 -39.47 -13.83 45.37
C UNK I 37 -39.56 -13.33 46.81
N UNK I 38 -40.80 -13.25 47.30
CA UNK I 38 -41.11 -12.64 48.57
C UNK I 38 -42.02 -13.55 49.38
N UNK I 39 -41.69 -13.72 50.66
CA UNK I 39 -42.60 -14.38 51.58
C UNK I 39 -43.77 -13.45 51.88
N UNK I 40 -44.81 -14.03 52.48
CA UNK I 40 -46.02 -13.26 52.77
C UNK I 40 -45.71 -12.11 53.72
N UNK I 41 -46.10 -10.91 53.30
CA UNK I 41 -45.85 -9.69 54.07
C UNK I 41 -44.36 -9.52 54.36
N UNK I 42 -43.54 -9.82 53.35
CA UNK I 42 -42.09 -9.71 53.47
C UNK I 42 -41.55 -9.13 52.17
N UNK I 43 -40.41 -8.45 52.28
CA UNK I 43 -39.77 -7.88 51.10
C UNK I 43 -39.26 -8.99 50.21
N UNK I 44 -39.22 -8.70 48.91
CA UNK I 44 -38.76 -9.69 47.95
C UNK I 44 -37.26 -9.84 48.00
N UNK I 45 -36.80 -11.09 48.09
CA UNK I 45 -35.39 -11.43 48.02
C UNK I 45 -35.05 -11.88 46.60
N UNK I 46 -33.80 -11.63 46.21
CA UNK I 46 -33.37 -11.96 44.86
C UNK I 46 -33.44 -13.46 44.63
N UNK I 47 -33.99 -13.84 43.48
CA UNK I 47 -33.97 -15.22 43.02
C UNK I 47 -32.87 -15.45 42.00
N UNK I 48 -32.58 -14.45 41.18
CA UNK I 48 -31.49 -14.55 40.23
C UNK I 48 -31.15 -13.16 39.74
N UNK I 49 -29.87 -12.93 39.51
CA UNK I 49 -29.38 -11.72 38.85
C UNK I 49 -29.09 -12.11 37.41
N UNK I 50 -29.75 -11.45 36.48
CA UNK I 50 -29.72 -11.84 35.06
C UNK I 50 -30.23 -13.28 35.02
N UNK I 51 -29.50 -14.23 34.45
CA UNK I 51 -29.81 -15.65 34.58
C UNK I 51 -28.98 -16.34 35.64
N UNK I 52 -28.16 -15.61 36.40
CA UNK I 52 -27.35 -16.19 37.46
C UNK I 52 -28.17 -16.25 38.74
N UNK I 53 -28.24 -17.44 39.34
CA UNK I 53 -29.06 -17.63 40.52
C UNK I 53 -28.54 -16.77 41.67
N UNK I 54 -29.47 -16.34 42.54
CA UNK I 54 -29.11 -15.50 43.65
C UNK I 54 -28.17 -16.24 44.60
N UNK I 55 -27.12 -15.55 45.05
CA UNK I 55 -26.11 -16.17 45.88
C UNK I 55 -26.71 -16.63 47.20
N UNK I 56 -26.31 -17.82 47.63
CA UNK I 56 -26.72 -18.44 48.88
C UNK I 56 -28.20 -18.85 48.90
N UNK I 57 -28.91 -18.75 47.78
CA UNK I 57 -30.31 -19.14 47.75
C UNK I 57 -30.49 -20.64 47.75
N UNK I 58 -29.70 -21.35 46.94
CA UNK I 58 -29.73 -22.82 46.85
C UNK I 58 -31.10 -23.33 46.41
N UNK I 59 -31.81 -22.52 45.64
CA UNK I 59 -33.15 -22.89 45.18
C UNK I 59 -33.45 -22.10 43.92
N UNK I 60 -34.43 -22.59 43.16
CA UNK I 60 -34.86 -21.95 41.92
C UNK I 60 -33.68 -21.77 40.96
N UNK I 61 -32.97 -22.88 40.72
CA UNK I 61 -31.75 -22.80 39.92
C UNK I 61 -32.02 -22.33 38.50
N UNK I 62 -33.11 -22.80 37.89
CA UNK I 62 -33.38 -22.52 36.49
C UNK I 62 -33.62 -21.03 36.27
N UNK I 63 -33.05 -20.52 35.17
CA UNK I 63 -33.19 -19.09 34.86
C UNK I 63 -32.93 -18.88 33.38
N UNK I 64 -33.45 -17.76 32.88
CA UNK I 64 -33.17 -17.27 31.53
C UNK I 64 -33.31 -15.76 31.56
N UNK I 65 -32.68 -15.09 30.59
CA UNK I 65 -32.55 -13.64 30.63
C UNK I 65 -32.73 -13.04 29.24
N UNK I 66 -32.71 -11.71 29.19
CA UNK I 66 -32.93 -10.91 27.99
C UNK I 66 -34.38 -11.07 27.52
N UNK I 67 -34.62 -11.16 26.22
CA UNK I 67 -35.99 -11.34 25.73
C UNK I 67 -36.55 -12.65 26.23
N UNK I 68 -37.77 -12.61 26.75
CA UNK I 68 -38.48 -13.80 27.22
C UNK I 68 -37.70 -14.50 28.34
N UNK I 69 -37.41 -13.75 29.40
CA UNK I 69 -36.78 -14.33 30.58
C UNK I 69 -37.74 -15.30 31.26
N UNK I 70 -37.19 -16.34 31.88
CA UNK I 70 -38.01 -17.33 32.57
C UNK I 70 -37.19 -18.05 33.62
N UNK I 71 -37.90 -18.62 34.60
CA UNK I 71 -37.27 -19.27 35.74
C UNK I 71 -38.21 -20.33 36.28
N UNK I 72 -37.65 -21.23 37.08
CA UNK I 72 -38.43 -22.32 37.67
C UNK I 72 -37.88 -22.64 39.06
N UNK I 73 -38.79 -22.87 40.00
CA UNK I 73 -38.40 -23.14 41.38
C UNK I 73 -37.78 -24.53 41.52
N UNK I 74 -37.09 -24.73 42.63
CA UNK I 74 -36.49 -26.02 42.95
C UNK I 74 -37.46 -26.85 43.79
N UNK I 75 -37.93 -27.96 43.22
CA UNK I 75 -38.83 -28.92 43.88
C UNK I 75 -40.24 -28.37 44.10
N UNK I 76 -40.53 -27.15 43.64
CA UNK I 76 -41.87 -26.57 43.71
C UNK I 76 -42.42 -26.57 45.13
N UNK I 77 -41.66 -25.98 46.05
CA UNK I 77 -42.11 -25.89 47.42
C UNK I 77 -43.33 -24.99 47.53
N UNK I 78 -44.31 -25.42 48.30
CA UNK I 78 -45.52 -24.63 48.52
C UNK I 78 -45.27 -23.35 49.31
N UNK I 79 -44.12 -23.22 49.94
CA UNK I 79 -43.76 -22.02 50.68
C UNK I 79 -43.20 -20.91 49.79
N UNK I 80 -43.32 -21.03 48.47
CA UNK I 80 -42.75 -20.03 47.59
C UNK I 80 -43.42 -18.67 47.77
N UNK I 81 -44.70 -18.66 48.12
CA UNK I 81 -45.46 -17.43 48.40
C UNK I 81 -45.51 -16.59 47.14
N UNK I 82 -44.88 -15.41 47.09
CA UNK I 82 -45.04 -14.47 45.99
C UNK I 82 -43.80 -14.47 45.11
N UNK I 83 -44.03 -14.37 43.80
CA UNK I 83 -42.98 -14.16 42.82
C UNK I 83 -42.86 -12.68 42.48
N UNK I 84 -41.86 -12.36 41.67
CA UNK I 84 -41.64 -10.98 41.24
C UNK I 84 -40.60 -11.00 40.13
N UNK I 85 -40.65 -9.99 39.27
CA UNK I 85 -39.72 -9.89 38.16
C UNK I 85 -39.70 -8.46 37.67
N UNK I 86 -38.51 -8.01 37.24
CA UNK I 86 -38.35 -6.65 36.78
C UNK I 86 -37.19 -6.58 35.79
N UNK I 87 -37.31 -5.64 34.85
CA UNK I 87 -36.27 -5.37 33.87
C UNK I 87 -35.34 -4.33 34.47
N UNK I 88 -34.16 -4.78 34.90
CA UNK I 88 -33.25 -3.87 35.60
C UNK I 88 -32.74 -2.77 34.68
N UNK I 89 -32.50 -3.08 33.40
CA UNK I 89 -31.98 -2.09 32.47
C UNK I 89 -33.03 -1.07 32.04
N UNK I 90 -34.30 -1.27 32.40
CA UNK I 90 -35.35 -0.35 32.00
C UNK I 90 -35.14 1.03 32.62
N UNK I 91 -35.44 2.07 31.83
CA UNK I 91 -35.30 3.43 32.32
C UNK I 91 -36.16 3.68 33.55
N UNK I 92 -37.42 3.26 33.48
CA UNK I 92 -38.36 3.44 34.58
C UNK I 92 -38.33 2.28 35.57
N UNK I 93 -37.36 1.37 35.45
CA UNK I 93 -37.27 0.20 36.33
C UNK I 93 -38.57 -0.57 36.33
N UNK I 94 -39.14 -0.76 35.15
CA UNK I 94 -40.47 -1.35 35.01
C UNK I 94 -40.50 -2.73 35.62
N UNK I 95 -41.54 -3.00 36.42
CA UNK I 95 -41.72 -4.26 37.12
C UNK I 95 -42.83 -5.06 36.46
N UNK I 96 -42.80 -6.37 36.68
CA UNK I 96 -43.68 -7.29 35.98
C UNK I 96 -45.03 -7.49 36.66
N UNK I 97 -45.15 -7.17 37.95
CA UNK I 97 -46.36 -7.44 38.72
C UNK I 97 -46.70 -8.93 38.67
N UNK I 98 -45.71 -9.76 38.97
CA UNK I 98 -45.86 -11.21 38.85
C UNK I 98 -46.90 -11.72 39.85
N UNK I 99 -47.48 -12.88 39.52
CA UNK I 99 -48.51 -13.47 40.36
C UNK I 99 -47.88 -14.31 41.48
N UNK I 100 -48.74 -14.81 42.36
CA UNK I 100 -48.27 -15.54 43.54
C UNK I 100 -47.52 -16.80 43.12
N UNK I 101 -46.38 -17.03 43.78
CA UNK I 101 -45.55 -18.18 43.42
C UNK I 101 -46.18 -19.49 43.86
N UNK I 102 -46.97 -19.47 44.93
CA UNK I 102 -47.59 -20.67 45.47
C UNK I 102 -49.11 -20.51 45.51
N UNK J 1 -23.87 -8.16 57.44
CA UNK J 1 -25.24 -8.39 56.90
C UNK J 1 -25.58 -7.37 55.83
N UNK J 2 -25.23 -6.11 56.12
CA UNK J 2 -25.54 -4.99 55.22
C UNK J 2 -27.05 -4.92 54.97
N UNK J 3 -27.84 -5.16 56.01
CA UNK J 3 -29.28 -5.19 55.86
C UNK J 3 -29.85 -3.78 55.84
N UNK J 4 -30.98 -3.64 55.15
CA UNK J 4 -31.73 -2.38 55.10
C UNK J 4 -32.86 -2.46 56.11
N UNK J 5 -32.89 -1.50 57.04
CA UNK J 5 -33.91 -1.48 58.07
C UNK J 5 -35.19 -0.86 57.53
N UNK J 6 -36.29 -1.60 57.70
CA UNK J 6 -37.59 -1.10 57.28
C UNK J 6 -37.98 0.11 58.10
N UNK J 7 -38.57 1.09 57.45
CA UNK J 7 -39.05 2.27 58.15
C UNK J 7 -40.27 1.93 58.99
N UNK J 8 -40.47 2.70 60.05
CA UNK J 8 -41.70 2.61 60.81
C UNK J 8 -42.86 3.15 59.99
N UNK J 9 -44.05 2.59 60.23
CA UNK J 9 -45.25 3.08 59.56
C UNK J 9 -45.50 4.54 59.93
N UNK J 10 -45.77 5.37 58.93
CA UNK J 10 -45.92 6.79 59.17
C UNK J 10 -47.07 7.08 60.11
N UNK J 11 -48.28 6.66 59.75
CA UNK J 11 -49.46 6.76 60.61
C UNK J 11 -49.72 8.20 61.04
N UNK J 12 -49.28 9.18 60.25
CA UNK J 12 -49.17 10.55 60.69
C UNK J 12 -50.33 11.42 60.19
N UNK J 13 -51.42 10.80 59.73
CA UNK J 13 -52.57 11.53 59.21
C UNK J 13 -52.15 12.42 58.05
N UNK J 14 -52.06 13.74 58.26
CA UNK J 14 -51.80 14.66 57.15
C UNK J 14 -50.34 14.61 56.69
N UNK J 15 -49.40 14.56 57.62
CA UNK J 15 -47.99 14.53 57.25
C UNK J 15 -47.67 13.25 56.49
N UNK J 16 -46.65 13.33 55.62
CA UNK J 16 -46.32 12.24 54.70
C UNK J 16 -44.80 12.05 54.59
N UNK J 17 -44.10 12.08 55.73
CA UNK J 17 -42.65 11.95 55.77
C UNK J 17 -42.25 10.68 56.52
N UNK J 18 -41.15 10.07 56.06
CA UNK J 18 -40.63 8.85 56.65
C UNK J 18 -39.14 8.75 56.37
N UNK J 19 -38.48 7.81 57.05
CA UNK J 19 -37.04 7.66 56.90
C UNK J 19 -36.63 6.26 57.32
N UNK J 20 -35.45 5.87 56.87
CA UNK J 20 -34.92 4.53 57.14
C UNK J 20 -33.39 4.60 57.11
N UNK J 21 -32.77 3.46 57.39
CA UNK J 21 -31.32 3.35 57.39
C UNK J 21 -30.93 1.91 57.11
N UNK J 22 -29.65 1.72 56.77
CA UNK J 22 -29.13 0.42 56.38
C UNK J 22 -27.76 0.19 57.04
N UNK J 23 -27.41 -1.08 57.16
CA UNK J 23 -26.12 -1.49 57.71
C UNK J 23 -24.99 -1.47 56.69
N UNK J 24 -25.31 -1.37 55.39
CA UNK J 24 -24.27 -1.32 54.38
C UNK J 24 -23.46 -0.02 54.49
N UNK J 25 -22.33 0.02 53.81
CA UNK J 25 -21.53 1.23 53.79
C UNK J 25 -22.30 2.36 53.13
N UNK J 26 -22.36 3.51 53.80
CA UNK J 26 -23.18 4.61 53.32
C UNK J 26 -22.64 5.16 51.99
N UNK J 27 -21.32 5.17 51.83
CA UNK J 27 -20.71 5.68 50.62
C UNK J 27 -20.63 4.65 49.50
N UNK J 28 -20.94 3.39 49.77
CA UNK J 28 -20.84 2.35 48.77
C UNK J 28 -22.12 2.28 47.95
N UNK J 29 -21.96 2.24 46.64
CA UNK J 29 -23.08 2.06 45.71
C UNK J 29 -24.13 3.14 45.92
N UNK J 30 -25.39 2.77 46.23
CA UNK J 30 -26.47 3.74 46.22
C UNK J 30 -27.68 3.17 46.93
N UNK J 31 -28.62 4.05 47.23
CA UNK J 31 -29.86 3.72 47.93
C UNK J 31 -31.04 3.84 46.98
N UNK J 32 -32.16 3.26 47.39
CA UNK J 32 -33.39 3.34 46.62
C UNK J 32 -34.57 3.16 47.55
N UNK J 33 -35.71 3.71 47.16
CA UNK J 33 -36.94 3.60 47.92
C UNK J 33 -38.11 3.64 46.95
N UNK J 34 -38.95 2.61 46.98
CA UNK J 34 -39.97 2.42 45.96
C UNK J 34 -41.28 1.95 46.58
N UNK J 35 -42.36 2.27 45.89
CA UNK J 35 -43.70 2.03 46.40
C UNK J 35 -43.97 0.53 46.55
N UNK J 36 -44.80 0.18 47.52
CA UNK J 36 -45.17 -1.20 47.79
C UNK J 36 -46.67 -1.28 48.05
N UNK J 37 -47.45 -0.60 47.23
CA UNK J 37 -48.89 -0.58 47.40
C UNK J 37 -49.48 -1.97 47.19
N UNK J 38 -50.57 -2.25 47.90
CA UNK J 38 -51.18 -3.57 47.85
C UNK J 38 -51.68 -3.88 46.46
N UNK J 39 -51.38 -5.09 45.99
CA UNK J 39 -51.77 -5.55 44.66
C UNK J 39 -51.26 -4.62 43.57
N UNK J 40 -50.02 -4.18 43.71
CA UNK J 40 -49.40 -3.29 42.73
C UNK J 40 -47.89 -3.53 42.74
N UNK J 41 -47.25 -3.16 41.63
CA UNK J 41 -45.81 -3.30 41.49
C UNK J 41 -45.12 -1.98 41.77
N UNK J 42 -43.90 -2.08 42.28
CA UNK J 42 -43.13 -0.90 42.68
C UNK J 42 -42.71 -0.10 41.44
N UNK J 43 -42.61 1.20 41.63
CA UNK J 43 -42.09 2.11 40.61
C UNK J 43 -40.60 2.38 40.86
N UNK J 44 -39.98 3.10 39.91
CA UNK J 44 -38.60 3.50 40.12
C UNK J 44 -38.48 4.41 41.34
N UNK J 45 -39.37 5.39 41.45
CA UNK J 45 -39.45 6.28 42.61
C UNK J 45 -38.09 6.93 42.87
N UNK J 46 -37.42 6.58 43.98
CA UNK J 46 -36.17 7.22 44.35
C UNK J 46 -34.98 6.39 43.89
N UNK J 47 -33.96 7.07 43.41
CA UNK J 47 -32.70 6.45 43.02
C UNK J 47 -31.55 7.33 43.51
N UNK J 48 -31.66 7.81 44.74
CA UNK J 48 -30.63 8.68 45.30
C UNK J 48 -29.31 7.93 45.42
N UNK J 49 -28.24 8.56 44.95
CA UNK J 49 -26.93 7.94 44.99
C UNK J 49 -26.29 8.13 46.36
N UNK J 50 -25.37 7.22 46.70
CA UNK J 50 -24.56 7.40 47.89
C UNK J 50 -23.77 8.70 47.83
N UNK J 51 -23.36 9.12 46.64
CA UNK J 51 -22.75 10.42 46.47
C UNK J 51 -23.78 11.52 46.74
N UNK J 52 -23.33 12.77 46.63
CA UNK J 52 -24.20 13.90 46.92
C UNK J 52 -25.39 13.95 45.96
N UNK J 53 -25.19 13.55 44.72
CA UNK J 53 -26.26 13.63 43.73
C UNK J 53 -27.41 12.70 44.10
N UNK J 54 -28.61 13.07 43.65
CA UNK J 54 -29.78 12.24 43.84
C UNK J 54 -30.80 12.57 42.75
N UNK J 55 -31.51 11.54 42.31
CA UNK J 55 -32.47 11.67 41.22
C UNK J 55 -33.70 10.84 41.56
N UNK J 56 -34.83 11.23 40.99
CA UNK J 56 -36.10 10.57 41.28
C UNK J 56 -37.02 10.69 40.08
N UNK J 57 -38.00 9.79 40.03
CA UNK J 57 -39.06 9.90 39.04
C UNK J 57 -40.00 11.04 39.42
N UNK J 58 -40.73 11.55 38.41
CA UNK J 58 -41.64 12.66 38.67
C UNK J 58 -42.76 12.26 39.61
N UNK J 59 -43.35 11.08 39.39
CA UNK J 59 -44.47 10.62 40.20
C UNK J 59 -43.93 9.97 41.47
N UNK J 60 -43.36 10.81 42.33
CA UNK J 60 -42.71 10.31 43.53
C UNK J 60 -42.62 11.43 44.57
N UNK J 61 -42.33 11.02 45.79
CA UNK J 61 -42.08 11.96 46.87
C UNK J 61 -40.65 12.48 46.80
N UNK J 62 -40.42 13.64 47.41
CA UNK J 62 -39.06 14.14 47.54
C UNK J 62 -38.26 13.20 48.43
N UNK J 63 -36.96 13.08 48.16
CA UNK J 63 -36.10 12.17 48.92
C UNK J 63 -34.70 12.75 49.00
N UNK J 64 -33.99 12.38 50.06
CA UNK J 64 -32.63 12.88 50.26
C UNK J 64 -31.88 11.96 51.23
N UNK J 65 -30.57 11.85 50.99
CA UNK J 65 -29.72 11.05 51.85
C UNK J 65 -29.61 11.69 53.22
N UNK J 66 -28.91 10.99 54.12
CA UNK J 66 -28.73 11.44 55.50
C UNK J 66 -27.64 10.61 56.15
N UNK J 67 -26.99 11.22 57.14
CA UNK J 67 -25.83 10.62 57.76
C UNK J 67 -26.18 9.30 58.45
N UNK J 68 -25.16 8.57 58.88
CA UNK J 68 -25.32 7.27 59.53
C UNK J 68 -26.05 6.29 58.62
N UNK J 69 -25.70 6.32 57.33
CA UNK J 69 -26.29 5.42 56.33
C UNK J 69 -27.81 5.52 56.34
N UNK J 70 -28.33 6.74 56.43
CA UNK J 70 -29.75 6.98 56.54
C UNK J 70 -30.26 7.65 55.27
N UNK J 71 -31.57 7.57 55.08
CA UNK J 71 -32.24 8.27 53.99
C UNK J 71 -33.62 8.67 54.48
N UNK J 72 -34.17 9.71 53.87
CA UNK J 72 -35.48 10.21 54.26
C UNK J 72 -36.22 10.65 53.01
N UNK J 73 -37.55 10.66 53.13
CA UNK J 73 -38.41 11.09 52.04
C UNK J 73 -39.67 11.69 52.61
N UNK J 74 -40.34 12.50 51.79
CA UNK J 74 -41.59 13.11 52.18
C UNK J 74 -42.35 13.57 50.94
N UNK J 75 -43.66 13.36 50.96
CA UNK J 75 -44.54 13.83 49.91
C UNK J 75 -45.08 15.22 50.25
N UNK J 76 -45.77 15.82 49.29
CA UNK J 76 -46.37 17.13 49.52
C UNK J 76 -47.42 17.06 50.62
N UNK J 77 -48.25 16.02 50.58
CA UNK J 77 -49.23 15.78 51.63
C UNK J 77 -49.62 14.31 51.57
N UNK J 78 -50.19 13.84 52.67
CA UNK J 78 -50.62 12.45 52.72
C UNK J 78 -51.69 12.17 51.68
N UNK J 79 -52.66 13.07 51.52
CA UNK J 79 -53.77 12.87 50.61
C UNK J 79 -54.48 11.55 50.95
N UNK J 80 -54.92 10.79 49.95
CA UNK J 80 -55.47 9.46 50.16
C UNK J 80 -54.74 8.45 49.29
N UNK J 81 -54.44 8.84 48.05
CA UNK J 81 -53.81 7.92 47.11
C UNK J 81 -52.43 7.49 47.58
N UNK J 82 -51.68 8.40 48.18
CA UNK J 82 -50.34 8.08 48.65
C UNK J 82 -50.33 7.24 49.92
N UNK J 83 -51.49 6.96 50.52
CA UNK J 83 -51.57 6.13 51.71
C UNK J 83 -51.36 4.66 51.32
N UNK J 84 -50.11 4.36 50.97
CA UNK J 84 -49.71 3.01 50.59
C UNK J 84 -48.28 2.77 51.07
N UNK J 85 -47.97 1.50 51.31
CA UNK J 85 -46.67 1.16 51.88
C UNK J 85 -45.58 1.25 50.84
N UNK J 86 -44.35 1.50 51.30
CA UNK J 86 -43.19 1.60 50.44
C UNK J 86 -41.98 1.06 51.18
N UNK J 87 -41.00 0.60 50.41
CA UNK J 87 -39.86 -0.16 50.92
C UNK J 87 -38.55 0.42 50.41
N UNK J 88 -37.52 0.35 51.25
CA UNK J 88 -36.18 0.78 50.89
C UNK J 88 -35.35 -0.40 50.40
N UNK J 89 -34.23 -0.09 49.75
CA UNK J 89 -33.38 -1.11 49.15
C UNK J 89 -32.04 -0.47 48.76
N UNK J 90 -31.09 -1.32 48.38
CA UNK J 90 -29.76 -0.89 47.97
C UNK J 90 -29.52 -1.23 46.50
N UNK J 91 -28.68 -0.43 45.86
CA UNK J 91 -28.17 -0.78 44.55
C UNK J 91 -27.08 -1.82 44.70
N UNK J 92 -26.90 -2.64 43.67
CA UNK J 92 -25.96 -3.74 43.73
C UNK J 92 -25.47 -4.08 42.35
N UNK J 93 -24.15 -4.29 42.26
CA UNK J 93 -23.51 -4.71 41.00
C UNK J 93 -23.71 -6.21 40.88
N UNK J 94 -24.93 -6.60 40.56
CA UNK J 94 -25.28 -8.01 40.52
C UNK J 94 -24.77 -8.66 39.25
N UNK J 95 -24.48 -9.95 39.35
CA UNK J 95 -24.06 -10.79 38.22
C UNK J 95 -22.78 -10.19 37.62
N UNK J 96 -22.72 -9.93 36.32
CA UNK J 96 -21.52 -9.39 35.67
C UNK J 96 -21.53 -7.86 35.74
N UNK J 97 -21.58 -7.35 36.97
CA UNK J 97 -21.51 -5.92 37.23
C UNK J 97 -22.63 -5.16 36.52
N UNK J 98 -23.85 -5.69 36.58
CA UNK J 98 -25.04 -4.99 36.10
C UNK J 98 -25.77 -4.37 37.29
N UNK J 99 -26.25 -3.14 37.10
CA UNK J 99 -27.02 -2.49 38.14
C UNK J 99 -28.28 -3.29 38.45
N UNK J 100 -28.56 -3.47 39.73
CA UNK J 100 -29.77 -4.18 40.12
C UNK J 100 -30.13 -3.80 41.55
N UNK J 101 -31.35 -4.13 41.94
CA UNK J 101 -31.79 -3.90 43.31
C UNK J 101 -31.43 -5.08 44.19
N UNK J 102 -31.17 -4.80 45.46
CA UNK J 102 -30.78 -5.83 46.40
C UNK J 102 -31.16 -5.42 47.81
N UNK J 103 -31.23 -6.42 48.69
CA UNK J 103 -31.42 -6.24 50.12
C UNK J 103 -32.63 -5.36 50.42
N UNK J 104 -33.70 -5.59 49.67
CA UNK J 104 -34.90 -4.78 49.81
C UNK J 104 -35.47 -4.93 51.22
N UNK J 105 -35.76 -3.80 51.86
CA UNK J 105 -36.33 -3.80 53.19
C UNK J 105 -37.83 -4.05 53.15
N UNK J 106 -38.39 -4.40 54.30
CA UNK J 106 -39.84 -4.53 54.40
C UNK J 106 -40.50 -3.17 54.26
N UNK J 107 -41.63 -3.14 53.57
CA UNK J 107 -42.30 -1.89 53.30
C UNK J 107 -42.92 -1.31 54.57
N UNK J 108 -42.98 0.02 54.62
CA UNK J 108 -43.54 0.75 55.74
C UNK J 108 -44.85 1.42 55.32
N UNK J 109 -45.92 1.14 56.06
CA UNK J 109 -47.24 1.63 55.68
C UNK J 109 -47.35 3.14 55.90
N UNK J 110 -48.37 3.72 55.27
CA UNK J 110 -48.66 5.15 55.37
C UNK J 110 -50.15 5.33 55.61
N UNK J 111 -50.50 6.47 56.21
CA UNK J 111 -51.87 6.79 56.56
C UNK J 111 -52.42 7.88 55.63
N UNK J 112 -53.74 7.86 55.46
CA UNK J 112 -54.40 8.91 54.71
C UNK J 112 -54.36 10.22 55.48
N UNK J 113 -54.80 11.29 54.83
CA UNK J 113 -54.78 12.61 55.48
C UNK J 113 -55.70 12.64 56.69
N UNK J 114 -56.84 11.98 56.61
CA UNK J 114 -57.83 12.03 57.68
C UNK J 114 -58.67 10.76 57.66
N UNK J 115 -59.16 10.40 58.84
CA UNK J 115 -60.00 9.21 58.99
C UNK J 115 -60.68 9.21 60.36
N UNK K 1 -39.94 -38.40 16.49
CA UNK K 1 -38.67 -39.09 16.15
C UNK K 1 -38.38 -40.20 17.17
N UNK K 2 -38.32 -41.44 16.68
CA UNK K 2 -38.13 -42.58 17.56
C UNK K 2 -36.72 -42.58 18.14
N UNK K 3 -36.64 -42.96 19.41
CA UNK K 3 -35.36 -43.02 20.13
C UNK K 3 -34.75 -44.40 19.97
N UNK K 4 -33.75 -44.73 20.79
CA UNK K 4 -33.02 -45.99 20.65
C UNK K 4 -33.95 -47.19 20.73
N UNK K 5 -33.44 -48.32 20.25
CA UNK K 5 -34.24 -49.54 20.24
C UNK K 5 -34.63 -49.96 21.64
N UNK K 6 -33.68 -49.91 22.58
CA UNK K 6 -33.94 -50.35 23.95
C UNK K 6 -32.80 -49.85 24.83
N UNK K 7 -33.18 -49.21 25.94
CA UNK K 7 -32.20 -48.74 26.91
C UNK K 7 -32.69 -48.99 28.33
N UNK K 8 -33.36 -50.14 28.54
CA UNK K 8 -33.89 -50.49 29.85
C UNK K 8 -32.80 -50.93 30.82
N UNK K 9 -31.86 -51.75 30.37
CA UNK K 9 -30.75 -52.19 31.19
C UNK K 9 -29.78 -52.97 30.31
N UNK K 10 -28.53 -53.08 30.76
CA UNK K 10 -27.54 -53.85 30.02
C UNK K 10 -27.72 -55.34 30.21
N UNK K 11 -28.40 -55.77 31.28
CA UNK K 11 -28.81 -57.16 31.47
C UNK K 11 -27.64 -58.13 31.58
N UNK K 12 -26.44 -57.63 31.89
CA UNK K 12 -25.28 -58.50 32.10
C UNK K 12 -25.10 -58.81 33.60
N UNK K 13 -26.22 -59.20 34.23
CA UNK K 13 -26.24 -59.55 35.64
C UNK K 13 -25.66 -58.42 36.51
N UNK K 14 -26.09 -57.19 36.25
CA UNK K 14 -25.60 -56.05 37.02
C UNK K 14 -26.53 -54.86 36.84
N UNK K 15 -26.34 -53.87 37.71
CA UNK K 15 -27.03 -52.59 37.62
C UNK K 15 -26.30 -51.67 36.63
N UNK K 16 -26.22 -52.12 35.38
CA UNK K 16 -25.36 -51.54 34.38
C UNK K 16 -26.05 -50.38 33.65
N UNK K 17 -25.29 -49.72 32.79
CA UNK K 17 -25.74 -48.48 32.16
C UNK K 17 -26.28 -48.73 30.75
N UNK K 18 -27.36 -48.03 30.43
CA UNK K 18 -27.93 -48.01 29.09
C UNK K 18 -28.19 -46.56 28.70
N UNK K 19 -28.13 -46.29 27.38
CA UNK K 19 -28.20 -44.95 26.86
C UNK K 19 -29.28 -44.85 25.80
N UNK K 20 -30.24 -43.95 26.00
CA UNK K 20 -31.26 -43.69 25.01
C UNK K 20 -30.66 -42.92 23.84
N UNK K 21 -31.27 -43.08 22.67
CA UNK K 21 -30.97 -42.22 21.51
C UNK K 21 -32.06 -41.14 21.41
N UNK K 22 -32.17 -40.37 22.48
CA UNK K 22 -33.23 -39.36 22.57
C UNK K 22 -33.09 -38.33 21.46
N UNK K 23 -34.23 -37.99 20.84
CA UNK K 23 -34.23 -37.01 19.78
C UNK K 23 -33.87 -35.62 20.29
N UNK K 24 -34.33 -35.26 21.50
CA UNK K 24 -34.14 -33.93 22.08
C UNK K 24 -34.75 -32.91 21.12
N UNK K 25 -34.01 -31.88 20.69
CA UNK K 25 -34.47 -31.00 19.64
C UNK K 25 -34.05 -31.45 18.25
N UNK K 26 -33.28 -32.54 18.14
CA UNK K 26 -32.68 -32.91 16.87
C UNK K 26 -33.73 -33.23 15.82
N UNK K 27 -34.80 -33.92 16.21
CA UNK K 27 -35.85 -34.31 15.30
C UNK K 27 -37.17 -34.29 16.04
N UNK K 28 -38.21 -33.81 15.35
CA UNK K 28 -39.57 -33.73 15.91
C UNK K 28 -39.50 -32.85 17.16
N UNK K 29 -39.92 -33.34 18.33
CA UNK K 29 -39.86 -32.55 19.55
C UNK K 29 -39.75 -33.48 20.74
N UNK K 30 -38.82 -33.19 21.64
CA UNK K 30 -38.62 -34.00 22.83
C UNK K 30 -37.95 -33.17 23.91
N UNK K 31 -38.20 -33.57 25.16
CA UNK K 31 -37.63 -32.90 26.32
C UNK K 31 -37.63 -33.87 27.49
N UNK K 32 -36.80 -33.57 28.47
CA UNK K 32 -36.75 -34.32 29.75
C UNK K 32 -36.31 -35.75 29.46
N UNK K 33 -36.97 -36.78 30.01
CA UNK K 33 -36.55 -38.16 29.83
C UNK K 33 -37.74 -39.06 30.09
N UNK K 34 -37.57 -40.35 29.77
CA UNK K 34 -38.66 -41.31 29.90
C UNK K 34 -38.12 -42.72 30.05
N UNK K 35 -38.72 -43.46 30.99
CA UNK K 35 -38.49 -44.89 31.18
C UNK K 35 -39.83 -45.53 31.50
N UNK K 36 -39.81 -46.75 32.04
CA UNK K 36 -41.04 -47.44 32.40
C UNK K 36 -40.80 -48.32 33.60
N UNK K 37 -41.90 -48.76 34.23
CA UNK K 37 -41.88 -49.55 35.44
C UNK K 37 -42.29 -51.01 35.25
N UNK K 38 -42.57 -51.43 34.01
CA UNK K 38 -43.08 -52.78 33.77
C UNK K 38 -42.48 -53.33 32.48
N UNK K 39 -42.35 -54.67 32.46
CA UNK K 39 -41.74 -55.34 31.32
C UNK K 39 -42.56 -55.15 30.06
N UNK K 40 -43.88 -55.01 30.20
CA UNK K 40 -44.72 -54.62 29.09
C UNK K 40 -44.70 -53.11 28.92
N UNK K 41 -45.03 -52.65 27.71
CA UNK K 41 -45.07 -51.22 27.42
C UNK K 41 -46.43 -50.63 27.84
N UNK K 42 -46.72 -50.77 29.13
CA UNK K 42 -47.91 -50.20 29.73
C UNK K 42 -47.53 -49.65 31.11
N UNK K 43 -46.39 -48.97 31.18
CA UNK K 43 -45.91 -48.39 32.43
C UNK K 43 -45.02 -47.20 32.12
N UNK K 44 -44.85 -46.34 33.11
CA UNK K 44 -44.00 -45.15 33.00
C UNK K 44 -43.15 -45.04 34.26
N UNK K 45 -41.95 -44.49 34.10
CA UNK K 45 -41.05 -44.37 35.23
C UNK K 45 -39.92 -43.41 34.91
N UNK K 46 -39.41 -42.77 35.96
CA UNK K 46 -38.15 -42.02 35.92
C UNK K 46 -38.20 -40.92 34.86
N UNK K 47 -39.25 -40.10 34.92
CA UNK K 47 -39.37 -38.94 34.04
C UNK K 47 -38.56 -37.78 34.64
N UNK K 48 -37.26 -37.83 34.40
CA UNK K 48 -36.37 -36.77 34.87
C UNK K 48 -36.42 -35.56 33.94
N UNK K 49 -36.47 -34.37 34.53
CA UNK K 49 -36.60 -33.14 33.76
C UNK K 49 -35.32 -32.84 32.98
N UNK K 50 -35.43 -31.95 32.01
CA UNK K 50 -34.30 -31.65 31.14
C UNK K 50 -33.18 -30.98 31.92
N UNK K 51 -31.98 -31.55 31.85
CA UNK K 51 -30.80 -31.04 32.55
C UNK K 51 -31.05 -30.95 34.06
N UNK K 52 -31.82 -31.89 34.60
CA UNK K 52 -32.15 -31.91 36.01
C UNK K 52 -32.64 -33.30 36.39
N UNK K 53 -32.70 -33.55 37.69
CA UNK K 53 -33.12 -34.84 38.22
C UNK K 53 -34.55 -34.76 38.73
N UNK K 54 -35.45 -35.48 38.07
CA UNK K 54 -36.82 -35.66 38.57
C UNK K 54 -37.24 -37.11 38.37
N UNK K 55 -36.35 -38.04 38.66
CA UNK K 55 -36.61 -39.46 38.49
C UNK K 55 -37.42 -40.00 39.67
N UNK K 56 -37.87 -41.24 39.53
CA UNK K 56 -38.71 -41.86 40.55
C UNK K 56 -37.86 -42.34 41.72
N UNK K 57 -38.53 -42.77 42.79
CA UNK K 57 -37.84 -43.21 43.98
C UNK K 57 -37.03 -44.48 43.75
N UNK K 58 -37.41 -45.28 42.76
CA UNK K 58 -36.73 -46.55 42.52
C UNK K 58 -35.29 -46.31 42.10
N UNK K 59 -34.42 -47.28 42.42
CA UNK K 59 -32.99 -47.20 42.11
C UNK K 59 -32.75 -47.69 40.68
N UNK K 60 -33.37 -47.00 39.74
CA UNK K 60 -33.24 -47.29 38.31
C UNK K 60 -33.12 -45.97 37.56
N UNK K 61 -32.29 -45.07 38.08
CA UNK K 61 -32.21 -43.70 37.58
C UNK K 61 -30.75 -43.25 37.49
N UNK K 62 -30.51 -42.34 36.55
CA UNK K 62 -29.21 -41.70 36.40
C UNK K 62 -29.42 -40.42 35.61
N UNK K 63 -28.45 -39.52 35.69
CA UNK K 63 -28.59 -38.22 35.05
C UNK K 63 -28.66 -38.37 33.54
N UNK K 64 -29.75 -37.89 32.95
CA UNK K 64 -30.01 -37.99 31.52
C UNK K 64 -29.62 -36.67 30.85
N UNK K 65 -28.75 -36.76 29.84
CA UNK K 65 -28.34 -35.59 29.10
C UNK K 65 -29.51 -35.00 28.31
N UNK K 66 -29.62 -33.68 28.34
CA UNK K 66 -30.66 -32.99 27.56
C UNK K 66 -30.37 -33.00 26.07
N UNK K 67 -29.11 -33.13 25.66
CA UNK K 67 -28.76 -33.17 24.26
C UNK K 67 -29.28 -34.45 23.61
N UNK K 68 -28.98 -34.60 22.32
CA UNK K 68 -29.39 -35.80 21.61
C UNK K 68 -28.63 -37.01 22.16
N UNK K 69 -29.38 -38.10 22.39
CA UNK K 69 -28.84 -39.35 22.90
C UNK K 69 -28.27 -39.20 24.30
N UNK K 70 -27.86 -40.32 24.90
CA UNK K 70 -27.27 -40.34 26.24
C UNK K 70 -28.24 -39.79 27.29
N UNK K 71 -29.48 -40.30 27.28
CA UNK K 71 -30.55 -39.81 28.15
C UNK K 71 -31.34 -40.98 28.74
N UNK K 72 -30.64 -41.98 29.27
CA UNK K 72 -31.28 -43.13 29.89
C UNK K 72 -30.57 -43.46 31.19
N UNK K 73 -31.32 -44.10 32.09
CA UNK K 73 -30.85 -44.38 33.45
C UNK K 73 -29.67 -45.35 33.44
N UNK K 74 -29.02 -45.47 34.59
CA UNK K 74 -27.85 -46.33 34.77
C UNK K 74 -27.91 -47.09 36.08
N UNK K 75 -29.09 -47.62 36.41
CA UNK K 75 -29.24 -48.51 37.55
C UNK K 75 -30.36 -49.50 37.25
N UNK K 76 -30.25 -50.68 37.84
CA UNK K 76 -31.21 -51.75 37.56
C UNK K 76 -31.11 -52.81 38.64
N UNK K 77 -32.17 -53.61 38.76
CA UNK K 77 -32.19 -54.71 39.70
C UNK K 77 -31.47 -55.96 39.19
N UNK K 78 -31.01 -55.96 37.93
CA UNK K 78 -30.40 -57.13 37.32
C UNK K 78 -31.36 -58.32 37.34
N UNK K 79 -32.66 -58.03 37.22
CA UNK K 79 -33.68 -59.06 37.29
C UNK K 79 -34.94 -58.55 36.60
N UNK K 80 -35.77 -59.50 36.17
CA UNK K 80 -37.02 -59.19 35.49
C UNK K 80 -36.77 -58.34 34.25
N UNK K 81 -37.69 -57.44 33.89
CA UNK K 81 -37.51 -56.60 32.73
C UNK K 81 -38.41 -55.39 32.87
N UNK K 82 -38.08 -54.33 32.12
CA UNK K 82 -38.85 -53.09 32.15
C UNK K 82 -38.84 -52.49 30.75
N UNK K 83 -40.03 -52.26 30.19
CA UNK K 83 -40.15 -51.71 28.84
C UNK K 83 -39.93 -50.20 28.87
N UNK K 84 -38.68 -49.83 29.16
CA UNK K 84 -38.33 -48.42 29.28
C UNK K 84 -38.57 -47.71 27.95
N UNK K 85 -39.07 -46.48 28.03
CA UNK K 85 -39.28 -45.69 26.82
C UNK K 85 -37.98 -45.50 26.07
N UNK K 86 -36.88 -45.30 26.80
CA UNK K 86 -35.58 -45.00 26.20
C UNK K 86 -35.69 -43.75 25.33
N UNK K 87 -36.54 -42.82 25.73
CA UNK K 87 -36.86 -41.64 24.95
C UNK K 87 -37.11 -40.49 25.93
N UNK K 88 -37.55 -39.35 25.41
CA UNK K 88 -37.74 -38.15 26.22
C UNK K 88 -39.04 -37.48 25.82
N UNK K 89 -39.86 -37.15 26.82
CA UNK K 89 -41.18 -36.58 26.60
C UNK K 89 -41.49 -35.60 27.73
N UNK K 90 -42.16 -34.51 27.38
CA UNK K 90 -42.41 -33.44 28.34
C UNK K 90 -43.56 -33.80 29.27
N UNK K 91 -43.79 -32.92 30.25
CA UNK K 91 -44.96 -33.07 31.11
C UNK K 91 -46.25 -32.93 30.31
N UNK K 92 -46.24 -32.05 29.30
CA UNK K 92 -47.33 -32.01 28.33
C UNK K 92 -47.30 -33.28 27.49
N UNK K 93 -48.41 -33.51 26.77
CA UNK K 93 -48.49 -34.69 25.92
C UNK K 93 -47.41 -34.65 24.85
N UNK K 94 -46.71 -35.78 24.70
CA UNK K 94 -45.58 -35.84 23.78
C UNK K 94 -45.29 -37.29 23.43
N UNK K 95 -44.44 -37.47 22.41
CA UNK K 95 -44.11 -38.79 21.90
C UNK K 95 -42.81 -39.30 22.49
N UNK K 96 -42.81 -40.58 22.87
CA UNK K 96 -41.65 -41.27 23.44
C UNK K 96 -41.56 -42.65 22.78
N UNK K 97 -41.64 -42.67 21.45
CA UNK K 97 -41.75 -43.91 20.70
C UNK K 97 -40.56 -44.84 20.94
N UNK K 98 -40.74 -46.10 20.54
CA UNK K 98 -39.70 -47.14 20.64
C UNK K 98 -39.37 -47.50 22.08
N UNK K 99 -40.41 -47.76 22.89
CA UNK K 99 -40.21 -48.32 24.21
C UNK K 99 -39.92 -49.82 24.11
N UNK K 100 -38.98 -50.29 24.92
CA UNK K 100 -38.60 -51.70 24.87
C UNK K 100 -37.86 -52.08 26.13
N UNK K 101 -37.72 -53.39 26.34
CA UNK K 101 -37.15 -53.96 27.55
C UNK K 101 -35.93 -54.82 27.23
N UNK K 102 -35.02 -54.90 28.19
CA UNK K 102 -33.85 -55.75 28.13
C UNK K 102 -34.09 -57.04 28.91
N UNK K 103 -33.44 -58.11 28.46
CA UNK K 103 -33.62 -59.44 29.08
C UNK K 103 -32.70 -59.55 30.31
N UNK K 104 -33.04 -58.76 31.32
CA UNK K 104 -32.26 -58.73 32.56
C UNK K 104 -32.56 -59.95 33.43
N UNK L 1 -53.12 -45.14 43.75
CA UNK L 1 -51.92 -45.15 42.87
C UNK L 1 -52.15 -44.26 41.66
N UNK L 2 -51.06 -43.69 41.15
CA UNK L 2 -51.16 -42.80 40.00
C UNK L 2 -51.49 -43.60 38.74
N UNK L 3 -52.21 -42.96 37.83
CA UNK L 3 -52.61 -43.58 36.57
C UNK L 3 -53.43 -44.84 36.80
N UNK L 4 -54.46 -44.72 37.63
CA UNK L 4 -55.38 -45.84 37.84
C UNK L 4 -56.31 -45.98 36.63
N UNK L 5 -56.74 -47.20 36.38
CA UNK L 5 -57.68 -47.47 35.29
C UNK L 5 -58.20 -48.89 35.42
N UNK L 6 -59.45 -49.07 35.00
CA UNK L 6 -60.05 -50.39 34.96
C UNK L 6 -59.52 -51.17 33.77
N UNK L 7 -59.65 -52.49 33.84
CA UNK L 7 -59.28 -53.40 32.75
C UNK L 7 -60.46 -53.78 31.89
N UNK L 8 -61.63 -53.18 32.09
CA UNK L 8 -62.83 -53.56 31.35
C UNK L 8 -62.69 -53.22 29.87
N UNK L 9 -63.24 -54.09 29.02
CA UNK L 9 -63.28 -53.82 27.58
C UNK L 9 -64.33 -54.70 26.95
N UNK L 10 -64.88 -54.24 25.82
CA UNK L 10 -65.91 -54.97 25.10
C UNK L 10 -65.71 -54.75 23.61
N UNK L 11 -65.88 -55.83 22.84
CA UNK L 11 -65.64 -55.86 21.40
C UNK L 11 -66.98 -55.75 20.66
N UNK L 12 -66.95 -55.96 19.34
CA UNK L 12 -68.16 -55.98 18.51
C UNK L 12 -68.82 -54.61 18.44
N UNK L 13 -68.01 -53.58 18.14
CA UNK L 13 -68.49 -52.21 17.97
C UNK L 13 -69.18 -51.69 19.22
N UNK L 14 -68.73 -52.13 20.39
CA UNK L 14 -69.24 -51.59 21.64
C UNK L 14 -68.45 -50.36 22.06
N UNK L 15 -69.17 -49.33 22.51
CA UNK L 15 -68.53 -48.08 22.95
C UNK L 15 -67.88 -48.31 24.31
N UNK L 16 -66.70 -48.93 24.27
CA UNK L 16 -65.99 -49.27 25.49
C UNK L 16 -65.35 -48.05 26.11
N UNK L 17 -65.22 -48.10 27.44
CA UNK L 17 -64.57 -47.05 28.19
C UNK L 17 -64.04 -47.63 29.49
N UNK L 18 -63.10 -46.92 30.11
CA UNK L 18 -62.49 -47.36 31.36
C UNK L 18 -62.20 -46.15 32.21
N UNK L 19 -62.18 -46.36 33.53
CA UNK L 19 -61.92 -45.28 34.46
C UNK L 19 -61.64 -45.84 35.85
N UNK L 20 -60.95 -45.05 36.66
CA UNK L 20 -60.67 -45.40 38.04
C UNK L 20 -60.10 -44.20 38.79
N UNK L 21 -60.40 -44.12 40.09
CA UNK L 21 -59.85 -43.07 40.93
C UNK L 21 -58.35 -43.26 41.10
N UNK L 22 -57.62 -42.15 41.11
CA UNK L 22 -56.17 -42.17 41.11
C UNK L 22 -55.63 -41.11 42.08
N UNK L 23 -54.39 -41.34 42.53
CA UNK L 23 -53.72 -40.38 43.40
C UNK L 23 -53.13 -39.21 42.63
N UNK L 24 -53.11 -39.27 41.29
CA UNK L 24 -52.55 -38.22 40.46
C UNK L 24 -53.66 -37.23 40.14
N UNK L 25 -53.56 -36.03 40.72
CA UNK L 25 -54.51 -34.95 40.46
C UNK L 25 -53.99 -34.07 39.31
N UNK L 26 -53.73 -34.72 38.19
CA UNK L 26 -53.19 -34.07 37.00
C UNK L 26 -54.32 -33.60 36.10
N UNK L 27 -53.94 -32.92 35.02
CA UNK L 27 -54.89 -32.37 34.05
C UNK L 27 -55.10 -33.39 32.93
N UNK L 28 -55.55 -34.57 33.32
CA UNK L 28 -55.90 -35.65 32.40
C UNK L 28 -54.64 -36.06 31.62
N UNK L 29 -54.67 -36.04 30.27
CA UNK L 29 -53.62 -36.64 29.43
C UNK L 29 -53.46 -38.13 29.70
N UNK L 30 -54.53 -38.77 30.17
CA UNK L 30 -54.52 -40.19 30.52
C UNK L 30 -55.08 -41.04 29.38
N UNK L 31 -54.42 -40.98 28.23
CA UNK L 31 -54.94 -41.70 27.07
C UNK L 31 -53.85 -41.87 26.03
N UNK L 32 -54.09 -42.83 25.14
CA UNK L 32 -53.28 -43.04 23.95
C UNK L 32 -53.96 -44.09 23.10
N UNK L 33 -54.03 -43.84 21.79
CA UNK L 33 -54.61 -44.82 20.88
C UNK L 33 -53.81 -46.13 20.92
N UNK L 34 -52.48 -46.03 20.98
CA UNK L 34 -51.62 -47.19 21.15
C UNK L 34 -50.24 -46.70 21.52
N UNK L 35 -49.68 -47.29 22.57
CA UNK L 35 -48.35 -46.94 23.06
C UNK L 35 -48.26 -45.45 23.43
N UNK L 36 -47.50 -44.66 22.69
CA UNK L 36 -47.14 -43.31 23.14
C UNK L 36 -47.97 -42.24 22.43
N UNK L 37 -47.99 -41.05 23.04
CA UNK L 37 -48.65 -39.88 22.48
C UNK L 37 -50.13 -40.14 22.27
N UNK L 38 -50.76 -39.45 21.30
CA UNK L 38 -52.18 -39.62 21.02
C UNK L 38 -53.03 -39.33 22.24
N UNK L 39 -52.62 -38.31 23.01
CA UNK L 39 -53.30 -37.95 24.25
C UNK L 39 -54.59 -37.21 23.91
N UNK L 40 -55.59 -38.00 23.49
CA UNK L 40 -56.91 -37.43 23.22
C UNK L 40 -57.56 -36.88 24.47
N UNK L 41 -57.15 -37.35 25.65
CA UNK L 41 -57.71 -36.89 26.92
C UNK L 41 -56.94 -35.70 27.51
N UNK L 42 -55.94 -35.18 26.80
CA UNK L 42 -55.08 -34.14 27.34
C UNK L 42 -55.90 -32.93 27.76
N UNK L 43 -55.75 -32.54 29.03
CA UNK L 43 -56.52 -31.46 29.66
C UNK L 43 -58.01 -31.77 29.45
N UNK L 44 -58.82 -30.81 29.01
CA UNK L 44 -60.25 -31.06 28.77
C UNK L 44 -60.45 -31.68 27.39
N UNK L 45 -59.89 -32.88 27.24
CA UNK L 45 -59.94 -33.62 25.98
C UNK L 45 -59.29 -32.83 24.85
N UNK L 46 -58.30 -32.02 25.18
CA UNK L 46 -57.59 -31.25 24.16
C UNK L 46 -56.69 -32.17 23.37
N UNK L 47 -56.22 -31.67 22.22
CA UNK L 47 -55.37 -32.44 21.33
C UNK L 47 -56.05 -33.75 20.93
N UNK L 48 -57.33 -33.65 20.57
CA UNK L 48 -58.11 -34.83 20.22
C UNK L 48 -57.49 -35.55 19.02
N UNK L 49 -57.49 -36.88 19.08
CA UNK L 49 -56.88 -37.66 18.03
C UNK L 49 -57.64 -37.50 16.72
N UNK L 50 -56.95 -37.80 15.62
CA UNK L 50 -57.55 -37.65 14.30
C UNK L 50 -58.75 -38.57 14.12
N UNK L 51 -58.74 -39.73 14.77
CA UNK L 51 -59.88 -40.63 14.71
C UNK L 51 -61.10 -40.00 15.36
N UNK L 52 -62.23 -40.01 14.64
CA UNK L 52 -63.46 -39.52 15.23
C UNK L 52 -63.92 -40.39 16.39
N UNK L 53 -63.56 -41.69 16.37
CA UNK L 53 -64.00 -42.60 17.41
C UNK L 53 -63.43 -42.24 18.77
N UNK L 54 -62.32 -41.50 18.82
CA UNK L 54 -61.71 -41.14 20.09
C UNK L 54 -62.66 -40.28 20.90
N UNK L 55 -62.87 -40.69 22.17
CA UNK L 55 -63.76 -39.98 23.07
C UNK L 55 -63.21 -39.94 24.50
N UNK L 56 -61.91 -40.06 24.67
CA UNK L 56 -61.33 -40.10 26.00
C UNK L 56 -61.40 -38.73 26.66
N UNK L 57 -61.66 -38.72 27.96
CA UNK L 57 -61.57 -37.51 28.78
C UNK L 57 -61.41 -37.94 30.23
N UNK L 58 -60.87 -37.04 31.05
CA UNK L 58 -60.59 -37.40 32.44
C UNK L 58 -60.57 -36.15 33.31
N UNK L 59 -60.75 -36.36 34.61
CA UNK L 59 -60.67 -35.33 35.63
C UNK L 59 -59.55 -35.66 36.61
N UNK L 60 -59.15 -34.65 37.38
CA UNK L 60 -58.04 -34.83 38.32
C UNK L 60 -58.41 -35.84 39.40
N UNK L 61 -57.48 -36.76 39.68
CA UNK L 61 -57.65 -37.84 40.66
C UNK L 61 -58.73 -38.83 40.26
N UNK L 62 -59.18 -38.82 38.99
CA UNK L 62 -60.10 -39.81 38.45
C UNK L 62 -59.77 -39.95 36.96
N UNK L 63 -58.90 -40.92 36.65
CA UNK L 63 -58.45 -41.11 35.29
C UNK L 63 -59.47 -41.90 34.50
N UNK L 64 -59.52 -41.66 33.19
CA UNK L 64 -60.51 -42.31 32.34
C UNK L 64 -60.13 -42.13 30.88
N UNK L 65 -60.52 -43.12 30.07
CA UNK L 65 -60.37 -43.06 28.62
C UNK L 65 -61.57 -43.75 27.99
N UNK L 66 -61.86 -43.37 26.75
CA UNK L 66 -63.04 -43.91 26.07
C UNK L 66 -62.94 -43.64 24.58
N UNK L 67 -63.73 -44.38 23.82
CA UNK L 67 -63.87 -44.19 22.39
C UNK L 67 -65.22 -44.74 21.96
N UNK L 68 -65.66 -44.32 20.77
CA UNK L 68 -66.98 -44.71 20.27
C UNK L 68 -66.86 -45.79 19.22
N UNK L 69 -67.78 -46.76 19.28
CA UNK L 69 -67.89 -47.85 18.32
C UNK L 69 -66.58 -48.63 18.21
N UNK L 70 -66.35 -49.31 17.08
CA UNK L 70 -65.19 -50.18 16.91
C UNK L 70 -63.94 -49.33 16.68
N UNK L 71 -63.47 -48.75 17.78
CA UNK L 71 -62.22 -47.98 17.73
C UNK L 71 -61.02 -48.87 17.42
N UNK L 72 -61.12 -50.17 17.74
CA UNK L 72 -60.05 -51.12 17.48
C UNK L 72 -58.77 -50.73 18.19
N UNK L 73 -58.92 -50.19 19.40
CA UNK L 73 -57.78 -49.75 20.18
C UNK L 73 -56.98 -50.96 20.69
N UNK L 74 -55.70 -50.71 20.95
CA UNK L 74 -54.81 -51.74 21.49
C UNK L 74 -53.63 -51.04 22.13
N UNK L 75 -53.14 -51.61 23.24
CA UNK L 75 -52.03 -51.03 23.98
C UNK L 75 -52.35 -49.60 24.41
N UNK L 76 -53.57 -49.38 24.87
CA UNK L 76 -54.04 -48.09 25.34
C UNK L 76 -54.23 -48.14 26.86
N UNK L 77 -53.64 -47.19 27.56
CA UNK L 77 -53.65 -47.18 29.01
C UNK L 77 -53.74 -45.75 29.53
N UNK L 78 -54.20 -45.62 30.77
CA UNK L 78 -54.24 -44.32 31.42
C UNK L 78 -52.84 -43.91 31.86
N UNK L 79 -52.68 -42.62 32.15
CA UNK L 79 -51.39 -42.06 32.55
C UNK L 79 -51.62 -40.74 33.27
N UNK L 80 -50.86 -40.54 34.33
CA UNK L 80 -50.98 -39.32 35.14
C UNK L 80 -49.77 -39.25 36.06
N UNK L 81 -49.62 -38.10 36.72
CA UNK L 81 -48.46 -37.82 37.56
C UNK L 81 -48.88 -37.51 38.99
N UNK L 82 -48.21 -38.15 39.95
CA UNK L 82 -48.42 -37.93 41.38
C UNK L 82 -47.05 -37.67 42.02
N UNK L 83 -46.29 -36.76 41.40
CA UNK L 83 -44.88 -36.48 41.68
C UNK L 83 -43.97 -37.57 41.13
N UNK L 84 -44.43 -38.34 40.16
CA UNK L 84 -43.64 -39.37 39.51
C UNK L 84 -44.44 -39.89 38.32
N UNK L 85 -43.72 -40.34 37.30
CA UNK L 85 -44.38 -40.87 36.11
C UNK L 85 -45.17 -42.13 36.47
N UNK L 86 -46.33 -42.28 35.83
CA UNK L 86 -47.18 -43.44 36.10
C UNK L 86 -48.10 -43.69 34.92
N UNK L 87 -48.37 -44.97 34.66
CA UNK L 87 -49.25 -45.38 33.59
C UNK L 87 -49.91 -46.70 33.97
N UNK L 88 -51.10 -46.94 33.41
CA UNK L 88 -51.88 -48.12 33.74
C UNK L 88 -51.54 -49.29 32.82
N UNK L 89 -52.05 -50.46 33.18
CA UNK L 89 -51.97 -51.62 32.30
C UNK L 89 -52.98 -51.48 31.17
N UNK L 90 -52.56 -51.83 29.97
CA UNK L 90 -53.38 -51.62 28.78
C UNK L 90 -54.58 -52.54 28.77
N UNK L 91 -55.70 -52.02 28.27
CA UNK L 91 -56.93 -52.80 28.11
C UNK L 91 -57.75 -52.18 26.99
N UNK L 92 -58.06 -52.98 25.98
CA UNK L 92 -58.77 -52.48 24.81
C UNK L 92 -59.48 -53.62 24.11
N UNK L 93 -60.42 -53.26 23.23
CA UNK L 93 -61.17 -54.22 22.45
C UNK L 93 -61.91 -53.47 21.35
N UNK L 94 -62.07 -54.13 20.20
CA UNK L 94 -62.68 -53.49 19.04
C UNK L 94 -64.18 -53.37 19.19
#